data_8BXW
# 
_entry.id   8BXW 
# 
_audit_conform.dict_name       mmcif_pdbx.dic 
_audit_conform.dict_version    5.399 
_audit_conform.dict_location   http://mmcif.pdb.org/dictionaries/ascii/mmcif_pdbx.dic 
# 
loop_
_database_2.database_id 
_database_2.database_code 
_database_2.pdbx_database_accession 
_database_2.pdbx_DOI 
PDB   8BXW         pdb_00008bxw 10.2210/pdb8bxw/pdb 
WWPDB D_1292127332 ?            ?                   
# 
loop_
_pdbx_audit_revision_history.ordinal 
_pdbx_audit_revision_history.data_content_type 
_pdbx_audit_revision_history.major_revision 
_pdbx_audit_revision_history.minor_revision 
_pdbx_audit_revision_history.revision_date 
1 'Structure model' 1 0 2023-03-22 
2 'Structure model' 1 1 2023-03-29 
3 'Structure model' 1 2 2023-04-12 
4 'Structure model' 1 3 2024-11-20 
# 
_pdbx_audit_revision_details.ordinal             1 
_pdbx_audit_revision_details.revision_ordinal    1 
_pdbx_audit_revision_details.data_content_type   'Structure model' 
_pdbx_audit_revision_details.provider            repository 
_pdbx_audit_revision_details.type                'Initial release' 
_pdbx_audit_revision_details.description         ? 
_pdbx_audit_revision_details.details             ? 
# 
loop_
_pdbx_audit_revision_group.ordinal 
_pdbx_audit_revision_group.revision_ordinal 
_pdbx_audit_revision_group.data_content_type 
_pdbx_audit_revision_group.group 
1 2 'Structure model' 'Database references' 
2 3 'Structure model' 'Database references' 
3 4 'Structure model' 'Data collection'     
4 4 'Structure model' 'Structure summary'   
# 
loop_
_pdbx_audit_revision_category.ordinal 
_pdbx_audit_revision_category.revision_ordinal 
_pdbx_audit_revision_category.data_content_type 
_pdbx_audit_revision_category.category 
1 2 'Structure model' citation                  
2 2 'Structure model' citation_author           
3 3 'Structure model' citation                  
4 4 'Structure model' chem_comp_atom            
5 4 'Structure model' chem_comp_bond            
6 4 'Structure model' pdbx_entry_details        
7 4 'Structure model' pdbx_modification_feature 
# 
loop_
_pdbx_audit_revision_item.ordinal 
_pdbx_audit_revision_item.revision_ordinal 
_pdbx_audit_revision_item.data_content_type 
_pdbx_audit_revision_item.item 
1 2 'Structure model' '_citation.page_last'                          
2 2 'Structure model' '_citation.pdbx_database_id_PubMed'            
3 2 'Structure model' '_citation.title'                              
4 2 'Structure model' '_citation_author.name'                        
5 3 'Structure model' '_citation.journal_volume'                     
6 4 'Structure model' '_pdbx_entry_details.has_protein_modification' 
# 
_pdbx_database_status.status_code                     REL 
_pdbx_database_status.status_code_sf                  REL 
_pdbx_database_status.status_code_mr                  ? 
_pdbx_database_status.entry_id                        8BXW 
_pdbx_database_status.recvd_initial_deposition_date   2022-12-10 
_pdbx_database_status.SG_entry                        N 
_pdbx_database_status.deposit_site                    PDBE 
_pdbx_database_status.process_site                    PDBE 
_pdbx_database_status.status_code_cs                  ? 
_pdbx_database_status.status_code_nmr_data            ? 
_pdbx_database_status.methods_development_category    ? 
_pdbx_database_status.pdb_format_compatible           N 
# 
loop_
_pdbx_database_related.db_name 
_pdbx_database_related.details 
_pdbx_database_related.db_id 
_pdbx_database_related.content_type 
PDB '8BXU contains the same protein complexed with MPD'    8BXU unspecified 
PDB '8BXV contains the same protein complexed with Thymol' 8BXV unspecified 
# 
_pdbx_contact_author.id                 2 
_pdbx_contact_author.email              sez@eie.gr 
_pdbx_contact_author.name_first         Spyros 
_pdbx_contact_author.name_last          Zographos 
_pdbx_contact_author.name_mi            E. 
_pdbx_contact_author.role               'principal investigator/group leader' 
_pdbx_contact_author.identifier_ORCID   0000-0001-8455-2352 
# 
loop_
_audit_author.name 
_audit_author.pdbx_ordinal 
_audit_author.identifier_ORCID 
'Liggri, P.G.V.'  1 0000-0002-8927-7895 
'Tsitsanou, K.E.' 2 0000-0001-9657-1390 
'Zographos, S.E.' 3 0000-0001-8455-2352 
# 
_citation.abstract                  ? 
_citation.abstract_id_CAS           ? 
_citation.book_id_ISBN              ? 
_citation.book_publisher            ? 
_citation.book_publisher_city       ? 
_citation.book_title                ? 
_citation.coordinate_linkage        ? 
_citation.country                   UK 
_citation.database_id_Medline       ? 
_citation.details                   ? 
_citation.id                        primary 
_citation.journal_abbrev            Int.J.Biol.Macromol. 
_citation.journal_id_ASTM           IJBMDR 
_citation.journal_id_CSD            0708 
_citation.journal_id_ISSN           0141-8130 
_citation.journal_full              ? 
_citation.journal_issue             ? 
_citation.journal_volume            237 
_citation.language                  ? 
_citation.page_first                124009 
_citation.page_last                 124009 
_citation.title                     
;The structure of AgamOBP5 in complex with the natural insect repellents Carvacrol and Thymol: Crystallographic, fluorescence and thermodynamic binding studies.
;
_citation.year                      2023 
_citation.database_id_CSD           ? 
_citation.pdbx_database_id_DOI      10.1016/j.ijbiomac.2023.124009 
_citation.pdbx_database_id_PubMed   36921814 
_citation.pdbx_database_id_patent   ? 
_citation.unpublished_flag          ? 
# 
loop_
_citation_author.citation_id 
_citation_author.name 
_citation_author.ordinal 
_citation_author.identifier_ORCID 
primary 'Liggri, P.G.V.'  1 ? 
primary 'Tsitsanou, K.E.' 2 ? 
primary 'Stamati, E.C.V.' 3 ? 
primary 'Saitta, F.'      4 ? 
primary 'Drakou, C.E.'    5 ? 
primary 'Leonidas, D.D.'  6 ? 
primary 'Fessas, D.'      7 ? 
primary 'Zographos, S.E.' 8 ? 
# 
loop_
_entity.id 
_entity.type 
_entity.src_method 
_entity.pdbx_description 
_entity.formula_weight 
_entity.pdbx_number_of_molecules 
_entity.pdbx_ec 
_entity.pdbx_mutation 
_entity.pdbx_fragment 
_entity.details 
1 polymer     man 'Odorant binding protein'       14105.488 1   ? ? ? ? 
2 non-polymer syn '(4S)-2-METHYL-2,4-PENTANEDIOL' 118.174   1   ? ? ? ? 
3 non-polymer syn 1-BUTANOL                       74.122    1   ? ? ? ? 
4 non-polymer syn R-1,2-PROPANEDIOL               76.094    2   ? ? ? ? 
5 non-polymer syn 2-methyl-5-propan-2-yl-phenol   150.218   2   ? ? ? ? 
6 non-polymer syn 'SODIUM ION'                    22.990    1   ? ? ? ? 
7 water       nat water                           18.015    124 ? ? ? ? 
# 
_entity_poly.entity_id                      1 
_entity_poly.type                           'polypeptide(L)' 
_entity_poly.nstd_linkage                   no 
_entity_poly.nstd_monomer                   no 
_entity_poly.pdbx_seq_one_letter_code       
;AMTRKQLINSMDMMRSACAPKFKVSTEMLDNLRGGIFAEDRELKCYTMCIAQMAGTMNKKGEINVQKTLAQMDAMLPPDM
RDKAKEAIHSCRDVQGRYKDSCDKTFYSTKCLAEYDRDVFLFP
;
_entity_poly.pdbx_seq_one_letter_code_can   
;AMTRKQLINSMDMMRSACAPKFKVSTEMLDNLRGGIFAEDRELKCYTMCIAQMAGTMNKKGEINVQKTLAQMDAMLPPDM
RDKAKEAIHSCRDVQGRYKDSCDKTFYSTKCLAEYDRDVFLFP
;
_entity_poly.pdbx_strand_id                 AAA 
_entity_poly.pdbx_target_identifier         ? 
# 
loop_
_pdbx_entity_nonpoly.entity_id 
_pdbx_entity_nonpoly.name 
_pdbx_entity_nonpoly.comp_id 
2 '(4S)-2-METHYL-2,4-PENTANEDIOL' MPD 
3 1-BUTANOL                       1BO 
4 R-1,2-PROPANEDIOL               PGR 
5 2-methyl-5-propan-2-yl-phenol   S5V 
6 'SODIUM ION'                    NA  
7 water                           HOH 
# 
loop_
_entity_poly_seq.entity_id 
_entity_poly_seq.num 
_entity_poly_seq.mon_id 
_entity_poly_seq.hetero 
1 1   ALA n 
1 2   MET n 
1 3   THR n 
1 4   ARG n 
1 5   LYS n 
1 6   GLN n 
1 7   LEU n 
1 8   ILE n 
1 9   ASN n 
1 10  SER n 
1 11  MET n 
1 12  ASP n 
1 13  MET n 
1 14  MET n 
1 15  ARG n 
1 16  SER n 
1 17  ALA n 
1 18  CYS n 
1 19  ALA n 
1 20  PRO n 
1 21  LYS n 
1 22  PHE n 
1 23  LYS n 
1 24  VAL n 
1 25  SER n 
1 26  THR n 
1 27  GLU n 
1 28  MET n 
1 29  LEU n 
1 30  ASP n 
1 31  ASN n 
1 32  LEU n 
1 33  ARG n 
1 34  GLY n 
1 35  GLY n 
1 36  ILE n 
1 37  PHE n 
1 38  ALA n 
1 39  GLU n 
1 40  ASP n 
1 41  ARG n 
1 42  GLU n 
1 43  LEU n 
1 44  LYS n 
1 45  CYS n 
1 46  TYR n 
1 47  THR n 
1 48  MET n 
1 49  CYS n 
1 50  ILE n 
1 51  ALA n 
1 52  GLN n 
1 53  MET n 
1 54  ALA n 
1 55  GLY n 
1 56  THR n 
1 57  MET n 
1 58  ASN n 
1 59  LYS n 
1 60  LYS n 
1 61  GLY n 
1 62  GLU n 
1 63  ILE n 
1 64  ASN n 
1 65  VAL n 
1 66  GLN n 
1 67  LYS n 
1 68  THR n 
1 69  LEU n 
1 70  ALA n 
1 71  GLN n 
1 72  MET n 
1 73  ASP n 
1 74  ALA n 
1 75  MET n 
1 76  LEU n 
1 77  PRO n 
1 78  PRO n 
1 79  ASP n 
1 80  MET n 
1 81  ARG n 
1 82  ASP n 
1 83  LYS n 
1 84  ALA n 
1 85  LYS n 
1 86  GLU n 
1 87  ALA n 
1 88  ILE n 
1 89  HIS n 
1 90  SER n 
1 91  CYS n 
1 92  ARG n 
1 93  ASP n 
1 94  VAL n 
1 95  GLN n 
1 96  GLY n 
1 97  ARG n 
1 98  TYR n 
1 99  LYS n 
1 100 ASP n 
1 101 SER n 
1 102 CYS n 
1 103 ASP n 
1 104 LYS n 
1 105 THR n 
1 106 PHE n 
1 107 TYR n 
1 108 SER n 
1 109 THR n 
1 110 LYS n 
1 111 CYS n 
1 112 LEU n 
1 113 ALA n 
1 114 GLU n 
1 115 TYR n 
1 116 ASP n 
1 117 ARG n 
1 118 ASP n 
1 119 VAL n 
1 120 PHE n 
1 121 LEU n 
1 122 PHE n 
1 123 PRO n 
# 
_entity_src_gen.entity_id                          1 
_entity_src_gen.pdbx_src_id                        1 
_entity_src_gen.pdbx_alt_source_flag               sample 
_entity_src_gen.pdbx_seq_type                      'Biological sequence' 
_entity_src_gen.pdbx_beg_seq_num                   1 
_entity_src_gen.pdbx_end_seq_num                   123 
_entity_src_gen.gene_src_common_name               'African malaria mosquito' 
_entity_src_gen.gene_src_genus                     ? 
_entity_src_gen.pdbx_gene_src_gene                 OBP-5 
_entity_src_gen.gene_src_species                   ? 
_entity_src_gen.gene_src_strain                    ? 
_entity_src_gen.gene_src_tissue                    ? 
_entity_src_gen.gene_src_tissue_fraction           ? 
_entity_src_gen.gene_src_details                   ? 
_entity_src_gen.pdbx_gene_src_fragment             ? 
_entity_src_gen.pdbx_gene_src_scientific_name      'Anopheles gambiae' 
_entity_src_gen.pdbx_gene_src_ncbi_taxonomy_id     7165 
_entity_src_gen.pdbx_gene_src_variant              ? 
_entity_src_gen.pdbx_gene_src_cell_line            ? 
_entity_src_gen.pdbx_gene_src_atcc                 ? 
_entity_src_gen.pdbx_gene_src_organ                ? 
_entity_src_gen.pdbx_gene_src_organelle            ? 
_entity_src_gen.pdbx_gene_src_cell                 ? 
_entity_src_gen.pdbx_gene_src_cellular_location    ? 
_entity_src_gen.host_org_common_name               ? 
_entity_src_gen.pdbx_host_org_scientific_name      'Escherichia coli' 
_entity_src_gen.pdbx_host_org_ncbi_taxonomy_id     562 
_entity_src_gen.host_org_genus                     ? 
_entity_src_gen.pdbx_host_org_gene                 ? 
_entity_src_gen.pdbx_host_org_organ                ? 
_entity_src_gen.host_org_species                   ? 
_entity_src_gen.pdbx_host_org_tissue               ? 
_entity_src_gen.pdbx_host_org_tissue_fraction      ? 
_entity_src_gen.pdbx_host_org_strain               ? 
_entity_src_gen.pdbx_host_org_variant              ? 
_entity_src_gen.pdbx_host_org_cell_line            ? 
_entity_src_gen.pdbx_host_org_atcc                 ? 
_entity_src_gen.pdbx_host_org_culture_collection   ? 
_entity_src_gen.pdbx_host_org_cell                 ? 
_entity_src_gen.pdbx_host_org_organelle            ? 
_entity_src_gen.pdbx_host_org_cellular_location    ? 
_entity_src_gen.pdbx_host_org_vector_type          ? 
_entity_src_gen.pdbx_host_org_vector               ? 
_entity_src_gen.host_org_details                   ? 
_entity_src_gen.expression_system_id               ? 
_entity_src_gen.plasmid_name                       ? 
_entity_src_gen.plasmid_details                    ? 
_entity_src_gen.pdbx_description                   ? 
# 
loop_
_chem_comp.id 
_chem_comp.type 
_chem_comp.mon_nstd_flag 
_chem_comp.name 
_chem_comp.pdbx_synonyms 
_chem_comp.formula 
_chem_comp.formula_weight 
1BO non-polymer         . 1-BUTANOL                       BUTAN-1-OL 'C4 H10 O'       74.122  
ALA 'L-peptide linking' y ALANINE                         ?          'C3 H7 N O2'     89.093  
ARG 'L-peptide linking' y ARGININE                        ?          'C6 H15 N4 O2 1' 175.209 
ASN 'L-peptide linking' y ASPARAGINE                      ?          'C4 H8 N2 O3'    132.118 
ASP 'L-peptide linking' y 'ASPARTIC ACID'                 ?          'C4 H7 N O4'     133.103 
CYS 'L-peptide linking' y CYSTEINE                        ?          'C3 H7 N O2 S'   121.158 
GLN 'L-peptide linking' y GLUTAMINE                       ?          'C5 H10 N2 O3'   146.144 
GLU 'L-peptide linking' y 'GLUTAMIC ACID'                 ?          'C5 H9 N O4'     147.129 
GLY 'peptide linking'   y GLYCINE                         ?          'C2 H5 N O2'     75.067  
HIS 'L-peptide linking' y HISTIDINE                       ?          'C6 H10 N3 O2 1' 156.162 
HOH non-polymer         . WATER                           ?          'H2 O'           18.015  
ILE 'L-peptide linking' y ISOLEUCINE                      ?          'C6 H13 N O2'    131.173 
LEU 'L-peptide linking' y LEUCINE                         ?          'C6 H13 N O2'    131.173 
LYS 'L-peptide linking' y LYSINE                          ?          'C6 H15 N2 O2 1' 147.195 
MET 'L-peptide linking' y METHIONINE                      ?          'C5 H11 N O2 S'  149.211 
MPD non-polymer         . '(4S)-2-METHYL-2,4-PENTANEDIOL' ?          'C6 H14 O2'      118.174 
NA  non-polymer         . 'SODIUM ION'                    ?          'Na 1'           22.990  
PGR non-polymer         . R-1,2-PROPANEDIOL               ?          'C3 H8 O2'       76.094  
PHE 'L-peptide linking' y PHENYLALANINE                   ?          'C9 H11 N O2'    165.189 
PRO 'L-peptide linking' y PROLINE                         ?          'C5 H9 N O2'     115.130 
S5V non-polymer         . 2-methyl-5-propan-2-yl-phenol   ?          'C10 H14 O'      150.218 
SER 'L-peptide linking' y SERINE                          ?          'C3 H7 N O3'     105.093 
THR 'L-peptide linking' y THREONINE                       ?          'C4 H9 N O3'     119.119 
TYR 'L-peptide linking' y TYROSINE                        ?          'C9 H11 N O3'    181.189 
VAL 'L-peptide linking' y VALINE                          ?          'C5 H11 N O2'    117.146 
# 
loop_
_pdbx_poly_seq_scheme.asym_id 
_pdbx_poly_seq_scheme.entity_id 
_pdbx_poly_seq_scheme.seq_id 
_pdbx_poly_seq_scheme.mon_id 
_pdbx_poly_seq_scheme.ndb_seq_num 
_pdbx_poly_seq_scheme.pdb_seq_num 
_pdbx_poly_seq_scheme.auth_seq_num 
_pdbx_poly_seq_scheme.pdb_mon_id 
_pdbx_poly_seq_scheme.auth_mon_id 
_pdbx_poly_seq_scheme.pdb_strand_id 
_pdbx_poly_seq_scheme.pdb_ins_code 
_pdbx_poly_seq_scheme.hetero 
A 1 1   ALA 1   1   1   ALA ALA AAA . n 
A 1 2   MET 2   2   2   MET MET AAA . n 
A 1 3   THR 3   3   3   THR THR AAA . n 
A 1 4   ARG 4   4   4   ARG ARG AAA . n 
A 1 5   LYS 5   5   5   LYS LYS AAA . n 
A 1 6   GLN 6   6   6   GLN GLN AAA . n 
A 1 7   LEU 7   7   7   LEU LEU AAA . n 
A 1 8   ILE 8   8   8   ILE ILE AAA . n 
A 1 9   ASN 9   9   9   ASN ASN AAA . n 
A 1 10  SER 10  10  10  SER SER AAA . n 
A 1 11  MET 11  11  11  MET MET AAA . n 
A 1 12  ASP 12  12  12  ASP ASP AAA . n 
A 1 13  MET 13  13  13  MET MET AAA . n 
A 1 14  MET 14  14  14  MET MET AAA . n 
A 1 15  ARG 15  15  15  ARG ARG AAA . n 
A 1 16  SER 16  16  16  SER SER AAA . n 
A 1 17  ALA 17  17  17  ALA ALA AAA . n 
A 1 18  CYS 18  18  18  CYS CYS AAA . n 
A 1 19  ALA 19  19  19  ALA ALA AAA . n 
A 1 20  PRO 20  20  20  PRO PRO AAA . n 
A 1 21  LYS 21  21  21  LYS LYS AAA . n 
A 1 22  PHE 22  22  22  PHE PHE AAA . n 
A 1 23  LYS 23  23  23  LYS LYS AAA . n 
A 1 24  VAL 24  24  24  VAL VAL AAA . n 
A 1 25  SER 25  25  25  SER SER AAA . n 
A 1 26  THR 26  26  26  THR THR AAA . n 
A 1 27  GLU 27  27  27  GLU GLU AAA . n 
A 1 28  MET 28  28  28  MET MET AAA . n 
A 1 29  LEU 29  29  29  LEU LEU AAA . n 
A 1 30  ASP 30  30  30  ASP ASP AAA . n 
A 1 31  ASN 31  31  31  ASN ASN AAA . n 
A 1 32  LEU 32  32  32  LEU LEU AAA . n 
A 1 33  ARG 33  33  33  ARG ARG AAA . n 
A 1 34  GLY 34  34  34  GLY GLY AAA . n 
A 1 35  GLY 35  35  35  GLY GLY AAA . n 
A 1 36  ILE 36  36  36  ILE ILE AAA . n 
A 1 37  PHE 37  37  37  PHE PHE AAA . n 
A 1 38  ALA 38  38  38  ALA ALA AAA . n 
A 1 39  GLU 39  39  39  GLU GLU AAA . n 
A 1 40  ASP 40  40  40  ASP ASP AAA . n 
A 1 41  ARG 41  41  41  ARG ARG AAA . n 
A 1 42  GLU 42  42  42  GLU GLU AAA . n 
A 1 43  LEU 43  43  43  LEU LEU AAA . n 
A 1 44  LYS 44  44  44  LYS LYS AAA . n 
A 1 45  CYS 45  45  45  CYS CYS AAA . n 
A 1 46  TYR 46  46  46  TYR TYR AAA . n 
A 1 47  THR 47  47  47  THR THR AAA . n 
A 1 48  MET 48  48  48  MET MET AAA . n 
A 1 49  CYS 49  49  49  CYS CYS AAA . n 
A 1 50  ILE 50  50  50  ILE ILE AAA . n 
A 1 51  ALA 51  51  51  ALA ALA AAA . n 
A 1 52  GLN 52  52  52  GLN GLN AAA . n 
A 1 53  MET 53  53  53  MET MET AAA . n 
A 1 54  ALA 54  54  54  ALA ALA AAA . n 
A 1 55  GLY 55  55  55  GLY GLY AAA . n 
A 1 56  THR 56  56  56  THR THR AAA . n 
A 1 57  MET 57  57  57  MET MET AAA . n 
A 1 58  ASN 58  58  58  ASN ASN AAA . n 
A 1 59  LYS 59  59  59  LYS LYS AAA . n 
A 1 60  LYS 60  60  60  LYS LYS AAA . n 
A 1 61  GLY 61  61  61  GLY GLY AAA . n 
A 1 62  GLU 62  62  62  GLU GLU AAA . n 
A 1 63  ILE 63  63  63  ILE ILE AAA . n 
A 1 64  ASN 64  64  64  ASN ASN AAA . n 
A 1 65  VAL 65  65  65  VAL VAL AAA . n 
A 1 66  GLN 66  66  66  GLN GLN AAA . n 
A 1 67  LYS 67  67  67  LYS LYS AAA . n 
A 1 68  THR 68  68  68  THR THR AAA . n 
A 1 69  LEU 69  69  69  LEU LEU AAA . n 
A 1 70  ALA 70  70  70  ALA ALA AAA . n 
A 1 71  GLN 71  71  71  GLN GLN AAA . n 
A 1 72  MET 72  72  72  MET MET AAA . n 
A 1 73  ASP 73  73  73  ASP ASP AAA . n 
A 1 74  ALA 74  74  74  ALA ALA AAA . n 
A 1 75  MET 75  75  75  MET MET AAA . n 
A 1 76  LEU 76  76  76  LEU LEU AAA . n 
A 1 77  PRO 77  77  77  PRO PRO AAA . n 
A 1 78  PRO 78  78  78  PRO PRO AAA . n 
A 1 79  ASP 79  79  79  ASP ASP AAA . n 
A 1 80  MET 80  80  80  MET MET AAA . n 
A 1 81  ARG 81  81  81  ARG ARG AAA . n 
A 1 82  ASP 82  82  82  ASP ASP AAA . n 
A 1 83  LYS 83  83  83  LYS LYS AAA . n 
A 1 84  ALA 84  84  84  ALA ALA AAA . n 
A 1 85  LYS 85  85  85  LYS LYS AAA . n 
A 1 86  GLU 86  86  86  GLU GLU AAA . n 
A 1 87  ALA 87  87  87  ALA ALA AAA . n 
A 1 88  ILE 88  88  88  ILE ILE AAA . n 
A 1 89  HIS 89  89  89  HIS HIS AAA . n 
A 1 90  SER 90  90  90  SER SER AAA . n 
A 1 91  CYS 91  91  91  CYS CYS AAA . n 
A 1 92  ARG 92  92  92  ARG ARG AAA . n 
A 1 93  ASP 93  93  93  ASP ASP AAA . n 
A 1 94  VAL 94  94  94  VAL VAL AAA . n 
A 1 95  GLN 95  95  95  GLN GLN AAA . n 
A 1 96  GLY 96  96  96  GLY GLY AAA . n 
A 1 97  ARG 97  97  97  ARG ARG AAA . n 
A 1 98  TYR 98  98  98  TYR TYR AAA . n 
A 1 99  LYS 99  99  99  LYS LYS AAA . n 
A 1 100 ASP 100 100 100 ASP ASP AAA . n 
A 1 101 SER 101 101 101 SER SER AAA . n 
A 1 102 CYS 102 102 102 CYS CYS AAA . n 
A 1 103 ASP 103 103 103 ASP ASP AAA . n 
A 1 104 LYS 104 104 104 LYS LYS AAA . n 
A 1 105 THR 105 105 105 THR THR AAA . n 
A 1 106 PHE 106 106 106 PHE PHE AAA . n 
A 1 107 TYR 107 107 107 TYR TYR AAA . n 
A 1 108 SER 108 108 108 SER SER AAA . n 
A 1 109 THR 109 109 109 THR THR AAA . n 
A 1 110 LYS 110 110 110 LYS LYS AAA . n 
A 1 111 CYS 111 111 111 CYS CYS AAA . n 
A 1 112 LEU 112 112 112 LEU LEU AAA . n 
A 1 113 ALA 113 113 113 ALA ALA AAA . n 
A 1 114 GLU 114 114 114 GLU GLU AAA . n 
A 1 115 TYR 115 115 115 TYR TYR AAA . n 
A 1 116 ASP 116 116 116 ASP ASP AAA . n 
A 1 117 ARG 117 117 117 ARG ARG AAA . n 
A 1 118 ASP 118 118 118 ASP ASP AAA . n 
A 1 119 VAL 119 119 119 VAL VAL AAA . n 
A 1 120 PHE 120 120 120 PHE PHE AAA . n 
A 1 121 LEU 121 121 121 LEU LEU AAA . n 
A 1 122 PHE 122 122 122 PHE PHE AAA . n 
A 1 123 PRO 123 123 123 PRO PRO AAA . n 
# 
loop_
_pdbx_entity_instance_feature.ordinal 
_pdbx_entity_instance_feature.comp_id 
_pdbx_entity_instance_feature.asym_id 
_pdbx_entity_instance_feature.seq_num 
_pdbx_entity_instance_feature.auth_comp_id 
_pdbx_entity_instance_feature.auth_asym_id 
_pdbx_entity_instance_feature.auth_seq_num 
_pdbx_entity_instance_feature.feature_type 
_pdbx_entity_instance_feature.details 
1 S5V ? ? S5V ? ? 'SUBJECT OF INVESTIGATION' ? 
2 MPD ? ? MPD ? ? 'SUBJECT OF INVESTIGATION' ? 
# 
loop_
_pdbx_nonpoly_scheme.asym_id 
_pdbx_nonpoly_scheme.entity_id 
_pdbx_nonpoly_scheme.mon_id 
_pdbx_nonpoly_scheme.ndb_seq_num 
_pdbx_nonpoly_scheme.pdb_seq_num 
_pdbx_nonpoly_scheme.auth_seq_num 
_pdbx_nonpoly_scheme.pdb_mon_id 
_pdbx_nonpoly_scheme.auth_mon_id 
_pdbx_nonpoly_scheme.pdb_strand_id 
_pdbx_nonpoly_scheme.pdb_ins_code 
B 2 MPD 1   301 301 MPD MPD AAA . 
C 3 1BO 1   302 601 1BO 1BO AAA . 
D 4 PGR 1   303 901 PGR PGO AAA . 
E 4 PGR 1   304 201 PGR PGR AAA . 
F 5 S5V 1   305 201 S5V CRV AAA . 
G 5 S5V 1   306 301 S5V CRV AAA . 
H 6 NA  1   307 1   NA  NA  AAA . 
I 7 HOH 1   401 124 HOH HOH AAA . 
I 7 HOH 2   402 90  HOH HOH AAA . 
I 7 HOH 3   403 36  HOH HOH AAA . 
I 7 HOH 4   404 102 HOH HOH AAA . 
I 7 HOH 5   405 119 HOH HOH AAA . 
I 7 HOH 6   406 108 HOH HOH AAA . 
I 7 HOH 7   407 100 HOH HOH AAA . 
I 7 HOH 8   408 98  HOH HOH AAA . 
I 7 HOH 9   409 50  HOH HOH AAA . 
I 7 HOH 10  410 64  HOH HOH AAA . 
I 7 HOH 11  411 13  HOH HOH AAA . 
I 7 HOH 12  412 101 HOH HOH AAA . 
I 7 HOH 13  413 32  HOH HOH AAA . 
I 7 HOH 14  414 81  HOH HOH AAA . 
I 7 HOH 15  415 65  HOH HOH AAA . 
I 7 HOH 16  416 48  HOH HOH AAA . 
I 7 HOH 17  417 71  HOH HOH AAA . 
I 7 HOH 18  418 97  HOH HOH AAA . 
I 7 HOH 19  419 103 HOH HOH AAA . 
I 7 HOH 20  420 38  HOH HOH AAA . 
I 7 HOH 21  421 26  HOH HOH AAA . 
I 7 HOH 22  422 31  HOH HOH AAA . 
I 7 HOH 23  423 45  HOH HOH AAA . 
I 7 HOH 24  424 40  HOH HOH AAA . 
I 7 HOH 25  425 14  HOH HOH AAA . 
I 7 HOH 26  426 70  HOH HOH AAA . 
I 7 HOH 27  427 25  HOH HOH AAA . 
I 7 HOH 28  428 115 HOH HOH AAA . 
I 7 HOH 29  429 11  HOH HOH AAA . 
I 7 HOH 30  430 1   HOH HOH AAA . 
I 7 HOH 31  431 69  HOH HOH AAA . 
I 7 HOH 32  432 34  HOH HOH AAA . 
I 7 HOH 33  433 62  HOH HOH AAA . 
I 7 HOH 34  434 118 HOH HOH AAA . 
I 7 HOH 35  435 28  HOH HOH AAA . 
I 7 HOH 36  436 86  HOH HOH AAA . 
I 7 HOH 37  437 42  HOH HOH AAA . 
I 7 HOH 38  438 2   HOH HOH AAA . 
I 7 HOH 39  439 22  HOH HOH AAA . 
I 7 HOH 40  440 123 HOH HOH AAA . 
I 7 HOH 41  441 109 HOH HOH AAA . 
I 7 HOH 42  442 88  HOH HOH AAA . 
I 7 HOH 43  443 49  HOH HOH AAA . 
I 7 HOH 44  444 19  HOH HOH AAA . 
I 7 HOH 45  445 89  HOH HOH AAA . 
I 7 HOH 46  446 67  HOH HOH AAA . 
I 7 HOH 47  447 18  HOH HOH AAA . 
I 7 HOH 48  448 96  HOH HOH AAA . 
I 7 HOH 49  449 77  HOH HOH AAA . 
I 7 HOH 50  450 20  HOH HOH AAA . 
I 7 HOH 51  451 73  HOH HOH AAA . 
I 7 HOH 52  452 74  HOH HOH AAA . 
I 7 HOH 53  453 112 HOH HOH AAA . 
I 7 HOH 54  454 15  HOH HOH AAA . 
I 7 HOH 55  455 5   HOH HOH AAA . 
I 7 HOH 56  456 3   HOH HOH AAA . 
I 7 HOH 57  457 43  HOH HOH AAA . 
I 7 HOH 58  458 61  HOH HOH AAA . 
I 7 HOH 59  459 7   HOH HOH AAA . 
I 7 HOH 60  460 110 HOH HOH AAA . 
I 7 HOH 61  461 59  HOH HOH AAA . 
I 7 HOH 62  462 39  HOH HOH AAA . 
I 7 HOH 63  463 10  HOH HOH AAA . 
I 7 HOH 64  464 114 HOH HOH AAA . 
I 7 HOH 65  465 106 HOH HOH AAA . 
I 7 HOH 66  466 92  HOH HOH AAA . 
I 7 HOH 67  467 29  HOH HOH AAA . 
I 7 HOH 68  468 41  HOH HOH AAA . 
I 7 HOH 69  469 44  HOH HOH AAA . 
I 7 HOH 70  470 17  HOH HOH AAA . 
I 7 HOH 71  471 93  HOH HOH AAA . 
I 7 HOH 72  472 27  HOH HOH AAA . 
I 7 HOH 73  473 33  HOH HOH AAA . 
I 7 HOH 74  474 99  HOH HOH AAA . 
I 7 HOH 75  475 60  HOH HOH AAA . 
I 7 HOH 76  476 121 HOH HOH AAA . 
I 7 HOH 77  477 94  HOH HOH AAA . 
I 7 HOH 78  478 6   HOH HOH AAA . 
I 7 HOH 79  479 80  HOH HOH AAA . 
I 7 HOH 80  480 8   HOH HOH AAA . 
I 7 HOH 81  481 91  HOH HOH AAA . 
I 7 HOH 82  482 53  HOH HOH AAA . 
I 7 HOH 83  483 105 HOH HOH AAA . 
I 7 HOH 84  484 21  HOH HOH AAA . 
I 7 HOH 85  485 82  HOH HOH AAA . 
I 7 HOH 86  486 12  HOH HOH AAA . 
I 7 HOH 87  487 23  HOH HOH AAA . 
I 7 HOH 88  488 78  HOH HOH AAA . 
I 7 HOH 89  489 68  HOH HOH AAA . 
I 7 HOH 90  490 72  HOH HOH AAA . 
I 7 HOH 91  491 104 HOH HOH AAA . 
I 7 HOH 92  492 9   HOH HOH AAA . 
I 7 HOH 93  493 30  HOH HOH AAA . 
I 7 HOH 94  494 116 HOH HOH AAA . 
I 7 HOH 95  495 4   HOH HOH AAA . 
I 7 HOH 96  496 117 HOH HOH AAA . 
I 7 HOH 97  497 46  HOH HOH AAA . 
I 7 HOH 98  498 35  HOH HOH AAA . 
I 7 HOH 99  499 47  HOH HOH AAA . 
I 7 HOH 100 500 113 HOH HOH AAA . 
I 7 HOH 101 501 52  HOH HOH AAA . 
I 7 HOH 102 502 63  HOH HOH AAA . 
I 7 HOH 103 503 54  HOH HOH AAA . 
I 7 HOH 104 504 56  HOH HOH AAA . 
I 7 HOH 105 505 111 HOH HOH AAA . 
I 7 HOH 106 506 37  HOH HOH AAA . 
I 7 HOH 107 507 83  HOH HOH AAA . 
I 7 HOH 108 508 58  HOH HOH AAA . 
I 7 HOH 109 509 24  HOH HOH AAA . 
I 7 HOH 110 510 55  HOH HOH AAA . 
I 7 HOH 111 511 51  HOH HOH AAA . 
I 7 HOH 112 512 107 HOH HOH AAA . 
I 7 HOH 113 513 79  HOH HOH AAA . 
I 7 HOH 114 514 75  HOH HOH AAA . 
I 7 HOH 115 515 76  HOH HOH AAA . 
I 7 HOH 116 516 57  HOH HOH AAA . 
I 7 HOH 117 517 95  HOH HOH AAA . 
I 7 HOH 118 518 16  HOH HOH AAA . 
I 7 HOH 119 519 66  HOH HOH AAA . 
I 7 HOH 120 520 120 HOH HOH AAA . 
I 7 HOH 121 521 84  HOH HOH AAA . 
I 7 HOH 122 522 87  HOH HOH AAA . 
I 7 HOH 123 523 122 HOH HOH AAA . 
I 7 HOH 124 524 85  HOH HOH AAA . 
# 
loop_
_software.citation_id 
_software.classification 
_software.compiler_name 
_software.compiler_version 
_software.contact_author 
_software.contact_author_email 
_software.date 
_software.description 
_software.dependencies 
_software.hardware 
_software.language 
_software.location 
_software.mods 
_software.name 
_software.os 
_software.os_version 
_software.type 
_software.version 
_software.pdbx_ordinal 
? refinement       ? ? ? ? ? ? ? ? ? ? ? REFMAC ? ? ? 5.8.0257 1 
? 'data reduction' ? ? ? ? ? ? ? ? ? ? ? XDS    ? ? ? .        2 
? 'data scaling'   ? ? ? ? ? ? ? ? ? ? ? SCALA  ? ? ? .        3 
? phasing          ? ? ? ? ? ? ? ? ? ? ? MOLREP ? ? ? .        4 
# 
_cell.angle_alpha                  90.000 
_cell.angle_alpha_esd              ? 
_cell.angle_beta                   101.771 
_cell.angle_beta_esd               ? 
_cell.angle_gamma                  90.000 
_cell.angle_gamma_esd              ? 
_cell.entry_id                     8BXW 
_cell.details                      ? 
_cell.formula_units_Z              ? 
_cell.length_a                     34.361 
_cell.length_a_esd                 ? 
_cell.length_b                     36.710 
_cell.length_b_esd                 ? 
_cell.length_c                     54.658 
_cell.length_c_esd                 ? 
_cell.volume                       ? 
_cell.volume_esd                   ? 
_cell.Z_PDB                        2 
_cell.reciprocal_angle_alpha       ? 
_cell.reciprocal_angle_beta        ? 
_cell.reciprocal_angle_gamma       ? 
_cell.reciprocal_angle_alpha_esd   ? 
_cell.reciprocal_angle_beta_esd    ? 
_cell.reciprocal_angle_gamma_esd   ? 
_cell.reciprocal_length_a          ? 
_cell.reciprocal_length_b          ? 
_cell.reciprocal_length_c          ? 
_cell.reciprocal_length_a_esd      ? 
_cell.reciprocal_length_b_esd      ? 
_cell.reciprocal_length_c_esd      ? 
_cell.pdbx_unique_axis             ? 
_cell.pdbx_esd_method              ? 
# 
_symmetry.entry_id                         8BXW 
_symmetry.cell_setting                     ? 
_symmetry.Int_Tables_number                4 
_symmetry.space_group_name_Hall            ? 
_symmetry.space_group_name_H-M             'P 1 21 1' 
_symmetry.pdbx_full_space_group_name_H-M   ? 
# 
_exptl.absorpt_coefficient_mu     ? 
_exptl.absorpt_correction_T_max   ? 
_exptl.absorpt_correction_T_min   ? 
_exptl.absorpt_correction_type    ? 
_exptl.absorpt_process_details    ? 
_exptl.entry_id                   8BXW 
_exptl.crystals_number            1 
_exptl.details                    ? 
_exptl.method                     'X-RAY DIFFRACTION' 
_exptl.method_details             ? 
# 
_exptl_crystal.colour                       ? 
_exptl_crystal.density_diffrn               ? 
_exptl_crystal.density_Matthews             2.39 
_exptl_crystal.density_method               ? 
_exptl_crystal.density_percent_sol          48.59 
_exptl_crystal.description                  ? 
_exptl_crystal.F_000                        ? 
_exptl_crystal.id                           1 
_exptl_crystal.preparation                  ? 
_exptl_crystal.size_max                     ? 
_exptl_crystal.size_mid                     ? 
_exptl_crystal.size_min                     ? 
_exptl_crystal.size_rad                     ? 
_exptl_crystal.colour_lustre                ? 
_exptl_crystal.colour_modifier              ? 
_exptl_crystal.colour_primary               ? 
_exptl_crystal.density_meas                 ? 
_exptl_crystal.density_meas_esd             ? 
_exptl_crystal.density_meas_gt              ? 
_exptl_crystal.density_meas_lt              ? 
_exptl_crystal.density_meas_temp            ? 
_exptl_crystal.density_meas_temp_esd        ? 
_exptl_crystal.density_meas_temp_gt         ? 
_exptl_crystal.density_meas_temp_lt         ? 
_exptl_crystal.pdbx_crystal_image_url       ? 
_exptl_crystal.pdbx_crystal_image_format    ? 
_exptl_crystal.pdbx_mosaicity               ? 
_exptl_crystal.pdbx_mosaicity_esd           ? 
_exptl_crystal.pdbx_mosaic_method           ? 
_exptl_crystal.pdbx_mosaic_block_size       ? 
_exptl_crystal.pdbx_mosaic_block_size_esd   ? 
# 
_exptl_crystal_grow.apparatus       ? 
_exptl_crystal_grow.atmosphere      ? 
_exptl_crystal_grow.crystal_id      1 
_exptl_crystal_grow.details         ? 
_exptl_crystal_grow.method          'VAPOR DIFFUSION, SITTING DROP' 
_exptl_crystal_grow.method_ref      ? 
_exptl_crystal_grow.pH              ? 
_exptl_crystal_grow.pressure        ? 
_exptl_crystal_grow.pressure_esd    ? 
_exptl_crystal_grow.seeding         ? 
_exptl_crystal_grow.seeding_ref     ? 
_exptl_crystal_grow.temp_details    ? 
_exptl_crystal_grow.temp_esd        ? 
_exptl_crystal_grow.time            ? 
_exptl_crystal_grow.pdbx_details    
;0.12M alcohols (0.02 M each of 1,6-Hexanediol, 1-Butanol, 1,2-Propanediol (racemic), 2-Propanol, 1,4- Butanediol and 1,3-Propanediol), 0.1 M MOPS/HEPES-Na pH 7.5, 12.5% (w/v) PEG 1000, 12.5% (w/v) PEG 3350, 12.5% (v/v) MPD
;
_exptl_crystal_grow.pdbx_pH_range   ? 
_exptl_crystal_grow.temp            293 
# 
_diffrn.ambient_environment              ? 
_diffrn.ambient_temp                     100 
_diffrn.ambient_temp_details             ? 
_diffrn.ambient_temp_esd                 ? 
_diffrn.crystal_id                       1 
_diffrn.crystal_support                  ? 
_diffrn.crystal_treatment                ? 
_diffrn.details                          ? 
_diffrn.id                               1 
_diffrn.ambient_pressure                 ? 
_diffrn.ambient_pressure_esd             ? 
_diffrn.ambient_pressure_gt              ? 
_diffrn.ambient_pressure_lt              ? 
_diffrn.ambient_temp_gt                  ? 
_diffrn.ambient_temp_lt                  ? 
_diffrn.pdbx_serial_crystal_experiment   N 
# 
_diffrn_detector.details                      ? 
_diffrn_detector.detector                     PIXEL 
_diffrn_detector.diffrn_id                    1 
_diffrn_detector.type                         'DECTRIS EIGER2 XE 9M' 
_diffrn_detector.area_resol_mean              ? 
_diffrn_detector.dtime                        ? 
_diffrn_detector.pdbx_frames_total            ? 
_diffrn_detector.pdbx_collection_time_total   ? 
_diffrn_detector.pdbx_collection_date         2019-04-08 
_diffrn_detector.pdbx_frequency               ? 
# 
_diffrn_radiation.collimation                      ? 
_diffrn_radiation.diffrn_id                        1 
_diffrn_radiation.filter_edge                      ? 
_diffrn_radiation.inhomogeneity                    ? 
_diffrn_radiation.monochromator                    ? 
_diffrn_radiation.polarisn_norm                    ? 
_diffrn_radiation.polarisn_ratio                   ? 
_diffrn_radiation.probe                            ? 
_diffrn_radiation.type                             ? 
_diffrn_radiation.xray_symbol                      ? 
_diffrn_radiation.wavelength_id                    1 
_diffrn_radiation.pdbx_monochromatic_or_laue_m_l   M 
_diffrn_radiation.pdbx_wavelength_list             ? 
_diffrn_radiation.pdbx_wavelength                  ? 
_diffrn_radiation.pdbx_diffrn_protocol             'SINGLE WAVELENGTH' 
_diffrn_radiation.pdbx_analyzer                    ? 
_diffrn_radiation.pdbx_scattering_type             x-ray 
# 
_diffrn_radiation_wavelength.id           1 
_diffrn_radiation_wavelength.wavelength   0.91587 
_diffrn_radiation_wavelength.wt           1.0 
# 
_diffrn_source.current                     ? 
_diffrn_source.details                     ? 
_diffrn_source.diffrn_id                   1 
_diffrn_source.power                       ? 
_diffrn_source.size                        ? 
_diffrn_source.source                      SYNCHROTRON 
_diffrn_source.target                      ? 
_diffrn_source.type                        'DIAMOND BEAMLINE I04-1' 
_diffrn_source.voltage                     ? 
_diffrn_source.take-off_angle              ? 
_diffrn_source.pdbx_wavelength_list        0.91587 
_diffrn_source.pdbx_wavelength             ? 
_diffrn_source.pdbx_synchrotron_beamline   I04-1 
_diffrn_source.pdbx_synchrotron_site       Diamond 
# 
_reflns.B_iso_Wilson_estimate                          ? 
_reflns.entry_id                                       8BXW 
_reflns.data_reduction_details                         ? 
_reflns.data_reduction_method                          ? 
_reflns.d_resolution_high                              1.30 
_reflns.d_resolution_low                               53.51 
_reflns.details                                        ? 
_reflns.limit_h_max                                    ? 
_reflns.limit_h_min                                    ? 
_reflns.limit_k_max                                    ? 
_reflns.limit_k_min                                    ? 
_reflns.limit_l_max                                    ? 
_reflns.limit_l_min                                    ? 
_reflns.number_all                                     ? 
_reflns.number_obs                                     32113 
_reflns.observed_criterion                             ? 
_reflns.observed_criterion_F_max                       ? 
_reflns.observed_criterion_F_min                       ? 
_reflns.observed_criterion_I_max                       ? 
_reflns.observed_criterion_I_min                       ? 
_reflns.observed_criterion_sigma_F                     ? 
_reflns.observed_criterion_sigma_I                     ? 
_reflns.percent_possible_obs                           97.5 
_reflns.R_free_details                                 ? 
_reflns.Rmerge_F_all                                   ? 
_reflns.Rmerge_F_obs                                   ? 
_reflns.Friedel_coverage                               ? 
_reflns.number_gt                                      ? 
_reflns.threshold_expression                           ? 
_reflns.pdbx_redundancy                                6.4 
_reflns.pdbx_netI_over_av_sigmaI                       ? 
_reflns.pdbx_netI_over_sigmaI                          23.5 
_reflns.pdbx_res_netI_over_av_sigmaI_2                 ? 
_reflns.pdbx_res_netI_over_sigmaI_2                    ? 
_reflns.pdbx_chi_squared                               ? 
_reflns.pdbx_scaling_rejects                           ? 
_reflns.pdbx_d_res_high_opt                            ? 
_reflns.pdbx_d_res_low_opt                             ? 
_reflns.pdbx_d_res_opt_method                          ? 
_reflns.phase_calculation_details                      ? 
_reflns.pdbx_Rrim_I_all                                ? 
_reflns.pdbx_Rpim_I_all                                ? 
_reflns.pdbx_d_opt                                     ? 
_reflns.pdbx_number_measured_all                       ? 
_reflns.pdbx_diffrn_id                                 1 
_reflns.pdbx_ordinal                                   1 
_reflns.pdbx_CC_half                                   0.999 
_reflns.pdbx_CC_star                                   ? 
_reflns.pdbx_R_split                                   ? 
_reflns.pdbx_Rmerge_I_obs                              ? 
_reflns.pdbx_Rmerge_I_all                              ? 
_reflns.pdbx_Rsym_value                                ? 
_reflns.pdbx_CC_split_method                           ? 
_reflns.pdbx_aniso_diffraction_limit_axis_1_ortho[1]   ? 
_reflns.pdbx_aniso_diffraction_limit_axis_1_ortho[2]   ? 
_reflns.pdbx_aniso_diffraction_limit_axis_1_ortho[3]   ? 
_reflns.pdbx_aniso_diffraction_limit_axis_2_ortho[1]   ? 
_reflns.pdbx_aniso_diffraction_limit_axis_2_ortho[2]   ? 
_reflns.pdbx_aniso_diffraction_limit_axis_2_ortho[3]   ? 
_reflns.pdbx_aniso_diffraction_limit_axis_3_ortho[1]   ? 
_reflns.pdbx_aniso_diffraction_limit_axis_3_ortho[2]   ? 
_reflns.pdbx_aniso_diffraction_limit_axis_3_ortho[3]   ? 
_reflns.pdbx_aniso_diffraction_limit_1                 ? 
_reflns.pdbx_aniso_diffraction_limit_2                 ? 
_reflns.pdbx_aniso_diffraction_limit_3                 ? 
_reflns.pdbx_aniso_B_tensor_eigenvector_1_ortho[1]     ? 
_reflns.pdbx_aniso_B_tensor_eigenvector_1_ortho[2]     ? 
_reflns.pdbx_aniso_B_tensor_eigenvector_1_ortho[3]     ? 
_reflns.pdbx_aniso_B_tensor_eigenvector_2_ortho[1]     ? 
_reflns.pdbx_aniso_B_tensor_eigenvector_2_ortho[2]     ? 
_reflns.pdbx_aniso_B_tensor_eigenvector_2_ortho[3]     ? 
_reflns.pdbx_aniso_B_tensor_eigenvector_3_ortho[1]     ? 
_reflns.pdbx_aniso_B_tensor_eigenvector_3_ortho[2]     ? 
_reflns.pdbx_aniso_B_tensor_eigenvector_3_ortho[3]     ? 
_reflns.pdbx_aniso_B_tensor_eigenvalue_1               ? 
_reflns.pdbx_aniso_B_tensor_eigenvalue_2               ? 
_reflns.pdbx_aniso_B_tensor_eigenvalue_3               ? 
_reflns.pdbx_orthogonalization_convention              ? 
_reflns.pdbx_percent_possible_ellipsoidal              ? 
_reflns.pdbx_percent_possible_spherical                ? 
_reflns.pdbx_percent_possible_ellipsoidal_anomalous    ? 
_reflns.pdbx_percent_possible_spherical_anomalous      ? 
_reflns.pdbx_redundancy_anomalous                      ? 
_reflns.pdbx_CC_half_anomalous                         ? 
_reflns.pdbx_absDiff_over_sigma_anomalous              ? 
_reflns.pdbx_percent_possible_anomalous                ? 
_reflns.pdbx_observed_signal_threshold                 ? 
_reflns.pdbx_signal_type                               ? 
_reflns.pdbx_signal_details                            ? 
_reflns.pdbx_signal_software_id                        ? 
# 
_reflns_shell.d_res_high                                    1.30 
_reflns_shell.d_res_low                                     1.37 
_reflns_shell.meanI_over_sigI_all                           ? 
_reflns_shell.meanI_over_sigI_obs                           7.5 
_reflns_shell.number_measured_all                           ? 
_reflns_shell.number_measured_obs                           ? 
_reflns_shell.number_possible                               ? 
_reflns_shell.number_unique_all                             ? 
_reflns_shell.number_unique_obs                             4584 
_reflns_shell.percent_possible_obs                          ? 
_reflns_shell.Rmerge_F_all                                  ? 
_reflns_shell.Rmerge_F_obs                                  ? 
_reflns_shell.meanI_over_sigI_gt                            ? 
_reflns_shell.meanI_over_uI_all                             ? 
_reflns_shell.meanI_over_uI_gt                              ? 
_reflns_shell.number_measured_gt                            ? 
_reflns_shell.number_unique_gt                              ? 
_reflns_shell.percent_possible_gt                           ? 
_reflns_shell.Rmerge_F_gt                                   ? 
_reflns_shell.Rmerge_I_gt                                   ? 
_reflns_shell.pdbx_redundancy                               5.7 
_reflns_shell.pdbx_chi_squared                              ? 
_reflns_shell.pdbx_netI_over_sigmaI_all                     ? 
_reflns_shell.pdbx_netI_over_sigmaI_obs                     ? 
_reflns_shell.pdbx_Rrim_I_all                               ? 
_reflns_shell.pdbx_Rpim_I_all                               ? 
_reflns_shell.pdbx_rejects                                  ? 
_reflns_shell.pdbx_ordinal                                  1 
_reflns_shell.pdbx_diffrn_id                                1 
_reflns_shell.pdbx_CC_half                                  0.985 
_reflns_shell.pdbx_CC_star                                  ? 
_reflns_shell.pdbx_R_split                                  ? 
_reflns_shell.percent_possible_all                          96.3 
_reflns_shell.Rmerge_I_all                                  ? 
_reflns_shell.Rmerge_I_obs                                  ? 
_reflns_shell.pdbx_Rsym_value                               ? 
_reflns_shell.pdbx_percent_possible_ellipsoidal             ? 
_reflns_shell.pdbx_percent_possible_spherical               ? 
_reflns_shell.pdbx_percent_possible_ellipsoidal_anomalous   ? 
_reflns_shell.pdbx_percent_possible_spherical_anomalous     ? 
_reflns_shell.pdbx_redundancy_anomalous                     ? 
_reflns_shell.pdbx_CC_half_anomalous                        ? 
_reflns_shell.pdbx_absDiff_over_sigma_anomalous             ? 
_reflns_shell.pdbx_percent_possible_anomalous               ? 
# 
_refine.aniso_B[1][1]                            -0.028 
_refine.aniso_B[1][2]                            0.000 
_refine.aniso_B[1][3]                            0.242 
_refine.aniso_B[2][2]                            1.085 
_refine.aniso_B[2][3]                            0.000 
_refine.aniso_B[3][3]                            -1.066 
_refine.B_iso_max                                ? 
_refine.B_iso_mean                               21.714 
_refine.B_iso_min                                ? 
_refine.correlation_coeff_Fo_to_Fc               0.973 
_refine.correlation_coeff_Fo_to_Fc_free          0.962 
_refine.details                                  'Hydrogens have been added in their riding positions' 
_refine.diff_density_max                         ? 
_refine.diff_density_max_esd                     ? 
_refine.diff_density_min                         ? 
_refine.diff_density_min_esd                     ? 
_refine.diff_density_rms                         ? 
_refine.diff_density_rms_esd                     ? 
_refine.entry_id                                 8BXW 
_refine.pdbx_refine_id                           'X-RAY DIFFRACTION' 
_refine.ls_abs_structure_details                 ? 
_refine.ls_abs_structure_Flack                   ? 
_refine.ls_abs_structure_Flack_esd               ? 
_refine.ls_abs_structure_Rogers                  ? 
_refine.ls_abs_structure_Rogers_esd              ? 
_refine.ls_d_res_high                            1.300 
_refine.ls_d_res_low                             26.769 
_refine.ls_extinction_coef                       ? 
_refine.ls_extinction_coef_esd                   ? 
_refine.ls_extinction_expression                 ? 
_refine.ls_extinction_method                     ? 
_refine.ls_goodness_of_fit_all                   ? 
_refine.ls_goodness_of_fit_all_esd               ? 
_refine.ls_goodness_of_fit_obs                   ? 
_refine.ls_goodness_of_fit_obs_esd               ? 
_refine.ls_hydrogen_treatment                    ? 
_refine.ls_matrix_type                           ? 
_refine.ls_number_constraints                    ? 
_refine.ls_number_parameters                     ? 
_refine.ls_number_reflns_all                     ? 
_refine.ls_number_reflns_obs                     32094 
_refine.ls_number_reflns_R_free                  1602 
_refine.ls_number_reflns_R_work                  30492 
_refine.ls_number_restraints                     ? 
_refine.ls_percent_reflns_obs                    97.193 
_refine.ls_percent_reflns_R_free                 4.992 
_refine.ls_R_factor_all                          0.173 
_refine.ls_R_factor_obs                          ? 
_refine.ls_R_factor_R_free                       0.2009 
_refine.ls_R_factor_R_free_error                 ? 
_refine.ls_R_factor_R_free_error_details         ? 
_refine.ls_R_factor_R_work                       0.1718 
_refine.ls_R_Fsqd_factor_obs                     ? 
_refine.ls_R_I_factor_obs                        ? 
_refine.ls_redundancy_reflns_all                 ? 
_refine.ls_redundancy_reflns_obs                 ? 
_refine.ls_restrained_S_all                      ? 
_refine.ls_restrained_S_obs                      ? 
_refine.ls_shift_over_esd_max                    ? 
_refine.ls_shift_over_esd_mean                   ? 
_refine.ls_structure_factor_coef                 ? 
_refine.ls_weighting_details                     ? 
_refine.ls_weighting_scheme                      ? 
_refine.ls_wR_factor_all                         ? 
_refine.ls_wR_factor_obs                         ? 
_refine.ls_wR_factor_R_free                      ? 
_refine.ls_wR_factor_R_work                      ? 
_refine.occupancy_max                            ? 
_refine.occupancy_min                            ? 
_refine.solvent_model_details                    'MASK BULK SOLVENT' 
_refine.solvent_model_param_bsol                 ? 
_refine.solvent_model_param_ksol                 ? 
_refine.pdbx_R_complete                          ? 
_refine.ls_R_factor_gt                           ? 
_refine.ls_goodness_of_fit_gt                    ? 
_refine.ls_goodness_of_fit_ref                   ? 
_refine.ls_shift_over_su_max                     ? 
_refine.ls_shift_over_su_max_lt                  ? 
_refine.ls_shift_over_su_mean                    ? 
_refine.ls_shift_over_su_mean_lt                 ? 
_refine.pdbx_ls_sigma_I                          ? 
_refine.pdbx_ls_sigma_F                          ? 
_refine.pdbx_ls_sigma_Fsqd                       ? 
_refine.pdbx_data_cutoff_high_absF               ? 
_refine.pdbx_data_cutoff_high_rms_absF           ? 
_refine.pdbx_data_cutoff_low_absF                ? 
_refine.pdbx_isotropic_thermal_model             ? 
_refine.pdbx_ls_cross_valid_method               'FREE R-VALUE' 
_refine.pdbx_method_to_determine_struct          'MOLECULAR REPLACEMENT' 
_refine.pdbx_starting_model                      ? 
_refine.pdbx_stereochemistry_target_values       ? 
_refine.pdbx_R_Free_selection_details            ? 
_refine.pdbx_stereochem_target_val_spec_case     ? 
_refine.pdbx_overall_ESU_R                       0.051 
_refine.pdbx_overall_ESU_R_Free                  0.055 
_refine.pdbx_solvent_vdw_probe_radii             1.200 
_refine.pdbx_solvent_ion_probe_radii             0.800 
_refine.pdbx_solvent_shrinkage_radii             0.800 
_refine.pdbx_real_space_R                        ? 
_refine.pdbx_density_correlation                 ? 
_refine.pdbx_pd_number_of_powder_patterns        ? 
_refine.pdbx_pd_number_of_points                 ? 
_refine.pdbx_pd_meas_number_of_points            ? 
_refine.pdbx_pd_proc_ls_prof_R_factor            ? 
_refine.pdbx_pd_proc_ls_prof_wR_factor           ? 
_refine.pdbx_pd_Marquardt_correlation_coeff      ? 
_refine.pdbx_pd_Fsqrd_R_factor                   ? 
_refine.pdbx_pd_ls_matrix_band_width             ? 
_refine.pdbx_overall_phase_error                 ? 
_refine.pdbx_overall_SU_R_free_Cruickshank_DPI   ? 
_refine.pdbx_overall_SU_R_free_Blow_DPI          ? 
_refine.pdbx_overall_SU_R_Blow_DPI               ? 
_refine.pdbx_TLS_residual_ADP_flag               ? 
_refine.pdbx_diffrn_id                           1 
_refine.overall_SU_B                             0.715 
_refine.overall_SU_ML                            0.032 
_refine.overall_SU_R_Cruickshank_DPI             ? 
_refine.overall_SU_R_free                        ? 
_refine.overall_FOM_free_R_set                   ? 
_refine.overall_FOM_work_R_set                   ? 
_refine.pdbx_average_fsc_overall                 ? 
_refine.pdbx_average_fsc_work                    ? 
_refine.pdbx_average_fsc_free                    ? 
# 
_refine_hist.pdbx_refine_id                   'X-RAY DIFFRACTION' 
_refine_hist.cycle_id                         LAST 
_refine_hist.pdbx_number_atoms_protein        973 
_refine_hist.pdbx_number_atoms_nucleic_acid   0 
_refine_hist.pdbx_number_atoms_ligand         46 
_refine_hist.number_atoms_solvent             124 
_refine_hist.number_atoms_total               1143 
_refine_hist.d_res_high                       1.300 
_refine_hist.d_res_low                        26.769 
# 
loop_
_refine_ls_restr.pdbx_refine_id 
_refine_ls_restr.criterion 
_refine_ls_restr.dev_ideal 
_refine_ls_restr.dev_ideal_target 
_refine_ls_restr.number 
_refine_ls_restr.rejects 
_refine_ls_restr.type 
_refine_ls_restr.weight 
_refine_ls_restr.pdbx_restraint_function 
'X-RAY DIFFRACTION' ? 0.015  0.013  1175 ? r_bond_refined_d               ? ? 
'X-RAY DIFFRACTION' ? 0.001  0.018  1134 ? r_bond_other_d                 ? ? 
'X-RAY DIFFRACTION' ? 1.830  1.701  1584 ? r_angle_refined_deg            ? ? 
'X-RAY DIFFRACTION' ? 1.551  1.651  2635 ? r_angle_other_deg              ? ? 
'X-RAY DIFFRACTION' ? 5.777  5.000  149  ? r_dihedral_angle_1_deg         ? ? 
'X-RAY DIFFRACTION' ? 28.144 21.667 60   ? r_dihedral_angle_2_deg         ? ? 
'X-RAY DIFFRACTION' ? 13.950 15.000 234  ? r_dihedral_angle_3_deg         ? ? 
'X-RAY DIFFRACTION' ? 24.114 15.000 10   ? r_dihedral_angle_4_deg         ? ? 
'X-RAY DIFFRACTION' ? 0.094  0.200  152  ? r_chiral_restr                 ? ? 
'X-RAY DIFFRACTION' ? 0.011  0.200  9    ? r_chiral_restr_other           ? ? 
'X-RAY DIFFRACTION' ? 0.009  0.020  1335 ? r_gen_planes_refined           ? ? 
'X-RAY DIFFRACTION' ? 0.001  0.020  247  ? r_gen_planes_other             ? ? 
'X-RAY DIFFRACTION' ? 0.225  0.200  284  ? r_nbd_refined                  ? ? 
'X-RAY DIFFRACTION' ? 0.173  0.200  1006 ? r_symmetry_nbd_other           ? ? 
'X-RAY DIFFRACTION' ? 0.176  0.200  553  ? r_nbtor_refined                ? ? 
'X-RAY DIFFRACTION' ? 0.082  0.200  516  ? r_symmetry_nbtor_other         ? ? 
'X-RAY DIFFRACTION' ? 0.113  0.200  90   ? r_xyhbond_nbd_refined          ? ? 
'X-RAY DIFFRACTION' ? 0.009  0.200  2    ? r_metal_ion_refined            ? ? 
'X-RAY DIFFRACTION' ? 0.133  0.200  6    ? r_symmetry_nbd_refined         ? ? 
'X-RAY DIFFRACTION' ? 0.205  0.200  36   ? r_nbd_other                    ? ? 
'X-RAY DIFFRACTION' ? 0.118  0.200  15   ? r_symmetry_xyhbond_nbd_refined ? ? 
'X-RAY DIFFRACTION' ? 1.603  1.952  562  ? r_mcbond_it                    ? ? 
'X-RAY DIFFRACTION' ? 1.601  1.952  561  ? r_mcbond_other                 ? ? 
'X-RAY DIFFRACTION' ? 2.126  2.934  722  ? r_mcangle_it                   ? ? 
'X-RAY DIFFRACTION' ? 2.126  2.933  723  ? r_mcangle_other                ? ? 
'X-RAY DIFFRACTION' ? 2.676  2.358  613  ? r_scbond_it                    ? ? 
'X-RAY DIFFRACTION' ? 2.674  2.358  614  ? r_scbond_other                 ? ? 
'X-RAY DIFFRACTION' ? 3.944  3.382  861  ? r_scangle_it                   ? ? 
'X-RAY DIFFRACTION' ? 3.941  3.382  862  ? r_scangle_other                ? ? 
'X-RAY DIFFRACTION' ? 5.171  24.653 1426 ? r_lrange_it                    ? ? 
'X-RAY DIFFRACTION' ? 5.048  24.170 1399 ? r_lrange_other                 ? ? 
# 
loop_
_refine_ls_shell.pdbx_refine_id 
_refine_ls_shell.d_res_high 
_refine_ls_shell.d_res_low 
_refine_ls_shell.number_reflns_all 
_refine_ls_shell.number_reflns_obs 
_refine_ls_shell.number_reflns_R_free 
_refine_ls_shell.number_reflns_R_work 
_refine_ls_shell.percent_reflns_obs 
_refine_ls_shell.percent_reflns_R_free 
_refine_ls_shell.R_factor_all 
_refine_ls_shell.R_factor_obs 
_refine_ls_shell.R_factor_R_free_error 
_refine_ls_shell.R_factor_R_work 
_refine_ls_shell.redundancy_reflns_all 
_refine_ls_shell.redundancy_reflns_obs 
_refine_ls_shell.wR_factor_all 
_refine_ls_shell.wR_factor_obs 
_refine_ls_shell.wR_factor_R_free 
_refine_ls_shell.wR_factor_R_work 
_refine_ls_shell.pdbx_R_complete 
_refine_ls_shell.pdbx_total_number_of_bins_used 
_refine_ls_shell.pdbx_phase_error 
_refine_ls_shell.pdbx_fsc_work 
_refine_ls_shell.pdbx_fsc_free 
_refine_ls_shell.R_factor_R_free 
'X-RAY DIFFRACTION' 1.370 1.410 . . 99  2098 95.7716 . . . . 0.199 . . . . . . . . . . . 0.204 
'X-RAY DIFFRACTION' 1.410 1.453 . . 114 2026 96.3964 . . . . 0.184 . . . . . . . . . . . 0.203 
'X-RAY DIFFRACTION' 1.501 1.554 . . 116 1884 96.8992 . . . . 0.180 . . . . . . . . . . . 0.200 
'X-RAY DIFFRACTION' 1.554 1.612 . . 121 1870 97.2168 . . . . 0.169 . . . . . . . . . . . 0.173 
'X-RAY DIFFRACTION' 1.612 1.678 . . 84  1807 97.1737 . . . . 0.178 . . . . . . . . . . . 0.193 
'X-RAY DIFFRACTION' 1.678 1.752 . . 96  1727 97.5388 . . . . 0.179 . . . . . . . . . . . 0.217 
'X-RAY DIFFRACTION' 1.752 1.838 . . 101 1650 97.4944 . . . . 0.177 . . . . . . . . . . . 0.194 
'X-RAY DIFFRACTION' 1.838 1.937 . . 69  1609 98.2436 . . . . 0.176 . . . . . . . . . . . 0.216 
'X-RAY DIFFRACTION' 1.937 2.055 . . 78  1475 97.6730 . . . . 0.176 . . . . . . . . . . . 0.195 
'X-RAY DIFFRACTION' 2.055 2.196 . . 61  1452 98.3106 . . . . 0.163 . . . . . . . . . . . 0.204 
'X-RAY DIFFRACTION' 2.196 2.372 . . 65  1325 98.5816 . . . . 0.160 . . . . . . . . . . . 0.171 
'X-RAY DIFFRACTION' 2.372 2.598 . . 65  1230 98.7043 . . . . 0.161 . . . . . . . . . . . 0.228 
'X-RAY DIFFRACTION' 2.598 2.903 . . 52  1119 98.4861 . . . . 0.174 . . . . . . . . . . . 0.231 
'X-RAY DIFFRACTION' 3.351 4.100 . . 50  845  99.5551 . . . . 0.159 . . . . . . . . . . . 0.216 
'X-RAY DIFFRACTION' 4.100 5.781 . . 38  650  98.0057 . . . . 0.162 . . . . . . . . . . . 0.191 
# 
_struct.entry_id                     8BXW 
_struct.title                        
'Crystal structure of Odorant Binding Protein 5 from Anopheles gambiae (AgamOBP5) with Carvacrol' 
_struct.pdbx_model_details           ? 
_struct.pdbx_formula_weight          ? 
_struct.pdbx_formula_weight_method   ? 
_struct.pdbx_model_type_details      ? 
_struct.pdbx_CASP_flag               N 
# 
_struct_keywords.entry_id        8BXW 
_struct_keywords.text            'Odorant Binding Protein (OBP), mosquito, olfaction, Carvacrol, TRANSPORT PROTEIN' 
_struct_keywords.pdbx_keywords   'TRANSPORT PROTEIN' 
# 
loop_
_struct_asym.id 
_struct_asym.pdbx_blank_PDB_chainid_flag 
_struct_asym.pdbx_modified 
_struct_asym.entity_id 
_struct_asym.details 
A N N 1 ? 
B N N 2 ? 
C N N 3 ? 
D N N 4 ? 
E N N 4 ? 
F N N 5 ? 
G N N 5 ? 
H N N 6 ? 
I N N 7 ? 
# 
_struct_ref.id                         1 
_struct_ref.db_name                    UNP 
_struct_ref.db_code                    Q8T6R6_ANOGA 
_struct_ref.pdbx_db_accession          Q8T6R6 
_struct_ref.pdbx_db_isoform            ? 
_struct_ref.entity_id                  1 
_struct_ref.pdbx_seq_one_letter_code   
;AMTRKQLINSMDMMRSACAPKFKVSTEMLDNLRGGIFAEDRELKCYTMCIAQMAGTMNKKGEINVQKTLAQMDAMLPPDM
RDKAKEAIHSCRDVQGRYKDSCDKTFYSTKCLAEYDRDVFLFP
;
_struct_ref.pdbx_align_begin           32 
# 
_struct_ref_seq.align_id                      1 
_struct_ref_seq.ref_id                        1 
_struct_ref_seq.pdbx_PDB_id_code              8BXW 
_struct_ref_seq.pdbx_strand_id                AAA 
_struct_ref_seq.seq_align_beg                 1 
_struct_ref_seq.pdbx_seq_align_beg_ins_code   ? 
_struct_ref_seq.seq_align_end                 123 
_struct_ref_seq.pdbx_seq_align_end_ins_code   ? 
_struct_ref_seq.pdbx_db_accession             Q8T6R6 
_struct_ref_seq.db_align_beg                  32 
_struct_ref_seq.pdbx_db_align_beg_ins_code    ? 
_struct_ref_seq.db_align_end                  154 
_struct_ref_seq.pdbx_db_align_end_ins_code    ? 
_struct_ref_seq.pdbx_auth_seq_align_beg       1 
_struct_ref_seq.pdbx_auth_seq_align_end       123 
# 
_pdbx_struct_assembly.id                   1 
_pdbx_struct_assembly.details              author_defined_assembly 
_pdbx_struct_assembly.method_details       ? 
_pdbx_struct_assembly.oligomeric_details   monomeric 
_pdbx_struct_assembly.oligomeric_count     1 
# 
loop_
_pdbx_struct_assembly_prop.biol_id 
_pdbx_struct_assembly_prop.type 
_pdbx_struct_assembly_prop.value 
_pdbx_struct_assembly_prop.details 
1 'ABSA (A^2)' 940  ? 
1 MORE         -15  ? 
1 'SSA (A^2)'  6550 ? 
# 
_pdbx_struct_assembly_gen.assembly_id       1 
_pdbx_struct_assembly_gen.oper_expression   1 
_pdbx_struct_assembly_gen.asym_id_list      A,B,C,D,E,F,G,H,I 
# 
_pdbx_struct_assembly_auth_evidence.id                     1 
_pdbx_struct_assembly_auth_evidence.assembly_id            1 
_pdbx_struct_assembly_auth_evidence.experimental_support   none 
_pdbx_struct_assembly_auth_evidence.details                ? 
# 
_pdbx_struct_oper_list.id                   1 
_pdbx_struct_oper_list.type                 'identity operation' 
_pdbx_struct_oper_list.name                 1_555 
_pdbx_struct_oper_list.symmetry_operation   x,y,z 
_pdbx_struct_oper_list.matrix[1][1]         1.0000000000 
_pdbx_struct_oper_list.matrix[1][2]         0.0000000000 
_pdbx_struct_oper_list.matrix[1][3]         0.0000000000 
_pdbx_struct_oper_list.vector[1]            0.0000000000 
_pdbx_struct_oper_list.matrix[2][1]         0.0000000000 
_pdbx_struct_oper_list.matrix[2][2]         1.0000000000 
_pdbx_struct_oper_list.matrix[2][3]         0.0000000000 
_pdbx_struct_oper_list.vector[2]            0.0000000000 
_pdbx_struct_oper_list.matrix[3][1]         0.0000000000 
_pdbx_struct_oper_list.matrix[3][2]         0.0000000000 
_pdbx_struct_oper_list.matrix[3][3]         1.0000000000 
_pdbx_struct_oper_list.vector[3]            0.0000000000 
# 
loop_
_struct_conf.conf_type_id 
_struct_conf.id 
_struct_conf.pdbx_PDB_helix_id 
_struct_conf.beg_label_comp_id 
_struct_conf.beg_label_asym_id 
_struct_conf.beg_label_seq_id 
_struct_conf.pdbx_beg_PDB_ins_code 
_struct_conf.end_label_comp_id 
_struct_conf.end_label_asym_id 
_struct_conf.end_label_seq_id 
_struct_conf.pdbx_end_PDB_ins_code 
_struct_conf.beg_auth_comp_id 
_struct_conf.beg_auth_asym_id 
_struct_conf.beg_auth_seq_id 
_struct_conf.end_auth_comp_id 
_struct_conf.end_auth_asym_id 
_struct_conf.end_auth_seq_id 
_struct_conf.pdbx_PDB_helix_class 
_struct_conf.details 
_struct_conf.pdbx_PDB_helix_length 
HELX_P HELX_P1 AA1 THR A 3   ? ALA A 19  ? THR AAA 3   ALA AAA 19  1 ? 17 
HELX_P HELX_P2 AA2 PRO A 20  ? PHE A 22  ? PRO AAA 20  PHE AAA 22  5 ? 3  
HELX_P HELX_P3 AA3 SER A 25  ? GLY A 34  ? SER AAA 25  GLY AAA 34  1 ? 10 
HELX_P HELX_P4 AA4 ASP A 40  ? GLY A 55  ? ASP AAA 40  GLY AAA 55  1 ? 16 
HELX_P HELX_P5 AA5 ASN A 64  ? LEU A 76  ? ASN AAA 64  LEU AAA 76  1 ? 13 
HELX_P HELX_P6 AA6 PRO A 77  ? CYS A 91  ? PRO AAA 77  CYS AAA 91  1 ? 15 
HELX_P HELX_P7 AA7 ASP A 93  ? TYR A 98  ? ASP AAA 93  TYR AAA 98  5 ? 6  
HELX_P HELX_P8 AA8 ASP A 100 ? ASP A 116 ? ASP AAA 100 ASP AAA 116 1 ? 17 
# 
_struct_conf_type.id          HELX_P 
_struct_conf_type.criteria    ? 
_struct_conf_type.reference   ? 
# 
loop_
_struct_conn.id 
_struct_conn.conn_type_id 
_struct_conn.pdbx_leaving_atom_flag 
_struct_conn.pdbx_PDB_id 
_struct_conn.ptnr1_label_asym_id 
_struct_conn.ptnr1_label_comp_id 
_struct_conn.ptnr1_label_seq_id 
_struct_conn.ptnr1_label_atom_id 
_struct_conn.pdbx_ptnr1_label_alt_id 
_struct_conn.pdbx_ptnr1_PDB_ins_code 
_struct_conn.pdbx_ptnr1_standard_comp_id 
_struct_conn.ptnr1_symmetry 
_struct_conn.ptnr2_label_asym_id 
_struct_conn.ptnr2_label_comp_id 
_struct_conn.ptnr2_label_seq_id 
_struct_conn.ptnr2_label_atom_id 
_struct_conn.pdbx_ptnr2_label_alt_id 
_struct_conn.pdbx_ptnr2_PDB_ins_code 
_struct_conn.ptnr1_auth_asym_id 
_struct_conn.ptnr1_auth_comp_id 
_struct_conn.ptnr1_auth_seq_id 
_struct_conn.ptnr2_auth_asym_id 
_struct_conn.ptnr2_auth_comp_id 
_struct_conn.ptnr2_auth_seq_id 
_struct_conn.ptnr2_symmetry 
_struct_conn.pdbx_ptnr3_label_atom_id 
_struct_conn.pdbx_ptnr3_label_seq_id 
_struct_conn.pdbx_ptnr3_label_comp_id 
_struct_conn.pdbx_ptnr3_label_asym_id 
_struct_conn.pdbx_ptnr3_label_alt_id 
_struct_conn.pdbx_ptnr3_PDB_ins_code 
_struct_conn.details 
_struct_conn.pdbx_dist_value 
_struct_conn.pdbx_value_order 
_struct_conn.pdbx_role 
disulf1 disulf ? ? A CYS 18  SG  ? ? ? 1_555 A CYS 49  SG ? ? AAA CYS 18  AAA CYS 49  1_555 ? ? ? ? ? ? ? 2.237 ? ? 
disulf2 disulf ? ? A CYS 45  SG  ? ? ? 1_555 A CYS 102 SG ? ? AAA CYS 45  AAA CYS 102 1_555 ? ? ? ? ? ? ? 2.184 ? ? 
disulf3 disulf ? ? A CYS 91  SG  ? ? ? 1_555 A CYS 111 SG ? ? AAA CYS 91  AAA CYS 111 1_555 ? ? ? ? ? ? ? 2.072 ? ? 
metalc1 metalc ? ? A GLU 86  OE1 ? ? ? 1_555 H NA  .   NA ? ? AAA GLU 86  AAA NA  307 1_555 ? ? ? ? ? ? ? 2.398 ? ? 
metalc2 metalc ? ? A TYR 115 OH  ? ? ? 1_555 H NA  .   NA ? ? AAA TYR 115 AAA NA  307 1_555 ? ? ? ? ? ? ? 2.788 ? ? 
metalc3 metalc ? ? H NA  .   NA  ? ? ? 1_555 I HOH .   O  ? ? AAA NA  307 AAA HOH 446 2_645 ? ? ? ? ? ? ? 2.407 ? ? 
# 
loop_
_struct_conn_type.id 
_struct_conn_type.criteria 
_struct_conn_type.reference 
disulf ? ? 
metalc ? ? 
# 
loop_
_pdbx_struct_conn_angle.id 
_pdbx_struct_conn_angle.ptnr1_label_atom_id 
_pdbx_struct_conn_angle.ptnr1_label_alt_id 
_pdbx_struct_conn_angle.ptnr1_label_asym_id 
_pdbx_struct_conn_angle.ptnr1_label_comp_id 
_pdbx_struct_conn_angle.ptnr1_label_seq_id 
_pdbx_struct_conn_angle.ptnr1_auth_atom_id 
_pdbx_struct_conn_angle.ptnr1_auth_asym_id 
_pdbx_struct_conn_angle.ptnr1_auth_comp_id 
_pdbx_struct_conn_angle.ptnr1_auth_seq_id 
_pdbx_struct_conn_angle.ptnr1_PDB_ins_code 
_pdbx_struct_conn_angle.ptnr1_symmetry 
_pdbx_struct_conn_angle.ptnr2_label_atom_id 
_pdbx_struct_conn_angle.ptnr2_label_alt_id 
_pdbx_struct_conn_angle.ptnr2_label_asym_id 
_pdbx_struct_conn_angle.ptnr2_label_comp_id 
_pdbx_struct_conn_angle.ptnr2_label_seq_id 
_pdbx_struct_conn_angle.ptnr2_auth_atom_id 
_pdbx_struct_conn_angle.ptnr2_auth_asym_id 
_pdbx_struct_conn_angle.ptnr2_auth_comp_id 
_pdbx_struct_conn_angle.ptnr2_auth_seq_id 
_pdbx_struct_conn_angle.ptnr2_PDB_ins_code 
_pdbx_struct_conn_angle.ptnr2_symmetry 
_pdbx_struct_conn_angle.ptnr3_label_atom_id 
_pdbx_struct_conn_angle.ptnr3_label_alt_id 
_pdbx_struct_conn_angle.ptnr3_label_asym_id 
_pdbx_struct_conn_angle.ptnr3_label_comp_id 
_pdbx_struct_conn_angle.ptnr3_label_seq_id 
_pdbx_struct_conn_angle.ptnr3_auth_atom_id 
_pdbx_struct_conn_angle.ptnr3_auth_asym_id 
_pdbx_struct_conn_angle.ptnr3_auth_comp_id 
_pdbx_struct_conn_angle.ptnr3_auth_seq_id 
_pdbx_struct_conn_angle.ptnr3_PDB_ins_code 
_pdbx_struct_conn_angle.ptnr3_symmetry 
_pdbx_struct_conn_angle.value 
_pdbx_struct_conn_angle.value_esd 
1 OE1 ? A GLU 86  ? AAA GLU 86  ? 1_555 NA ? H NA . ? AAA NA 307 ? 1_555 OH ? A TYR 115 ? AAA TYR 115 ? 1_555 98.5  ? 
2 OE1 ? A GLU 86  ? AAA GLU 86  ? 1_555 NA ? H NA . ? AAA NA 307 ? 1_555 O  ? I HOH .   ? AAA HOH 446 ? 2_645 126.1 ? 
3 OH  ? A TYR 115 ? AAA TYR 115 ? 1_555 NA ? H NA . ? AAA NA 307 ? 1_555 O  ? I HOH .   ? AAA HOH 446 ? 2_645 107.8 ? 
# 
loop_
_pdbx_modification_feature.ordinal 
_pdbx_modification_feature.label_comp_id 
_pdbx_modification_feature.label_asym_id 
_pdbx_modification_feature.label_seq_id 
_pdbx_modification_feature.label_alt_id 
_pdbx_modification_feature.modified_residue_label_comp_id 
_pdbx_modification_feature.modified_residue_label_asym_id 
_pdbx_modification_feature.modified_residue_label_seq_id 
_pdbx_modification_feature.modified_residue_label_alt_id 
_pdbx_modification_feature.auth_comp_id 
_pdbx_modification_feature.auth_asym_id 
_pdbx_modification_feature.auth_seq_id 
_pdbx_modification_feature.PDB_ins_code 
_pdbx_modification_feature.symmetry 
_pdbx_modification_feature.modified_residue_auth_comp_id 
_pdbx_modification_feature.modified_residue_auth_asym_id 
_pdbx_modification_feature.modified_residue_auth_seq_id 
_pdbx_modification_feature.modified_residue_PDB_ins_code 
_pdbx_modification_feature.modified_residue_symmetry 
_pdbx_modification_feature.comp_id_linking_atom 
_pdbx_modification_feature.modified_residue_id_linking_atom 
_pdbx_modification_feature.modified_residue_id 
_pdbx_modification_feature.ref_pcm_id 
_pdbx_modification_feature.ref_comp_id 
_pdbx_modification_feature.type 
_pdbx_modification_feature.category 
1 CYS A 18 ? CYS A 49  ? CYS AAA 18 ? 1_555 CYS AAA 49  ? 1_555 SG SG . . . None 'Disulfide bridge' 
2 CYS A 45 ? CYS A 102 ? CYS AAA 45 ? 1_555 CYS AAA 102 ? 1_555 SG SG . . . None 'Disulfide bridge' 
3 CYS A 91 ? CYS A 111 ? CYS AAA 91 ? 1_555 CYS AAA 111 ? 1_555 SG SG . . . None 'Disulfide bridge' 
# 
_pdbx_entry_details.entry_id                   8BXW 
_pdbx_entry_details.has_ligand_of_interest     Y 
_pdbx_entry_details.compound_details           ? 
_pdbx_entry_details.source_details             ? 
_pdbx_entry_details.nonpolymer_details         ? 
_pdbx_entry_details.sequence_details           ? 
_pdbx_entry_details.has_protein_modification   Y 
# 
_pdbx_distant_solvent_atoms.id                                1 
_pdbx_distant_solvent_atoms.PDB_model_num                     1 
_pdbx_distant_solvent_atoms.auth_atom_id                      O 
_pdbx_distant_solvent_atoms.label_alt_id                      ? 
_pdbx_distant_solvent_atoms.auth_asym_id                      AAA 
_pdbx_distant_solvent_atoms.auth_comp_id                      HOH 
_pdbx_distant_solvent_atoms.auth_seq_id                       524 
_pdbx_distant_solvent_atoms.PDB_ins_code                      ? 
_pdbx_distant_solvent_atoms.neighbor_macromolecule_distance   6.34 
_pdbx_distant_solvent_atoms.neighbor_ligand_distance          . 
# 
loop_
_chem_comp_atom.comp_id 
_chem_comp_atom.atom_id 
_chem_comp_atom.type_symbol 
_chem_comp_atom.pdbx_aromatic_flag 
_chem_comp_atom.pdbx_stereo_config 
_chem_comp_atom.pdbx_ordinal 
1BO C1   C  N N 1   
1BO C2   C  N N 2   
1BO C3   C  N N 3   
1BO C4   C  N N 4   
1BO OH   O  N N 5   
1BO H11  H  N N 6   
1BO H12  H  N N 7   
1BO H13  H  N N 8   
1BO H21  H  N N 9   
1BO H22  H  N N 10  
1BO H31  H  N N 11  
1BO H32  H  N N 12  
1BO H41  H  N N 13  
1BO H42  H  N N 14  
1BO HO   H  N N 15  
ALA N    N  N N 16  
ALA CA   C  N S 17  
ALA C    C  N N 18  
ALA O    O  N N 19  
ALA CB   C  N N 20  
ALA OXT  O  N N 21  
ALA H    H  N N 22  
ALA H2   H  N N 23  
ALA HA   H  N N 24  
ALA HB1  H  N N 25  
ALA HB2  H  N N 26  
ALA HB3  H  N N 27  
ALA HXT  H  N N 28  
ARG N    N  N N 29  
ARG CA   C  N S 30  
ARG C    C  N N 31  
ARG O    O  N N 32  
ARG CB   C  N N 33  
ARG CG   C  N N 34  
ARG CD   C  N N 35  
ARG NE   N  N N 36  
ARG CZ   C  N N 37  
ARG NH1  N  N N 38  
ARG NH2  N  N N 39  
ARG OXT  O  N N 40  
ARG H    H  N N 41  
ARG H2   H  N N 42  
ARG HA   H  N N 43  
ARG HB2  H  N N 44  
ARG HB3  H  N N 45  
ARG HG2  H  N N 46  
ARG HG3  H  N N 47  
ARG HD2  H  N N 48  
ARG HD3  H  N N 49  
ARG HE   H  N N 50  
ARG HH11 H  N N 51  
ARG HH12 H  N N 52  
ARG HH21 H  N N 53  
ARG HH22 H  N N 54  
ARG HXT  H  N N 55  
ASN N    N  N N 56  
ASN CA   C  N S 57  
ASN C    C  N N 58  
ASN O    O  N N 59  
ASN CB   C  N N 60  
ASN CG   C  N N 61  
ASN OD1  O  N N 62  
ASN ND2  N  N N 63  
ASN OXT  O  N N 64  
ASN H    H  N N 65  
ASN H2   H  N N 66  
ASN HA   H  N N 67  
ASN HB2  H  N N 68  
ASN HB3  H  N N 69  
ASN HD21 H  N N 70  
ASN HD22 H  N N 71  
ASN HXT  H  N N 72  
ASP N    N  N N 73  
ASP CA   C  N S 74  
ASP C    C  N N 75  
ASP O    O  N N 76  
ASP CB   C  N N 77  
ASP CG   C  N N 78  
ASP OD1  O  N N 79  
ASP OD2  O  N N 80  
ASP OXT  O  N N 81  
ASP H    H  N N 82  
ASP H2   H  N N 83  
ASP HA   H  N N 84  
ASP HB2  H  N N 85  
ASP HB3  H  N N 86  
ASP HD2  H  N N 87  
ASP HXT  H  N N 88  
CYS N    N  N N 89  
CYS CA   C  N R 90  
CYS C    C  N N 91  
CYS O    O  N N 92  
CYS CB   C  N N 93  
CYS SG   S  N N 94  
CYS OXT  O  N N 95  
CYS H    H  N N 96  
CYS H2   H  N N 97  
CYS HA   H  N N 98  
CYS HB2  H  N N 99  
CYS HB3  H  N N 100 
CYS HG   H  N N 101 
CYS HXT  H  N N 102 
GLN N    N  N N 103 
GLN CA   C  N S 104 
GLN C    C  N N 105 
GLN O    O  N N 106 
GLN CB   C  N N 107 
GLN CG   C  N N 108 
GLN CD   C  N N 109 
GLN OE1  O  N N 110 
GLN NE2  N  N N 111 
GLN OXT  O  N N 112 
GLN H    H  N N 113 
GLN H2   H  N N 114 
GLN HA   H  N N 115 
GLN HB2  H  N N 116 
GLN HB3  H  N N 117 
GLN HG2  H  N N 118 
GLN HG3  H  N N 119 
GLN HE21 H  N N 120 
GLN HE22 H  N N 121 
GLN HXT  H  N N 122 
GLU N    N  N N 123 
GLU CA   C  N S 124 
GLU C    C  N N 125 
GLU O    O  N N 126 
GLU CB   C  N N 127 
GLU CG   C  N N 128 
GLU CD   C  N N 129 
GLU OE1  O  N N 130 
GLU OE2  O  N N 131 
GLU OXT  O  N N 132 
GLU H    H  N N 133 
GLU H2   H  N N 134 
GLU HA   H  N N 135 
GLU HB2  H  N N 136 
GLU HB3  H  N N 137 
GLU HG2  H  N N 138 
GLU HG3  H  N N 139 
GLU HE2  H  N N 140 
GLU HXT  H  N N 141 
GLY N    N  N N 142 
GLY CA   C  N N 143 
GLY C    C  N N 144 
GLY O    O  N N 145 
GLY OXT  O  N N 146 
GLY H    H  N N 147 
GLY H2   H  N N 148 
GLY HA2  H  N N 149 
GLY HA3  H  N N 150 
GLY HXT  H  N N 151 
HIS N    N  N N 152 
HIS CA   C  N S 153 
HIS C    C  N N 154 
HIS O    O  N N 155 
HIS CB   C  N N 156 
HIS CG   C  Y N 157 
HIS ND1  N  Y N 158 
HIS CD2  C  Y N 159 
HIS CE1  C  Y N 160 
HIS NE2  N  Y N 161 
HIS OXT  O  N N 162 
HIS H    H  N N 163 
HIS H2   H  N N 164 
HIS HA   H  N N 165 
HIS HB2  H  N N 166 
HIS HB3  H  N N 167 
HIS HD1  H  N N 168 
HIS HD2  H  N N 169 
HIS HE1  H  N N 170 
HIS HE2  H  N N 171 
HIS HXT  H  N N 172 
HOH O    O  N N 173 
HOH H1   H  N N 174 
HOH H2   H  N N 175 
ILE N    N  N N 176 
ILE CA   C  N S 177 
ILE C    C  N N 178 
ILE O    O  N N 179 
ILE CB   C  N S 180 
ILE CG1  C  N N 181 
ILE CG2  C  N N 182 
ILE CD1  C  N N 183 
ILE OXT  O  N N 184 
ILE H    H  N N 185 
ILE H2   H  N N 186 
ILE HA   H  N N 187 
ILE HB   H  N N 188 
ILE HG12 H  N N 189 
ILE HG13 H  N N 190 
ILE HG21 H  N N 191 
ILE HG22 H  N N 192 
ILE HG23 H  N N 193 
ILE HD11 H  N N 194 
ILE HD12 H  N N 195 
ILE HD13 H  N N 196 
ILE HXT  H  N N 197 
LEU N    N  N N 198 
LEU CA   C  N S 199 
LEU C    C  N N 200 
LEU O    O  N N 201 
LEU CB   C  N N 202 
LEU CG   C  N N 203 
LEU CD1  C  N N 204 
LEU CD2  C  N N 205 
LEU OXT  O  N N 206 
LEU H    H  N N 207 
LEU H2   H  N N 208 
LEU HA   H  N N 209 
LEU HB2  H  N N 210 
LEU HB3  H  N N 211 
LEU HG   H  N N 212 
LEU HD11 H  N N 213 
LEU HD12 H  N N 214 
LEU HD13 H  N N 215 
LEU HD21 H  N N 216 
LEU HD22 H  N N 217 
LEU HD23 H  N N 218 
LEU HXT  H  N N 219 
LYS N    N  N N 220 
LYS CA   C  N S 221 
LYS C    C  N N 222 
LYS O    O  N N 223 
LYS CB   C  N N 224 
LYS CG   C  N N 225 
LYS CD   C  N N 226 
LYS CE   C  N N 227 
LYS NZ   N  N N 228 
LYS OXT  O  N N 229 
LYS H    H  N N 230 
LYS H2   H  N N 231 
LYS HA   H  N N 232 
LYS HB2  H  N N 233 
LYS HB3  H  N N 234 
LYS HG2  H  N N 235 
LYS HG3  H  N N 236 
LYS HD2  H  N N 237 
LYS HD3  H  N N 238 
LYS HE2  H  N N 239 
LYS HE3  H  N N 240 
LYS HZ1  H  N N 241 
LYS HZ2  H  N N 242 
LYS HZ3  H  N N 243 
LYS HXT  H  N N 244 
MET N    N  N N 245 
MET CA   C  N S 246 
MET C    C  N N 247 
MET O    O  N N 248 
MET CB   C  N N 249 
MET CG   C  N N 250 
MET SD   S  N N 251 
MET CE   C  N N 252 
MET OXT  O  N N 253 
MET H    H  N N 254 
MET H2   H  N N 255 
MET HA   H  N N 256 
MET HB2  H  N N 257 
MET HB3  H  N N 258 
MET HG2  H  N N 259 
MET HG3  H  N N 260 
MET HE1  H  N N 261 
MET HE2  H  N N 262 
MET HE3  H  N N 263 
MET HXT  H  N N 264 
MPD C1   C  N N 265 
MPD C2   C  N N 266 
MPD O2   O  N N 267 
MPD CM   C  N N 268 
MPD C3   C  N N 269 
MPD C4   C  N S 270 
MPD O4   O  N N 271 
MPD C5   C  N N 272 
MPD H11  H  N N 273 
MPD H12  H  N N 274 
MPD H13  H  N N 275 
MPD HO2  H  N N 276 
MPD HM1  H  N N 277 
MPD HM2  H  N N 278 
MPD HM3  H  N N 279 
MPD H31  H  N N 280 
MPD H32  H  N N 281 
MPD H4   H  N N 282 
MPD HO4  H  N N 283 
MPD H51  H  N N 284 
MPD H52  H  N N 285 
MPD H53  H  N N 286 
NA  NA   NA N N 287 
PGR C1   C  N N 288 
PGR C2   C  N R 289 
PGR C3   C  N N 290 
PGR O1   O  N N 291 
PGR O2   O  N N 292 
PGR H11  H  N N 293 
PGR H12  H  N N 294 
PGR H2   H  N N 295 
PGR H31  H  N N 296 
PGR H32  H  N N 297 
PGR H33  H  N N 298 
PGR HO1  H  N N 299 
PGR HO2  H  N N 300 
PHE N    N  N N 301 
PHE CA   C  N S 302 
PHE C    C  N N 303 
PHE O    O  N N 304 
PHE CB   C  N N 305 
PHE CG   C  Y N 306 
PHE CD1  C  Y N 307 
PHE CD2  C  Y N 308 
PHE CE1  C  Y N 309 
PHE CE2  C  Y N 310 
PHE CZ   C  Y N 311 
PHE OXT  O  N N 312 
PHE H    H  N N 313 
PHE H2   H  N N 314 
PHE HA   H  N N 315 
PHE HB2  H  N N 316 
PHE HB3  H  N N 317 
PHE HD1  H  N N 318 
PHE HD2  H  N N 319 
PHE HE1  H  N N 320 
PHE HE2  H  N N 321 
PHE HZ   H  N N 322 
PHE HXT  H  N N 323 
PRO N    N  N N 324 
PRO CA   C  N S 325 
PRO C    C  N N 326 
PRO O    O  N N 327 
PRO CB   C  N N 328 
PRO CG   C  N N 329 
PRO CD   C  N N 330 
PRO OXT  O  N N 331 
PRO H    H  N N 332 
PRO HA   H  N N 333 
PRO HB2  H  N N 334 
PRO HB3  H  N N 335 
PRO HG2  H  N N 336 
PRO HG3  H  N N 337 
PRO HD2  H  N N 338 
PRO HD3  H  N N 339 
PRO HXT  H  N N 340 
S5V CAI  C  N N 341 
S5V CAH  C  N N 342 
S5V CAJ  C  N N 343 
S5V CAE  C  Y N 344 
S5V CAD  C  Y N 345 
S5V CAC  C  Y N 346 
S5V OAK  O  N N 347 
S5V CAB  C  Y N 348 
S5V CAA  C  N N 349 
S5V CAG  C  Y N 350 
S5V CAF  C  Y N 351 
S5V H1   H  N N 352 
S5V H2   H  N N 353 
S5V H3   H  N N 354 
S5V H4   H  N N 355 
S5V H5   H  N N 356 
S5V H6   H  N N 357 
S5V H7   H  N N 358 
S5V H8   H  N N 359 
S5V H9   H  N N 360 
S5V H10  H  N N 361 
S5V H11  H  N N 362 
S5V H12  H  N N 363 
S5V H13  H  N N 364 
S5V H14  H  N N 365 
SER N    N  N N 366 
SER CA   C  N S 367 
SER C    C  N N 368 
SER O    O  N N 369 
SER CB   C  N N 370 
SER OG   O  N N 371 
SER OXT  O  N N 372 
SER H    H  N N 373 
SER H2   H  N N 374 
SER HA   H  N N 375 
SER HB2  H  N N 376 
SER HB3  H  N N 377 
SER HG   H  N N 378 
SER HXT  H  N N 379 
THR N    N  N N 380 
THR CA   C  N S 381 
THR C    C  N N 382 
THR O    O  N N 383 
THR CB   C  N R 384 
THR OG1  O  N N 385 
THR CG2  C  N N 386 
THR OXT  O  N N 387 
THR H    H  N N 388 
THR H2   H  N N 389 
THR HA   H  N N 390 
THR HB   H  N N 391 
THR HG1  H  N N 392 
THR HG21 H  N N 393 
THR HG22 H  N N 394 
THR HG23 H  N N 395 
THR HXT  H  N N 396 
TYR N    N  N N 397 
TYR CA   C  N S 398 
TYR C    C  N N 399 
TYR O    O  N N 400 
TYR CB   C  N N 401 
TYR CG   C  Y N 402 
TYR CD1  C  Y N 403 
TYR CD2  C  Y N 404 
TYR CE1  C  Y N 405 
TYR CE2  C  Y N 406 
TYR CZ   C  Y N 407 
TYR OH   O  N N 408 
TYR OXT  O  N N 409 
TYR H    H  N N 410 
TYR H2   H  N N 411 
TYR HA   H  N N 412 
TYR HB2  H  N N 413 
TYR HB3  H  N N 414 
TYR HD1  H  N N 415 
TYR HD2  H  N N 416 
TYR HE1  H  N N 417 
TYR HE2  H  N N 418 
TYR HH   H  N N 419 
TYR HXT  H  N N 420 
VAL N    N  N N 421 
VAL CA   C  N S 422 
VAL C    C  N N 423 
VAL O    O  N N 424 
VAL CB   C  N N 425 
VAL CG1  C  N N 426 
VAL CG2  C  N N 427 
VAL OXT  O  N N 428 
VAL H    H  N N 429 
VAL H2   H  N N 430 
VAL HA   H  N N 431 
VAL HB   H  N N 432 
VAL HG11 H  N N 433 
VAL HG12 H  N N 434 
VAL HG13 H  N N 435 
VAL HG21 H  N N 436 
VAL HG22 H  N N 437 
VAL HG23 H  N N 438 
VAL HXT  H  N N 439 
# 
loop_
_chem_comp_bond.comp_id 
_chem_comp_bond.atom_id_1 
_chem_comp_bond.atom_id_2 
_chem_comp_bond.value_order 
_chem_comp_bond.pdbx_aromatic_flag 
_chem_comp_bond.pdbx_stereo_config 
_chem_comp_bond.pdbx_ordinal 
1BO C1  C2   sing N N 1   
1BO C1  H11  sing N N 2   
1BO C1  H12  sing N N 3   
1BO C1  H13  sing N N 4   
1BO C2  C3   sing N N 5   
1BO C2  H21  sing N N 6   
1BO C2  H22  sing N N 7   
1BO C3  C4   sing N N 8   
1BO C3  H31  sing N N 9   
1BO C3  H32  sing N N 10  
1BO C4  OH   sing N N 11  
1BO C4  H41  sing N N 12  
1BO C4  H42  sing N N 13  
1BO OH  HO   sing N N 14  
ALA N   CA   sing N N 15  
ALA N   H    sing N N 16  
ALA N   H2   sing N N 17  
ALA CA  C    sing N N 18  
ALA CA  CB   sing N N 19  
ALA CA  HA   sing N N 20  
ALA C   O    doub N N 21  
ALA C   OXT  sing N N 22  
ALA CB  HB1  sing N N 23  
ALA CB  HB2  sing N N 24  
ALA CB  HB3  sing N N 25  
ALA OXT HXT  sing N N 26  
ARG N   CA   sing N N 27  
ARG N   H    sing N N 28  
ARG N   H2   sing N N 29  
ARG CA  C    sing N N 30  
ARG CA  CB   sing N N 31  
ARG CA  HA   sing N N 32  
ARG C   O    doub N N 33  
ARG C   OXT  sing N N 34  
ARG CB  CG   sing N N 35  
ARG CB  HB2  sing N N 36  
ARG CB  HB3  sing N N 37  
ARG CG  CD   sing N N 38  
ARG CG  HG2  sing N N 39  
ARG CG  HG3  sing N N 40  
ARG CD  NE   sing N N 41  
ARG CD  HD2  sing N N 42  
ARG CD  HD3  sing N N 43  
ARG NE  CZ   sing N N 44  
ARG NE  HE   sing N N 45  
ARG CZ  NH1  sing N N 46  
ARG CZ  NH2  doub N N 47  
ARG NH1 HH11 sing N N 48  
ARG NH1 HH12 sing N N 49  
ARG NH2 HH21 sing N N 50  
ARG NH2 HH22 sing N N 51  
ARG OXT HXT  sing N N 52  
ASN N   CA   sing N N 53  
ASN N   H    sing N N 54  
ASN N   H2   sing N N 55  
ASN CA  C    sing N N 56  
ASN CA  CB   sing N N 57  
ASN CA  HA   sing N N 58  
ASN C   O    doub N N 59  
ASN C   OXT  sing N N 60  
ASN CB  CG   sing N N 61  
ASN CB  HB2  sing N N 62  
ASN CB  HB3  sing N N 63  
ASN CG  OD1  doub N N 64  
ASN CG  ND2  sing N N 65  
ASN ND2 HD21 sing N N 66  
ASN ND2 HD22 sing N N 67  
ASN OXT HXT  sing N N 68  
ASP N   CA   sing N N 69  
ASP N   H    sing N N 70  
ASP N   H2   sing N N 71  
ASP CA  C    sing N N 72  
ASP CA  CB   sing N N 73  
ASP CA  HA   sing N N 74  
ASP C   O    doub N N 75  
ASP C   OXT  sing N N 76  
ASP CB  CG   sing N N 77  
ASP CB  HB2  sing N N 78  
ASP CB  HB3  sing N N 79  
ASP CG  OD1  doub N N 80  
ASP CG  OD2  sing N N 81  
ASP OD2 HD2  sing N N 82  
ASP OXT HXT  sing N N 83  
CYS N   CA   sing N N 84  
CYS N   H    sing N N 85  
CYS N   H2   sing N N 86  
CYS CA  C    sing N N 87  
CYS CA  CB   sing N N 88  
CYS CA  HA   sing N N 89  
CYS C   O    doub N N 90  
CYS C   OXT  sing N N 91  
CYS CB  SG   sing N N 92  
CYS CB  HB2  sing N N 93  
CYS CB  HB3  sing N N 94  
CYS SG  HG   sing N N 95  
CYS OXT HXT  sing N N 96  
GLN N   CA   sing N N 97  
GLN N   H    sing N N 98  
GLN N   H2   sing N N 99  
GLN CA  C    sing N N 100 
GLN CA  CB   sing N N 101 
GLN CA  HA   sing N N 102 
GLN C   O    doub N N 103 
GLN C   OXT  sing N N 104 
GLN CB  CG   sing N N 105 
GLN CB  HB2  sing N N 106 
GLN CB  HB3  sing N N 107 
GLN CG  CD   sing N N 108 
GLN CG  HG2  sing N N 109 
GLN CG  HG3  sing N N 110 
GLN CD  OE1  doub N N 111 
GLN CD  NE2  sing N N 112 
GLN NE2 HE21 sing N N 113 
GLN NE2 HE22 sing N N 114 
GLN OXT HXT  sing N N 115 
GLU N   CA   sing N N 116 
GLU N   H    sing N N 117 
GLU N   H2   sing N N 118 
GLU CA  C    sing N N 119 
GLU CA  CB   sing N N 120 
GLU CA  HA   sing N N 121 
GLU C   O    doub N N 122 
GLU C   OXT  sing N N 123 
GLU CB  CG   sing N N 124 
GLU CB  HB2  sing N N 125 
GLU CB  HB3  sing N N 126 
GLU CG  CD   sing N N 127 
GLU CG  HG2  sing N N 128 
GLU CG  HG3  sing N N 129 
GLU CD  OE1  doub N N 130 
GLU CD  OE2  sing N N 131 
GLU OE2 HE2  sing N N 132 
GLU OXT HXT  sing N N 133 
GLY N   CA   sing N N 134 
GLY N   H    sing N N 135 
GLY N   H2   sing N N 136 
GLY CA  C    sing N N 137 
GLY CA  HA2  sing N N 138 
GLY CA  HA3  sing N N 139 
GLY C   O    doub N N 140 
GLY C   OXT  sing N N 141 
GLY OXT HXT  sing N N 142 
HIS N   CA   sing N N 143 
HIS N   H    sing N N 144 
HIS N   H2   sing N N 145 
HIS CA  C    sing N N 146 
HIS CA  CB   sing N N 147 
HIS CA  HA   sing N N 148 
HIS C   O    doub N N 149 
HIS C   OXT  sing N N 150 
HIS CB  CG   sing N N 151 
HIS CB  HB2  sing N N 152 
HIS CB  HB3  sing N N 153 
HIS CG  ND1  sing Y N 154 
HIS CG  CD2  doub Y N 155 
HIS ND1 CE1  doub Y N 156 
HIS ND1 HD1  sing N N 157 
HIS CD2 NE2  sing Y N 158 
HIS CD2 HD2  sing N N 159 
HIS CE1 NE2  sing Y N 160 
HIS CE1 HE1  sing N N 161 
HIS NE2 HE2  sing N N 162 
HIS OXT HXT  sing N N 163 
HOH O   H1   sing N N 164 
HOH O   H2   sing N N 165 
ILE N   CA   sing N N 166 
ILE N   H    sing N N 167 
ILE N   H2   sing N N 168 
ILE CA  C    sing N N 169 
ILE CA  CB   sing N N 170 
ILE CA  HA   sing N N 171 
ILE C   O    doub N N 172 
ILE C   OXT  sing N N 173 
ILE CB  CG1  sing N N 174 
ILE CB  CG2  sing N N 175 
ILE CB  HB   sing N N 176 
ILE CG1 CD1  sing N N 177 
ILE CG1 HG12 sing N N 178 
ILE CG1 HG13 sing N N 179 
ILE CG2 HG21 sing N N 180 
ILE CG2 HG22 sing N N 181 
ILE CG2 HG23 sing N N 182 
ILE CD1 HD11 sing N N 183 
ILE CD1 HD12 sing N N 184 
ILE CD1 HD13 sing N N 185 
ILE OXT HXT  sing N N 186 
LEU N   CA   sing N N 187 
LEU N   H    sing N N 188 
LEU N   H2   sing N N 189 
LEU CA  C    sing N N 190 
LEU CA  CB   sing N N 191 
LEU CA  HA   sing N N 192 
LEU C   O    doub N N 193 
LEU C   OXT  sing N N 194 
LEU CB  CG   sing N N 195 
LEU CB  HB2  sing N N 196 
LEU CB  HB3  sing N N 197 
LEU CG  CD1  sing N N 198 
LEU CG  CD2  sing N N 199 
LEU CG  HG   sing N N 200 
LEU CD1 HD11 sing N N 201 
LEU CD1 HD12 sing N N 202 
LEU CD1 HD13 sing N N 203 
LEU CD2 HD21 sing N N 204 
LEU CD2 HD22 sing N N 205 
LEU CD2 HD23 sing N N 206 
LEU OXT HXT  sing N N 207 
LYS N   CA   sing N N 208 
LYS N   H    sing N N 209 
LYS N   H2   sing N N 210 
LYS CA  C    sing N N 211 
LYS CA  CB   sing N N 212 
LYS CA  HA   sing N N 213 
LYS C   O    doub N N 214 
LYS C   OXT  sing N N 215 
LYS CB  CG   sing N N 216 
LYS CB  HB2  sing N N 217 
LYS CB  HB3  sing N N 218 
LYS CG  CD   sing N N 219 
LYS CG  HG2  sing N N 220 
LYS CG  HG3  sing N N 221 
LYS CD  CE   sing N N 222 
LYS CD  HD2  sing N N 223 
LYS CD  HD3  sing N N 224 
LYS CE  NZ   sing N N 225 
LYS CE  HE2  sing N N 226 
LYS CE  HE3  sing N N 227 
LYS NZ  HZ1  sing N N 228 
LYS NZ  HZ2  sing N N 229 
LYS NZ  HZ3  sing N N 230 
LYS OXT HXT  sing N N 231 
MET N   CA   sing N N 232 
MET N   H    sing N N 233 
MET N   H2   sing N N 234 
MET CA  C    sing N N 235 
MET CA  CB   sing N N 236 
MET CA  HA   sing N N 237 
MET C   O    doub N N 238 
MET C   OXT  sing N N 239 
MET CB  CG   sing N N 240 
MET CB  HB2  sing N N 241 
MET CB  HB3  sing N N 242 
MET CG  SD   sing N N 243 
MET CG  HG2  sing N N 244 
MET CG  HG3  sing N N 245 
MET SD  CE   sing N N 246 
MET CE  HE1  sing N N 247 
MET CE  HE2  sing N N 248 
MET CE  HE3  sing N N 249 
MET OXT HXT  sing N N 250 
MPD C1  C2   sing N N 251 
MPD C1  H11  sing N N 252 
MPD C1  H12  sing N N 253 
MPD C1  H13  sing N N 254 
MPD C2  O2   sing N N 255 
MPD C2  CM   sing N N 256 
MPD C2  C3   sing N N 257 
MPD O2  HO2  sing N N 258 
MPD CM  HM1  sing N N 259 
MPD CM  HM2  sing N N 260 
MPD CM  HM3  sing N N 261 
MPD C3  C4   sing N N 262 
MPD C3  H31  sing N N 263 
MPD C3  H32  sing N N 264 
MPD C4  O4   sing N N 265 
MPD C4  C5   sing N N 266 
MPD C4  H4   sing N N 267 
MPD O4  HO4  sing N N 268 
MPD C5  H51  sing N N 269 
MPD C5  H52  sing N N 270 
MPD C5  H53  sing N N 271 
PGR C1  C2   sing N N 272 
PGR C1  O1   sing N N 273 
PGR C1  H11  sing N N 274 
PGR C1  H12  sing N N 275 
PGR C2  C3   sing N N 276 
PGR C2  O2   sing N N 277 
PGR C2  H2   sing N N 278 
PGR C3  H31  sing N N 279 
PGR C3  H32  sing N N 280 
PGR C3  H33  sing N N 281 
PGR O1  HO1  sing N N 282 
PGR O2  HO2  sing N N 283 
PHE N   CA   sing N N 284 
PHE N   H    sing N N 285 
PHE N   H2   sing N N 286 
PHE CA  C    sing N N 287 
PHE CA  CB   sing N N 288 
PHE CA  HA   sing N N 289 
PHE C   O    doub N N 290 
PHE C   OXT  sing N N 291 
PHE CB  CG   sing N N 292 
PHE CB  HB2  sing N N 293 
PHE CB  HB3  sing N N 294 
PHE CG  CD1  doub Y N 295 
PHE CG  CD2  sing Y N 296 
PHE CD1 CE1  sing Y N 297 
PHE CD1 HD1  sing N N 298 
PHE CD2 CE2  doub Y N 299 
PHE CD2 HD2  sing N N 300 
PHE CE1 CZ   doub Y N 301 
PHE CE1 HE1  sing N N 302 
PHE CE2 CZ   sing Y N 303 
PHE CE2 HE2  sing N N 304 
PHE CZ  HZ   sing N N 305 
PHE OXT HXT  sing N N 306 
PRO N   CA   sing N N 307 
PRO N   CD   sing N N 308 
PRO N   H    sing N N 309 
PRO CA  C    sing N N 310 
PRO CA  CB   sing N N 311 
PRO CA  HA   sing N N 312 
PRO C   O    doub N N 313 
PRO C   OXT  sing N N 314 
PRO CB  CG   sing N N 315 
PRO CB  HB2  sing N N 316 
PRO CB  HB3  sing N N 317 
PRO CG  CD   sing N N 318 
PRO CG  HG2  sing N N 319 
PRO CG  HG3  sing N N 320 
PRO CD  HD2  sing N N 321 
PRO CD  HD3  sing N N 322 
PRO OXT HXT  sing N N 323 
S5V CAI CAH  sing N N 324 
S5V CAH CAE  sing N N 325 
S5V CAH CAJ  sing N N 326 
S5V CAD CAE  doub Y N 327 
S5V CAD CAC  sing Y N 328 
S5V OAK CAC  sing N N 329 
S5V CAE CAF  sing Y N 330 
S5V CAC CAB  doub Y N 331 
S5V CAF CAG  doub Y N 332 
S5V CAB CAG  sing Y N 333 
S5V CAB CAA  sing N N 334 
S5V CAI H1   sing N N 335 
S5V CAI H2   sing N N 336 
S5V CAI H3   sing N N 337 
S5V CAH H4   sing N N 338 
S5V CAJ H5   sing N N 339 
S5V CAJ H6   sing N N 340 
S5V CAJ H7   sing N N 341 
S5V CAD H8   sing N N 342 
S5V OAK H9   sing N N 343 
S5V CAA H10  sing N N 344 
S5V CAA H11  sing N N 345 
S5V CAA H12  sing N N 346 
S5V CAG H13  sing N N 347 
S5V CAF H14  sing N N 348 
SER N   CA   sing N N 349 
SER N   H    sing N N 350 
SER N   H2   sing N N 351 
SER CA  C    sing N N 352 
SER CA  CB   sing N N 353 
SER CA  HA   sing N N 354 
SER C   O    doub N N 355 
SER C   OXT  sing N N 356 
SER CB  OG   sing N N 357 
SER CB  HB2  sing N N 358 
SER CB  HB3  sing N N 359 
SER OG  HG   sing N N 360 
SER OXT HXT  sing N N 361 
THR N   CA   sing N N 362 
THR N   H    sing N N 363 
THR N   H2   sing N N 364 
THR CA  C    sing N N 365 
THR CA  CB   sing N N 366 
THR CA  HA   sing N N 367 
THR C   O    doub N N 368 
THR C   OXT  sing N N 369 
THR CB  OG1  sing N N 370 
THR CB  CG2  sing N N 371 
THR CB  HB   sing N N 372 
THR OG1 HG1  sing N N 373 
THR CG2 HG21 sing N N 374 
THR CG2 HG22 sing N N 375 
THR CG2 HG23 sing N N 376 
THR OXT HXT  sing N N 377 
TYR N   CA   sing N N 378 
TYR N   H    sing N N 379 
TYR N   H2   sing N N 380 
TYR CA  C    sing N N 381 
TYR CA  CB   sing N N 382 
TYR CA  HA   sing N N 383 
TYR C   O    doub N N 384 
TYR C   OXT  sing N N 385 
TYR CB  CG   sing N N 386 
TYR CB  HB2  sing N N 387 
TYR CB  HB3  sing N N 388 
TYR CG  CD1  doub Y N 389 
TYR CG  CD2  sing Y N 390 
TYR CD1 CE1  sing Y N 391 
TYR CD1 HD1  sing N N 392 
TYR CD2 CE2  doub Y N 393 
TYR CD2 HD2  sing N N 394 
TYR CE1 CZ   doub Y N 395 
TYR CE1 HE1  sing N N 396 
TYR CE2 CZ   sing Y N 397 
TYR CE2 HE2  sing N N 398 
TYR CZ  OH   sing N N 399 
TYR OH  HH   sing N N 400 
TYR OXT HXT  sing N N 401 
VAL N   CA   sing N N 402 
VAL N   H    sing N N 403 
VAL N   H2   sing N N 404 
VAL CA  C    sing N N 405 
VAL CA  CB   sing N N 406 
VAL CA  HA   sing N N 407 
VAL C   O    doub N N 408 
VAL C   OXT  sing N N 409 
VAL CB  CG1  sing N N 410 
VAL CB  CG2  sing N N 411 
VAL CB  HB   sing N N 412 
VAL CG1 HG11 sing N N 413 
VAL CG1 HG12 sing N N 414 
VAL CG1 HG13 sing N N 415 
VAL CG2 HG21 sing N N 416 
VAL CG2 HG22 sing N N 417 
VAL CG2 HG23 sing N N 418 
VAL OXT HXT  sing N N 419 
# 
loop_
_pdbx_audit_support.funding_organization 
_pdbx_audit_support.country 
_pdbx_audit_support.grant_number 
_pdbx_audit_support.ordinal 
'Other government' Greece T1EDK-00996 1 
'Other government' Greece MIS5000432  2 
# 
_pdbx_initial_refinement_model.id               1 
_pdbx_initial_refinement_model.entity_id_list   ? 
_pdbx_initial_refinement_model.type             'experimental model' 
_pdbx_initial_refinement_model.source_name      PDB 
_pdbx_initial_refinement_model.accession_code   8BXU 
_pdbx_initial_refinement_model.details          ? 
# 
_atom_sites.entry_id                    8BXW 
_atom_sites.Cartn_transf_matrix[1][1]   ? 
_atom_sites.Cartn_transf_matrix[1][2]   ? 
_atom_sites.Cartn_transf_matrix[1][3]   ? 
_atom_sites.Cartn_transf_matrix[2][1]   ? 
_atom_sites.Cartn_transf_matrix[2][2]   ? 
_atom_sites.Cartn_transf_matrix[2][3]   ? 
_atom_sites.Cartn_transf_matrix[3][1]   ? 
_atom_sites.Cartn_transf_matrix[3][2]   ? 
_atom_sites.Cartn_transf_matrix[3][3]   ? 
_atom_sites.Cartn_transf_vector[1]      ? 
_atom_sites.Cartn_transf_vector[2]      ? 
_atom_sites.Cartn_transf_vector[3]      ? 
_atom_sites.fract_transf_matrix[1][1]   0.00510611 
_atom_sites.fract_transf_matrix[1][2]   -0.02808960 
_atom_sites.fract_transf_matrix[1][3]   0.00828679 
_atom_sites.fract_transf_matrix[2][1]   0.00019383 
_atom_sites.fract_transf_matrix[2][2]   0.00774023 
_atom_sites.fract_transf_matrix[2][3]   0.02611749 
_atom_sites.fract_transf_matrix[3][1]   -0.01736867 
_atom_sites.fract_transf_matrix[3][2]   -0.00657927 
_atom_sites.fract_transf_matrix[3][3]   0.00207875 
_atom_sites.fract_transf_vector[1]      0.319584 
_atom_sites.fract_transf_vector[2]      0.023513 
_atom_sites.fract_transf_vector[3]      0.244922 
_atom_sites.solution_primary            ? 
_atom_sites.solution_secondary          ? 
_atom_sites.solution_hydrogens          ? 
_atom_sites.special_details             ? 
# 
loop_
_atom_type.symbol 
_atom_type.pdbx_scat_Z 
_atom_type.pdbx_N_electrons 
_atom_type.scat_Cromer_Mann_a1 
_atom_type.scat_Cromer_Mann_b1 
_atom_type.scat_Cromer_Mann_a2 
_atom_type.scat_Cromer_Mann_b2 
_atom_type.scat_Cromer_Mann_a3 
_atom_type.scat_Cromer_Mann_b3 
_atom_type.scat_Cromer_Mann_a4 
_atom_type.scat_Cromer_Mann_b4 
_atom_type.scat_Cromer_Mann_c 
C  6  6  2.310  20.844 1.020 10.208 1.589 0.569  0.865 51.651  0.216   
H  1  1  0.493  10.511 0.323 26.126 0.140 3.142  0.041 57.800  0.003   
N  7  7  12.222 0.006  3.135 9.893  2.014 28.997 1.167 0.583   -11.538 
NA 11 11 4.766  3.285  3.176 8.842  1.268 0.314  1.114 129.424 0.726   
O  8  8  3.049  13.277 2.287 5.701  1.546 0.324  0.867 32.909  0.251   
S  16 16 6.905  1.468  5.203 22.215 1.438 0.254  1.586 56.172  1.031   
# 
loop_
_atom_site.group_PDB 
_atom_site.id 
_atom_site.type_symbol 
_atom_site.label_atom_id 
_atom_site.label_alt_id 
_atom_site.label_comp_id 
_atom_site.label_asym_id 
_atom_site.label_entity_id 
_atom_site.label_seq_id 
_atom_site.pdbx_PDB_ins_code 
_atom_site.Cartn_x 
_atom_site.Cartn_y 
_atom_site.Cartn_z 
_atom_site.occupancy 
_atom_site.B_iso_or_equiv 
_atom_site.pdbx_formal_charge 
_atom_site.auth_seq_id 
_atom_site.auth_comp_id 
_atom_site.auth_asym_id 
_atom_site.auth_atom_id 
_atom_site.pdbx_PDB_model_num 
_atom_site.calc_flag 
ATOM   1    N  N   . ALA A 1 1   ? 14.475  6.323   10.718  1.000 33.755 ? 1   ALA AAA N   1 ? 
ATOM   2    C  CA  . ALA A 1 1   ? 13.305  5.601   10.147  1.000 29.016 ? 1   ALA AAA CA  1 ? 
ATOM   3    C  C   . ALA A 1 1   ? 12.628  4.830   11.277  1.000 31.318 ? 1   ALA AAA C   1 ? 
ATOM   4    O  O   . ALA A 1 1   ? 13.184  4.753   12.393  1.000 31.570 ? 1   ALA AAA O   1 ? 
ATOM   5    C  CB  . ALA A 1 1   ? 13.762  4.704   9.020   1.000 32.139 ? 1   ALA AAA CB  1 ? 
ATOM   6    N  N   . MET A 1 2   ? 11.459  4.265   11.006  1.000 27.467 ? 2   MET AAA N   1 ? 
ATOM   7    C  CA  . MET A 1 2   ? 10.727  3.444   11.984  1.000 26.988 ? 2   MET AAA CA  1 ? 
ATOM   8    C  C   . MET A 1 2   ? 11.386  2.080   12.127  1.000 22.242 ? 2   MET AAA C   1 ? 
ATOM   9    O  O   . MET A 1 2   ? 11.987  1.597   11.167  1.000 24.641 ? 2   MET AAA O   1 ? 
ATOM   10   C  CB  . MET A 1 2   ? 9.297   3.236   11.492  1.000 28.805 ? 2   MET AAA CB  1 ? 
ATOM   11   C  CG  . MET A 1 2   ? 8.501   4.504   11.553  1.000 31.773 ? 2   MET AAA CG  1 ? 
ATOM   12   S  SD  . MET A 1 2   ? 6.725   4.229   11.334  1.000 37.986 ? 2   MET AAA SD  1 ? 
ATOM   13   C  CE  . MET A 1 2   ? 6.694   4.157   9.554   1.000 39.630 ? 2   MET AAA CE  1 ? 
ATOM   14   N  N   . THR A 1 3   ? 11.183  1.461   13.281  1.000 24.134 ? 3   THR AAA N   1 ? 
ATOM   15   C  CA  . THR A 1 3   ? 11.414  0.022   13.472  1.000 24.400 ? 3   THR AAA CA  1 ? 
ATOM   16   C  C   . THR A 1 3   ? 10.301  -0.719  12.750  1.000 24.374 ? 3   THR AAA C   1 ? 
ATOM   17   O  O   . THR A 1 3   ? 9.284   -0.075  12.381  1.000 23.244 ? 3   THR AAA O   1 ? 
ATOM   18   C  CB  . THR A 1 3   ? 11.418  -0.396  14.941  1.000 26.424 ? 3   THR AAA CB  1 ? 
ATOM   19   O  OG1 . THR A 1 3   ? 10.122  -0.165  15.499  1.000 26.907 ? 3   THR AAA OG1 1 ? 
ATOM   20   C  CG2 . THR A 1 3   ? 12.449  0.351   15.762  1.000 26.992 ? 3   THR AAA CG2 1 ? 
ATOM   21   N  N   A ARG A 1 4   ? 10.438  -2.029  12.589  0.500 24.747 ? 4   ARG AAA N   1 ? 
ATOM   22   N  N   B ARG A 1 4   ? 10.463  -2.023  12.577  0.500 25.806 ? 4   ARG AAA N   1 ? 
ATOM   23   C  CA  A ARG A 1 4   ? 9.353   -2.832  11.969  0.500 24.724 ? 4   ARG AAA CA  1 ? 
ATOM   24   C  CA  B ARG A 1 4   ? 9.400   -2.892  12.014  0.500 26.869 ? 4   ARG AAA CA  1 ? 
ATOM   25   C  C   A ARG A 1 4   ? 8.112   -2.780  12.871  0.500 26.716 ? 4   ARG AAA C   1 ? 
ATOM   26   C  C   B ARG A 1 4   ? 8.134   -2.776  12.869  0.500 27.713 ? 4   ARG AAA C   1 ? 
ATOM   27   O  O   A ARG A 1 4   ? 7.008   -2.634  12.324  0.500 23.667 ? 4   ARG AAA O   1 ? 
ATOM   28   O  O   B ARG A 1 4   ? 7.045   -2.620  12.286  0.500 24.631 ? 4   ARG AAA O   1 ? 
ATOM   29   C  CB  A ARG A 1 4   ? 9.799   -4.266  11.656  0.500 27.670 ? 4   ARG AAA CB  1 ? 
ATOM   30   C  CB  B ARG A 1 4   ? 9.881   -4.341  11.946  0.500 31.180 ? 4   ARG AAA CB  1 ? 
ATOM   31   C  CG  A ARG A 1 4   ? 8.831   -4.995  10.732  0.500 28.547 ? 4   ARG AAA CG  1 ? 
ATOM   32   C  CG  B ARG A 1 4   ? 8.755   -5.357  12.015  0.500 34.165 ? 4   ARG AAA CG  1 ? 
ATOM   33   C  CD  A ARG A 1 4   ? 9.221   -6.427  10.416  0.500 31.412 ? 4   ARG AAA CD  1 ? 
ATOM   34   C  CD  B ARG A 1 4   ? 9.241   -6.727  11.597  0.500 36.986 ? 4   ARG AAA CD  1 ? 
ATOM   35   N  NE  A ARG A 1 4   ? 8.903   -6.855  9.050   0.500 34.415 ? 4   ARG AAA NE  1 ? 
ATOM   36   N  NE  B ARG A 1 4   ? 9.520   -6.688  10.171  0.500 40.341 ? 4   ARG AAA NE  1 ? 
ATOM   37   C  CZ  A ARG A 1 4   ? 7.887   -7.648  8.724   0.500 31.956 ? 4   ARG AAA CZ  1 ? 
ATOM   38   C  CZ  B ARG A 1 4   ? 8.637   -7.011  9.237   0.500 39.416 ? 4   ARG AAA CZ  1 ? 
ATOM   39   N  NH1 A ARG A 1 4   ? 7.062   -8.077  9.663   0.500 34.256 ? 4   ARG AAA NH1 1 ? 
ATOM   40   N  NH1 B ARG A 1 4   ? 7.434   -7.421  9.595   0.500 38.498 ? 4   ARG AAA NH1 1 ? 
ATOM   41   N  NH2 A ARG A 1 4   ? 7.689   -8.004  7.465   0.500 27.659 ? 4   ARG AAA NH2 1 ? 
ATOM   42   N  NH2 B ARG A 1 4   ? 8.959   -6.921  7.958   0.500 36.199 ? 4   ARG AAA NH2 1 ? 
ATOM   43   N  N   . LYS A 1 5   ? 8.264   -2.820  14.196  1.000 25.675 ? 5   LYS AAA N   1 ? 
ATOM   44   C  CA  . LYS A 1 5   ? 7.113   -2.746  15.138  1.000 28.333 ? 5   LYS AAA CA  1 ? 
ATOM   45   C  C   . LYS A 1 5   ? 6.390   -1.403  14.957  1.000 26.037 ? 5   LYS AAA C   1 ? 
ATOM   46   O  O   . LYS A 1 5   ? 5.113   -1.353  14.903  1.000 24.122 ? 5   LYS AAA O   1 ? 
ATOM   47   C  CB  . LYS A 1 5   ? 7.592   -2.936  16.583  1.000 34.056 ? 5   LYS AAA CB  1 ? 
ATOM   48   C  CG  . LYS A 1 5   ? 6.505   -2.775  17.642  1.000 40.624 ? 5   LYS AAA CG  1 ? 
ATOM   49   C  CD  . LYS A 1 5   ? 7.012   -2.935  19.062  1.000 45.524 ? 5   LYS AAA CD  1 ? 
ATOM   50   C  CE  . LYS A 1 5   ? 6.057   -3.684  19.964  1.000 48.151 ? 5   LYS AAA CE  1 ? 
ATOM   51   N  NZ  . LYS A 1 5   ? 6.720   -4.071  21.234  1.000 51.350 ? 5   LYS AAA NZ  1 ? 
ATOM   52   N  N   . GLN A 1 6   ? 7.127   -0.323  14.834  1.000 23.986 ? 6   GLN AAA N   1 ? 
ATOM   53   C  CA  . GLN A 1 6   ? 6.518   1.012   14.671  1.000 24.060 ? 6   GLN AAA CA  1 ? 
ATOM   54   C  C   . GLN A 1 6   ? 5.838   1.070   13.301  1.000 23.083 ? 6   GLN AAA C   1 ? 
ATOM   55   O  O   . GLN A 1 6   ? 4.779   1.717   13.157  1.000 22.848 ? 6   GLN AAA O   1 ? 
ATOM   56   C  CB  . GLN A 1 6   ? 7.552   2.128   14.741  1.000 25.225 ? 6   GLN AAA CB  1 ? 
ATOM   57   C  CG  . GLN A 1 6   ? 8.133   2.304   16.136  1.000 27.889 ? 6   GLN AAA CG  1 ? 
ATOM   58   C  CD  . GLN A 1 6   ? 9.308   3.254   16.184  1.000 29.515 ? 6   GLN AAA CD  1 ? 
ATOM   59   O  OE1 . GLN A 1 6   ? 10.053  3.416   15.229  1.000 26.976 ? 6   GLN AAA OE1 1 ? 
ATOM   60   N  NE2 . GLN A 1 6   ? 9.496   3.873   17.341  1.000 33.190 ? 6   GLN AAA NE2 1 ? 
ATOM   61   N  N   . LEU A 1 7   ? 6.478   0.508   12.295  1.000 20.371 ? 7   LEU AAA N   1 ? 
ATOM   62   C  CA  . LEU A 1 7   ? 5.897   0.535   10.932  1.000 19.108 ? 7   LEU AAA CA  1 ? 
ATOM   63   C  C   . LEU A 1 7   ? 4.556   -0.200  10.967  1.000 19.178 ? 7   LEU AAA C   1 ? 
ATOM   64   O  O   . LEU A 1 7   ? 3.581   0.295   10.416  1.000 19.075 ? 7   LEU AAA O   1 ? 
ATOM   65   C  CB  . LEU A 1 7   ? 6.869   -0.116  9.960   1.000 18.967 ? 7   LEU AAA CB  1 ? 
ATOM   66   C  CG  . LEU A 1 7   ? 6.337   -0.274  8.545   1.000 20.620 ? 7   LEU AAA CG  1 ? 
ATOM   67   C  CD1 . LEU A 1 7   ? 6.057   1.074   7.939   1.000 22.218 ? 7   LEU AAA CD1 1 ? 
ATOM   68   C  CD2 . LEU A 1 7   ? 7.282   -1.107  7.708   1.000 20.711 ? 7   LEU AAA CD2 1 ? 
ATOM   69   N  N   A ILE A 1 8   ? 4.506   -1.370  11.594  0.500 19.396 ? 8   ILE AAA N   1 ? 
ATOM   70   N  N   B ILE A 1 8   ? 4.524   -1.385  11.557  0.500 19.178 ? 8   ILE AAA N   1 ? 
ATOM   71   C  CA  A ILE A 1 8   ? 3.248   -2.163  11.731  0.500 21.096 ? 8   ILE AAA CA  1 ? 
ATOM   72   C  CA  B ILE A 1 8   ? 3.279   -2.198  11.620  0.500 20.912 ? 8   ILE AAA CA  1 ? 
ATOM   73   C  C   A ILE A 1 8   ? 2.219   -1.348  12.507  0.500 21.212 ? 8   ILE AAA C   1 ? 
ATOM   74   C  C   B ILE A 1 8   ? 2.245   -1.445  12.443  0.500 20.713 ? 8   ILE AAA C   1 ? 
ATOM   75   O  O   A ILE A 1 8   ? 1.033   -1.317  12.096  0.500 20.182 ? 8   ILE AAA O   1 ? 
ATOM   76   O  O   B ILE A 1 8   ? 1.049   -1.490  12.067  0.500 20.237 ? 8   ILE AAA O   1 ? 
ATOM   77   C  CB  A ILE A 1 8   ? 3.510   -3.512  12.413  0.500 22.607 ? 8   ILE AAA CB  1 ? 
ATOM   78   C  CB  B ILE A 1 8   ? 3.557   -3.592  12.186  0.500 21.809 ? 8   ILE AAA CB  1 ? 
ATOM   79   C  CG1 A ILE A 1 8   ? 4.454   -4.380  11.579  0.500 23.831 ? 8   ILE AAA CG1 1 ? 
ATOM   80   C  CG1 B ILE A 1 8   ? 4.327   -4.438  11.174  0.500 22.838 ? 8   ILE AAA CG1 1 ? 
ATOM   81   C  CG2 A ILE A 1 8   ? 2.194   -4.213  12.725  0.500 23.069 ? 8   ILE AAA CG2 1 ? 
ATOM   82   C  CG2 B ILE A 1 8   ? 2.259   -4.257  12.637  0.500 22.592 ? 8   ILE AAA CG2 1 ? 
ATOM   83   C  CD1 A ILE A 1 8   ? 3.998   -4.588  10.153  0.500 24.724 ? 8   ILE AAA CD1 1 ? 
ATOM   84   C  CD1 B ILE A 1 8   ? 4.884   -5.701  11.764  0.500 24.839 ? 8   ILE AAA CD1 1 ? 
ATOM   85   N  N   A ASN A 1 9   ? 2.609   -0.689  13.591  0.500 20.560 ? 9   ASN AAA N   1 ? 
ATOM   86   N  N   B ASN A 1 9   ? 2.650   -0.731  13.488  0.500 20.710 ? 9   ASN AAA N   1 ? 
ATOM   87   C  CA  A ASN A 1 9   ? 1.652   0.142   14.363  0.500 22.199 ? 9   ASN AAA CA  1 ? 
ATOM   88   C  CA  B ASN A 1 9   ? 1.682   0.047   14.294  0.500 21.974 ? 9   ASN AAA CA  1 ? 
ATOM   89   C  C   A ASN A 1 9   ? 1.052   1.219   13.455  0.500 20.625 ? 9   ASN AAA C   1 ? 
ATOM   90   C  C   B ASN A 1 9   ? 1.073   1.171   13.448  0.500 20.484 ? 9   ASN AAA C   1 ? 
ATOM   91   O  O   A ASN A 1 9   ? -0.183  1.439   13.505  0.500 21.136 ? 9   ASN AAA O   1 ? 
ATOM   92   O  O   B ASN A 1 9   ? -0.168  1.365   13.527  0.500 21.273 ? 9   ASN AAA O   1 ? 
ATOM   93   C  CB  A ASN A 1 9   ? 2.313   0.789   15.582  0.500 23.918 ? 9   ASN AAA CB  1 ? 
ATOM   94   C  CB  B ASN A 1 9   ? 2.322   0.578   15.577  0.500 24.355 ? 9   ASN AAA CB  1 ? 
ATOM   95   C  CG  A ASN A 1 9   ? 2.612   -0.195  16.695  0.500 26.359 ? 9   ASN AAA CG  1 ? 
ATOM   96   C  CG  B ASN A 1 9   ? 1.277   0.983   16.590  0.500 28.538 ? 9   ASN AAA CG  1 ? 
ATOM   97   O  OD1 A ASN A 1 9   ? 2.161   -1.338  16.674  0.500 29.614 ? 9   ASN AAA OD1 1 ? 
ATOM   98   O  OD1 B ASN A 1 9   ? 0.403   0.188   16.931  0.500 34.341 ? 9   ASN AAA OD1 1 ? 
ATOM   99   N  ND2 A ASN A 1 9   ? 3.401   0.235   17.664  0.500 32.073 ? 9   ASN AAA ND2 1 ? 
ATOM   100  N  ND2 B ASN A 1 9   ? 1.336   2.221   17.039  0.500 30.412 ? 9   ASN AAA ND2 1 ? 
ATOM   101  N  N   . SER A 1 10  ? 1.875   1.885   12.660  1.000 20.429 ? 10  SER AAA N   1 ? 
ATOM   102  C  CA  A SER A 1 10  ? 1.431   2.932   11.713  0.500 20.347 ? 10  SER AAA CA  1 ? 
ATOM   103  C  CA  B SER A 1 10  ? 1.364   2.950   11.759  0.500 19.452 ? 10  SER AAA CA  1 ? 
ATOM   104  C  C   . SER A 1 10  ? 0.458   2.319   10.696  1.000 18.732 ? 10  SER AAA C   1 ? 
ATOM   105  O  O   . SER A 1 10  ? -0.566  2.927   10.378  1.000 19.020 ? 10  SER AAA O   1 ? 
ATOM   106  C  CB  A SER A 1 10  ? 2.612   3.527   11.004  0.500 22.759 ? 10  SER AAA CB  1 ? 
ATOM   107  C  CB  B SER A 1 10  ? 2.430   3.751   11.065  0.500 20.194 ? 10  SER AAA CB  1 ? 
ATOM   108  O  OG  A SER A 1 10  ? 2.225   4.635   10.220  0.500 25.410 ? 10  SER AAA OG  1 ? 
ATOM   109  O  OG  B SER A 1 10  ? 3.461   4.153   11.965  0.500 23.300 ? 10  SER AAA OG  1 ? 
ATOM   110  N  N   A MET A 1 11  ? 0.839   1.181   10.118  0.500 17.056 ? 11  MET AAA N   1 ? 
ATOM   111  N  N   B MET A 1 11  ? 0.832   1.179   10.131  0.500 17.282 ? 11  MET AAA N   1 ? 
ATOM   112  C  CA  A MET A 1 11  ? -0.017  0.495   9.124   0.500 16.410 ? 11  MET AAA CA  1 ? 
ATOM   113  C  CA  B MET A 1 11  ? -0.048  0.568   9.113   0.500 16.773 ? 11  MET AAA CA  1 ? 
ATOM   114  C  C   A MET A 1 11  ? -1.352  0.118   9.774   0.500 16.626 ? 11  MET AAA C   1 ? 
ATOM   115  C  C   B MET A 1 11  ? -1.359  0.109   9.768   0.500 16.813 ? 11  MET AAA C   1 ? 
ATOM   116  O  O   A MET A 1 11  ? -2.382  0.260   9.124   0.500 16.550 ? 11  MET AAA O   1 ? 
ATOM   117  O  O   B MET A 1 11  ? -2.395  0.206   9.126   0.500 16.507 ? 11  MET AAA O   1 ? 
ATOM   118  C  CB  A MET A 1 11  ? 0.711   -0.750  8.633   0.500 16.458 ? 11  MET AAA CB  1 ? 
ATOM   119  C  CB  B MET A 1 11  ? 0.702   -0.587  8.469   0.500 17.375 ? 11  MET AAA CB  1 ? 
ATOM   120  C  CG  A MET A 1 11  ? 1.937   -0.417  7.785   0.500 15.559 ? 11  MET AAA CG  1 ? 
ATOM   121  C  CG  B MET A 1 11  ? 1.746   -0.126  7.448   0.500 17.782 ? 11  MET AAA CG  1 ? 
ATOM   122  S  SD  A MET A 1 11  ? 2.373   -1.724  6.605   0.500 18.987 ? 11  MET AAA SD  1 ? 
ATOM   123  S  SD  B MET A 1 11  ? 2.363   -1.545  6.547   0.500 20.159 ? 11  MET AAA SD  1 ? 
ATOM   124  C  CE  A MET A 1 11  ? 3.577   -0.883  5.574   0.500 17.060 ? 11  MET AAA CE  1 ? 
ATOM   125  C  CE  B MET A 1 11  ? 3.183   -2.186  7.990   0.500 19.470 ? 11  MET AAA CE  1 ? 
ATOM   126  N  N   . ASP A 1 12  ? -1.342  -0.370  11.018  1.000 17.028 ? 12  ASP AAA N   1 ? 
ATOM   127  C  CA  . ASP A 1 12  ? -2.588  -0.764  11.726  1.000 17.184 ? 12  ASP AAA CA  1 ? 
ATOM   128  C  C   . ASP A 1 12  ? -3.489  0.455   11.879  1.000 17.380 ? 12  ASP AAA C   1 ? 
ATOM   129  O  O   . ASP A 1 12  ? -4.736  0.343   11.771  1.000 17.408 ? 12  ASP AAA O   1 ? 
ATOM   130  C  CB  . ASP A 1 12  ? -2.278  -1.399  13.073  1.000 17.858 ? 12  ASP AAA CB  1 ? 
ATOM   131  C  CG  . ASP A 1 12  ? -1.717  -2.784  12.933  1.000 19.588 ? 12  ASP AAA CG  1 ? 
ATOM   132  O  OD1 . ASP A 1 12  ? -1.789  -3.371  11.851  1.000 19.673 ? 12  ASP AAA OD1 1 ? 
ATOM   133  O  OD2 . ASP A 1 12  ? -1.247  -3.325  13.937  1.000 20.944 ? 12  ASP AAA OD2 1 ? 
ATOM   134  N  N   A MET A 1 13  ? -2.907  1.613   12.159  0.500 17.125 ? 13  MET AAA N   1 ? 
ATOM   135  N  N   B MET A 1 13  ? -2.884  1.601   12.170  0.500 17.790 ? 13  MET AAA N   1 ? 
ATOM   136  C  CA  A MET A 1 13  ? -3.724  2.824   12.344  0.500 18.584 ? 13  MET AAA CA  1 ? 
ATOM   137  C  CA  B MET A 1 13  ? -3.624  2.863   12.334  0.500 19.983 ? 13  MET AAA CA  1 ? 
ATOM   138  C  C   A MET A 1 13  ? -4.343  3.180   10.989  0.500 18.052 ? 13  MET AAA C   1 ? 
ATOM   139  C  C   B MET A 1 13  ? -4.314  3.178   11.005  0.500 18.660 ? 13  MET AAA C   1 ? 
ATOM   140  O  O   A MET A 1 13  ? -5.490  3.637   10.934  0.500 17.304 ? 13  MET AAA O   1 ? 
ATOM   141  O  O   B MET A 1 13  ? -5.485  3.566   10.994  0.500 17.903 ? 13  MET AAA O   1 ? 
ATOM   142  C  CB  A MET A 1 13  ? -2.875  3.994   12.850  0.500 21.190 ? 13  MET AAA CB  1 ? 
ATOM   143  C  CB  B MET A 1 13  ? -2.651  3.987   12.713  0.500 22.938 ? 13  MET AAA CB  1 ? 
ATOM   144  C  CG  A MET A 1 13  ? -2.304  3.788   14.248  0.500 23.596 ? 13  MET AAA CG  1 ? 
ATOM   145  C  CG  B MET A 1 13  ? -3.266  5.373   12.785  0.500 26.339 ? 13  MET AAA CG  1 ? 
ATOM   146  S  SD  A MET A 1 13  ? -1.365  5.206   14.880  0.500 31.797 ? 13  MET AAA SD  1 ? 
ATOM   147  S  SD  B MET A 1 13  ? -3.425  6.199   11.183  0.500 33.888 ? 13  MET AAA SD  1 ? 
ATOM   148  C  CE  A MET A 1 13  ? -0.727  4.513   16.407  0.500 32.713 ? 13  MET AAA CE  1 ? 
ATOM   149  C  CE  B MET A 1 13  ? -1.789  6.891   10.950  0.500 29.880 ? 13  MET AAA CE  1 ? 
ATOM   150  N  N   . MET A 1 14  ? -3.595  3.036   9.893   1.000 17.251 ? 14  MET AAA N   1 ? 
ATOM   151  C  CA  . MET A 1 14  ? -4.163  3.357   8.565   1.000 17.469 ? 14  MET AAA CA  1 ? 
ATOM   152  C  C   . MET A 1 14  ? -5.291  2.382   8.246   1.000 14.711 ? 14  MET AAA C   1 ? 
ATOM   153  O  O   . MET A 1 14  ? -6.325  2.809   7.788   1.000 15.900 ? 14  MET AAA O   1 ? 
ATOM   154  C  CB  . MET A 1 14  ? -3.084  3.284   7.485   1.000 16.978 ? 14  MET AAA CB  1 ? 
ATOM   155  C  CG  . MET A 1 14  ? -1.986  4.347   7.710   1.000 17.238 ? 14  MET AAA CG  1 ? 
ATOM   156  S  SD  . MET A 1 14  ? -0.642  4.154   6.550   1.000 20.053 ? 14  MET AAA SD  1 ? 
ATOM   157  C  CE  . MET A 1 14  ? -1.347  5.114   5.238   1.000 23.795 ? 14  MET AAA CE  1 ? 
ATOM   158  N  N   . ARG A 1 15  ? -5.091  1.103   8.517   1.000 14.844 ? 15  ARG AAA N   1 ? 
ATOM   159  C  CA  . ARG A 1 15  ? -6.155  0.094   8.297   1.000 15.190 ? 15  ARG AAA CA  1 ? 
ATOM   160  C  C   . ARG A 1 15  ? -7.401  0.503   9.106   1.000 15.463 ? 15  ARG AAA C   1 ? 
ATOM   161  O  O   . ARG A 1 15  ? -8.542  0.432   8.609   1.000 15.775 ? 15  ARG AAA O   1 ? 
ATOM   162  C  CB  . ARG A 1 15  ? -5.659  -1.273  8.733   1.000 14.534 ? 15  ARG AAA CB  1 ? 
ATOM   163  C  CG  . ARG A 1 15  ? -6.739  -2.335  8.630   1.000 14.911 ? 15  ARG AAA CG  1 ? 
ATOM   164  C  CD  . ARG A 1 15  ? -6.363  -3.677  9.182   1.000 15.857 ? 15  ARG AAA CD  1 ? 
ATOM   165  N  NE  . ARG A 1 15  ? -5.335  -4.370  8.395   1.000 16.560 ? 15  ARG AAA NE  1 ? 
ATOM   166  C  CZ  . ARG A 1 15  ? -5.029  -5.629  8.516   1.000 16.776 ? 15  ARG AAA CZ  1 ? 
ATOM   167  N  NH1 . ARG A 1 15  ? -5.669  -6.388  9.361   1.000 16.864 ? 15  ARG AAA NH1 1 ? 
ATOM   168  N  NH2 . ARG A 1 15  ? -4.055  -6.117  7.760   1.000 18.227 ? 15  ARG AAA NH2 1 ? 
ATOM   169  N  N   A SER A 1 16  ? -7.219  0.908   10.362  0.500 16.339 ? 16  SER AAA N   1 ? 
ATOM   170  N  N   B SER A 1 16  ? -7.218  0.913   10.367  0.500 16.584 ? 16  SER AAA N   1 ? 
ATOM   171  C  CA  A SER A 1 16  ? -8.373  1.184   11.244  0.500 16.490 ? 16  SER AAA CA  1 ? 
ATOM   172  C  CA  B SER A 1 16  ? -8.350  1.253   11.265  0.500 17.031 ? 16  SER AAA CA  1 ? 
ATOM   173  C  C   A SER A 1 16  ? -9.158  2.406   10.744  0.500 16.895 ? 16  SER AAA C   1 ? 
ATOM   174  C  C   B SER A 1 16  ? -9.174  2.404   10.703  0.500 17.303 ? 16  SER AAA C   1 ? 
ATOM   175  O  O   A SER A 1 16  ? -10.367 2.451   10.976  0.500 18.151 ? 16  SER AAA O   1 ? 
ATOM   176  O  O   B SER A 1 16  ? -10.392 2.428   10.901  0.500 18.204 ? 16  SER AAA O   1 ? 
ATOM   177  C  CB  A SER A 1 16  ? -7.917  1.366   12.654  0.500 16.837 ? 16  SER AAA CB  1 ? 
ATOM   178  C  CB  B SER A 1 16  ? -7.874  1.630   12.620  0.500 17.667 ? 16  SER AAA CB  1 ? 
ATOM   179  O  OG  A SER A 1 16  ? -7.341  2.654   12.795  0.500 20.302 ? 16  SER AAA OG  1 ? 
ATOM   180  O  OG  B SER A 1 16  ? -7.266  0.525   13.236  0.500 20.375 ? 16  SER AAA OG  1 ? 
ATOM   181  N  N   . ALA A 1 17  ? -8.534  3.334   10.018  1.000 16.778 ? 17  ALA AAA N   1 ? 
ATOM   182  C  CA  . ALA A 1 17  ? -9.198  4.507   9.434   1.000 18.565 ? 17  ALA AAA CA  1 ? 
ATOM   183  C  C   . ALA A 1 17  ? -9.932  4.140   8.152   1.000 17.806 ? 17  ALA AAA C   1 ? 
ATOM   184  O  O   . ALA A 1 17  ? -11.022 4.638   7.894   1.000 19.944 ? 17  ALA AAA O   1 ? 
ATOM   185  C  CB  . ALA A 1 17  ? -8.206  5.601   9.153   1.000 19.831 ? 17  ALA AAA CB  1 ? 
ATOM   186  N  N   . CYS A 1 18  ? -9.330  3.304   7.310   1.000 16.406 ? 18  CYS AAA N   1 ? 
ATOM   187  C  CA  . CYS A 1 18  ? -9.871  3.009   5.975   1.000 15.678 ? 18  CYS AAA CA  1 ? 
ATOM   188  C  C   . CYS A 1 18  ? -10.792 1.787   5.938   1.000 15.578 ? 18  CYS AAA C   1 ? 
ATOM   189  O  O   . CYS A 1 18  ? -11.780 1.804   5.196   1.000 16.014 ? 18  CYS AAA O   1 ? 
ATOM   190  C  CB  . CYS A 1 18  ? -8.739  2.799   4.966   1.000 15.818 ? 18  CYS AAA CB  1 ? 
ATOM   191  S  SG  . CYS A 1 18  ? -7.978  4.326   4.407   1.000 19.212 ? 18  CYS AAA SG  1 ? 
ATOM   192  N  N   . ALA A 1 19  ? -10.480 0.741   6.677   1.000 14.729 ? 19  ALA AAA N   1 ? 
ATOM   193  C  CA  . ALA A 1 19  ? -11.283 -0.490  6.571   1.000 14.726 ? 19  ALA AAA CA  1 ? 
ATOM   194  C  C   . ALA A 1 19  ? -12.776 -0.252  6.802   1.000 15.324 ? 19  ALA AAA C   1 ? 
ATOM   195  O  O   . ALA A 1 19  ? -13.573 -0.917  6.139   1.000 15.249 ? 19  ALA AAA O   1 ? 
ATOM   196  C  CB  . ALA A 1 19  ? -10.762 -1.536  7.478   1.000 14.834 ? 19  ALA AAA CB  1 ? 
ATOM   197  N  N   . PRO A 1 20  ? -13.212 0.622   7.741   1.000 15.466 ? 20  PRO AAA N   1 ? 
ATOM   198  C  CA  . PRO A 1 20  ? -14.654 0.759   7.995   1.000 15.881 ? 20  PRO AAA CA  1 ? 
ATOM   199  C  C   . PRO A 1 20  ? -15.422 1.245   6.769   1.000 17.873 ? 20  PRO AAA C   1 ? 
ATOM   200  O  O   . PRO A 1 20  ? -16.635 1.116   6.768   1.000 18.708 ? 20  PRO AAA O   1 ? 
ATOM   201  C  CB  . PRO A 1 20  ? -14.704 1.798   9.127   1.000 17.965 ? 20  PRO AAA CB  1 ? 
ATOM   202  C  CG  . PRO A 1 20  ? -13.407 1.571   9.871   1.000 17.315 ? 20  PRO AAA CG  1 ? 
ATOM   203  C  CD  . PRO A 1 20  ? -12.423 1.366   8.730   1.000 17.091 ? 20  PRO AAA CD  1 ? 
ATOM   204  N  N   . LYS A 1 21  ? -14.746 1.804   5.777   1.000 17.283 ? 21  LYS AAA N   1 ? 
ATOM   205  C  CA  . LYS A 1 21  ? -15.453 2.398   4.632   1.000 18.732 ? 21  LYS AAA CA  1 ? 
ATOM   206  C  C   . LYS A 1 21  ? -15.724 1.341   3.595   1.000 18.540 ? 21  LYS AAA C   1 ? 
ATOM   207  O  O   . LYS A 1 21  ? -16.349 1.673   2.578   1.000 19.870 ? 21  LYS AAA O   1 ? 
ATOM   208  C  CB  . LYS A 1 21  ? -14.625 3.529   4.046   1.000 20.255 ? 21  LYS AAA CB  1 ? 
ATOM   209  C  CG  . LYS A 1 21  ? -14.318 4.652   5.027   1.000 24.113 ? 21  LYS AAA CG  1 ? 
ATOM   210  C  CD  . LYS A 1 21  ? -13.446 5.723   4.400   1.000 29.226 ? 21  LYS AAA CD  1 ? 
ATOM   211  C  CE  . LYS A 1 21  ? -13.016 6.807   5.356   1.000 35.631 ? 21  LYS AAA CE  1 ? 
ATOM   212  N  NZ  . LYS A 1 21  ? -12.866 8.107   4.661   1.000 39.583 ? 21  LYS AAA NZ  1 ? 
ATOM   213  N  N   . PHE A 1 22  ? -15.264 0.119   3.785   1.000 16.805 ? 22  PHE AAA N   1 ? 
ATOM   214  C  CA  . PHE A 1 22  ? -15.340 -0.908  2.734   1.000 16.089 ? 22  PHE AAA CA  1 ? 
ATOM   215  C  C   . PHE A 1 22  ? -15.750 -2.243  3.324   1.000 16.841 ? 22  PHE AAA C   1 ? 
ATOM   216  O  O   . PHE A 1 22  ? -15.482 -2.523  4.519   1.000 17.053 ? 22  PHE AAA O   1 ? 
ATOM   217  C  CB  . PHE A 1 22  ? -13.993 -1.047  2.000   1.000 17.639 ? 22  PHE AAA CB  1 ? 
ATOM   218  C  CG  . PHE A 1 22  ? -13.496 0.248   1.444   1.000 17.285 ? 22  PHE AAA CG  1 ? 
ATOM   219  C  CD1 . PHE A 1 22  ? -14.006 0.739   0.253   1.000 18.988 ? 22  PHE AAA CD1 1 ? 
ATOM   220  C  CD2 . PHE A 1 22  ? -12.612 1.038   2.156   1.000 17.312 ? 22  PHE AAA CD2 1 ? 
ATOM   221  C  CE1 . PHE A 1 22  ? -13.615 1.980   -0.223  1.000 19.420 ? 22  PHE AAA CE1 1 ? 
ATOM   222  C  CE2 . PHE A 1 22  ? -12.228 2.271   1.684   1.000 18.577 ? 22  PHE AAA CE2 1 ? 
ATOM   223  C  CZ  . PHE A 1 22  ? -12.735 2.730   0.499   1.000 18.894 ? 22  PHE AAA CZ  1 ? 
ATOM   224  N  N   A LYS A 1 23  ? -16.345 -3.098  2.508   0.600 17.053 ? 23  LYS AAA N   1 ? 
ATOM   225  N  N   B LYS A 1 23  ? -16.349 -3.100  2.513   0.400 17.239 ? 23  LYS AAA N   1 ? 
ATOM   226  C  CA  A LYS A 1 23  ? -16.754 -4.459  2.935   0.600 18.730 ? 23  LYS AAA CA  1 ? 
ATOM   227  C  CA  B LYS A 1 23  ? -16.751 -4.457  2.957   0.400 18.448 ? 23  LYS AAA CA  1 ? 
ATOM   228  C  C   A LYS A 1 23  ? -15.519 -5.350  2.837   0.600 17.986 ? 23  LYS AAA C   1 ? 
ATOM   229  C  C   B LYS A 1 23  ? -15.524 -5.353  2.838   0.400 17.890 ? 23  LYS AAA C   1 ? 
ATOM   230  O  O   A LYS A 1 23  ? -15.386 -6.145  1.926   0.600 18.264 ? 23  LYS AAA O   1 ? 
ATOM   231  O  O   B LYS A 1 23  ? -15.417 -6.153  1.916   0.400 18.492 ? 23  LYS AAA O   1 ? 
ATOM   232  C  CB  A LYS A 1 23  ? -17.923 -5.001  2.105   0.600 21.204 ? 23  LYS AAA CB  1 ? 
ATOM   233  C  CB  B LYS A 1 23  ? -17.966 -4.942  2.169   0.400 20.283 ? 23  LYS AAA CB  1 ? 
ATOM   234  C  CG  A LYS A 1 23  ? -18.458 -6.349  2.570   0.600 24.883 ? 23  LYS AAA CG  1 ? 
ATOM   235  C  CG  B LYS A 1 23  ? -19.160 -4.007  2.270   0.400 22.961 ? 23  LYS AAA CG  1 ? 
ATOM   236  C  CD  A LYS A 1 23  ? -19.729 -6.804  1.881   0.600 28.597 ? 23  LYS AAA CD  1 ? 
ATOM   237  C  CD  B LYS A 1 23  ? -20.458 -4.646  1.820   0.400 24.570 ? 23  LYS AAA CD  1 ? 
ATOM   238  C  CE  A LYS A 1 23  ? -20.414 -7.911  2.656   0.600 31.859 ? 23  LYS AAA CE  1 ? 
ATOM   239  C  CE  B LYS A 1 23  ? -21.645 -3.739  2.054   0.400 27.824 ? 23  LYS AAA CE  1 ? 
ATOM   240  N  NZ  A LYS A 1 23  ? -20.987 -8.924  1.746   0.600 32.112 ? 23  LYS AAA NZ  1 ? 
ATOM   241  N  NZ  B LYS A 1 23  ? -21.607 -2.569  1.146   0.400 28.774 ? 23  LYS AAA NZ  1 ? 
ATOM   242  N  N   . VAL A 1 24  ? -14.588 -5.153  3.754   1.000 16.766 ? 24  VAL AAA N   1 ? 
ATOM   243  C  CA  . VAL A 1 24  ? -13.307 -5.885  3.786   1.000 15.952 ? 24  VAL AAA CA  1 ? 
ATOM   244  C  C   . VAL A 1 24  ? -13.192 -6.543  5.151   1.000 15.091 ? 24  VAL AAA C   1 ? 
ATOM   245  O  O   . VAL A 1 24  ? -13.349 -5.856  6.175   1.000 16.538 ? 24  VAL AAA O   1 ? 
ATOM   246  C  CB  . VAL A 1 24  ? -12.123 -4.967  3.431   1.000 15.547 ? 24  VAL AAA CB  1 ? 
ATOM   247  C  CG1 . VAL A 1 24  ? -12.207 -4.492  1.985   1.000 16.198 ? 24  VAL AAA CG1 1 ? 
ATOM   248  C  CG2 . VAL A 1 24  ? -12.016 -3.763  4.318   1.000 16.167 ? 24  VAL AAA CG2 1 ? 
ATOM   249  N  N   . SER A 1 25  ? -12.884 -7.813  5.178   1.000 14.367 ? 25  SER AAA N   1 ? 
ATOM   250  C  CA  . SER A 1 25  ? -12.764 -8.606  6.409   1.000 13.734 ? 25  SER AAA CA  1 ? 
ATOM   251  C  C   . SER A 1 25  ? -11.325 -8.706  6.874   1.000 13.743 ? 25  SER AAA C   1 ? 
ATOM   252  O  O   . SER A 1 25  ? -10.383 -8.491  6.080   1.000 14.313 ? 25  SER AAA O   1 ? 
ATOM   253  C  CB  . SER A 1 25  ? -13.298 -9.986  6.150   1.000 15.269 ? 25  SER AAA CB  1 ? 
ATOM   254  O  OG  . SER A 1 25  ? -12.435 -10.605 5.176   1.000 15.929 ? 25  SER AAA OG  1 ? 
ATOM   255  N  N   . THR A 1 26  ? -11.137 -9.164  8.088   1.000 14.215 ? 26  THR AAA N   1 ? 
ATOM   256  C  CA  . THR A 1 26  ? -9.776  -9.413  8.550   1.000 14.544 ? 26  THR AAA CA  1 ? 
ATOM   257  C  C   . THR A 1 26  ? -9.091  -10.432 7.645   1.000 14.511 ? 26  THR AAA C   1 ? 
ATOM   258  O  O   . THR A 1 26  ? -7.878  -10.315 7.423   1.000 14.636 ? 26  THR AAA O   1 ? 
ATOM   259  C  CB  . THR A 1 26  ? -9.717  -9.885  10.007  1.000 15.161 ? 26  THR AAA CB  1 ? 
ATOM   260  O  OG1 . THR A 1 26  ? -10.453 -11.072 10.211  1.000 16.229 ? 26  THR AAA OG1 1 ? 
ATOM   261  C  CG2 . THR A 1 26  ? -10.217 -8.803  10.957  1.000 18.031 ? 26  THR AAA CG2 1 ? 
ATOM   262  N  N   . GLU A 1 27  ? -9.801  -11.449 7.183   1.000 14.712 ? 27  GLU AAA N   1 ? 
ATOM   263  C  CA  . GLU A 1 27  ? -9.121  -12.435 6.299   1.000 15.301 ? 27  GLU AAA CA  1 ? 
ATOM   264  C  C   . GLU A 1 27  ? -8.614  -11.743 5.042   1.000 14.597 ? 27  GLU AAA C   1 ? 
ATOM   265  O  O   . GLU A 1 27  ? -7.452  -11.956 4.670   1.000 15.168 ? 27  GLU AAA O   1 ? 
ATOM   266  C  CB  . GLU A 1 27  ? -10.089 -13.560 5.959   1.000 18.059 ? 27  GLU AAA CB  1 ? 
ATOM   267  C  CG  . GLU A 1 27  ? -9.483  -14.594 4.987   1.000 21.000 ? 27  GLU AAA CG  1 ? 
ATOM   268  C  CD  . GLU A 1 27  ? -10.559 -15.384 4.268   1.000 28.982 ? 27  GLU AAA CD  1 ? 
ATOM   269  O  OE1 . GLU A 1 27  ? -10.992 -14.981 3.162   1.000 35.420 ? 27  GLU AAA OE1 1 ? 
ATOM   270  O  OE2 . GLU A 1 27  ? -10.960 -16.383 4.826   1.000 36.032 ? 27  GLU AAA OE2 1 ? 
ATOM   271  N  N   A MET A 1 28  ? -9.427  -10.924 4.415   0.500 13.050 ? 28  MET AAA N   1 ? 
ATOM   272  N  N   B MET A 1 28  ? -9.432  -10.934 4.436   0.500 14.076 ? 28  MET AAA N   1 ? 
ATOM   273  C  CA  A MET A 1 28  ? -9.022  -10.207 3.194   0.500 13.894 ? 28  MET AAA CA  1 ? 
ATOM   274  C  CA  B MET A 1 28  ? -9.038  -10.213 3.225   0.500 15.895 ? 28  MET AAA CA  1 ? 
ATOM   275  C  C   A MET A 1 28  ? -7.843  -9.286  3.506   0.500 13.490 ? 28  MET AAA C   1 ? 
ATOM   276  C  C   B MET A 1 28  ? -7.845  -9.303  3.514   0.500 14.328 ? 28  MET AAA C   1 ? 
ATOM   277  O  O   A MET A 1 28  ? -6.925  -9.152  2.665   0.500 13.868 ? 28  MET AAA O   1 ? 
ATOM   278  O  O   B MET A 1 28  ? -6.924  -9.208  2.668   0.500 14.331 ? 28  MET AAA O   1 ? 
ATOM   279  C  CB  A MET A 1 28  ? -10.168 -9.372  2.620   0.500 14.222 ? 28  MET AAA CB  1 ? 
ATOM   280  C  CB  B MET A 1 28  ? -10.209 -9.367  2.767   0.500 18.826 ? 28  MET AAA CB  1 ? 
ATOM   281  C  CG  A MET A 1 28  ? -11.324 -10.210 2.107   0.500 13.526 ? 28  MET AAA CG  1 ? 
ATOM   282  C  CG  B MET A 1 28  ? -10.171 -9.095  1.333   0.500 22.512 ? 28  MET AAA CG  1 ? 
ATOM   283  S  SD  A MET A 1 28  ? -12.911 -9.346  1.929   0.500 15.212 ? 28  MET AAA SD  1 ? 
ATOM   284  S  SD  B MET A 1 28  ? -11.729 -8.348  0.911   0.500 24.198 ? 28  MET AAA SD  1 ? 
ATOM   285  C  CE  A MET A 1 28  ? -12.578 -8.137  0.666   0.500 17.387 ? 28  MET AAA CE  1 ? 
ATOM   286  C  CE  B MET A 1 28  ? -12.853 -9.368  1.865   0.500 20.345 ? 28  MET AAA CE  1 ? 
ATOM   287  N  N   . LEU A 1 29  ? -7.919  -8.547  4.597   1.000 13.286 ? 29  LEU AAA N   1 ? 
ATOM   288  C  CA  . LEU A 1 29  ? -6.923  -7.527  4.938   1.000 13.259 ? 29  LEU AAA CA  1 ? 
ATOM   289  C  C   . LEU A 1 29  ? -5.607  -8.152  5.377   1.000 12.826 ? 29  LEU AAA C   1 ? 
ATOM   290  O  O   . LEU A 1 29  ? -4.541  -7.750  4.914   1.000 13.761 ? 29  LEU AAA O   1 ? 
ATOM   291  C  CB  . LEU A 1 29  ? -7.467  -6.644  6.036   1.000 13.908 ? 29  LEU AAA CB  1 ? 
ATOM   292  C  CG  . LEU A 1 29  ? -8.654  -5.775  5.660   1.000 14.142 ? 29  LEU AAA CG  1 ? 
ATOM   293  C  CD1 . LEU A 1 29  ? -9.314  -5.180  6.888   1.000 16.094 ? 29  LEU AAA CD1 1 ? 
ATOM   294  C  CD2 . LEU A 1 29  ? -8.216  -4.689  4.697   1.000 16.858 ? 29  LEU AAA CD2 1 ? 
ATOM   295  N  N   . ASP A 1 30  ? -5.666  -9.209  6.141   1.000 13.169 ? 30  ASP AAA N   1 ? 
ATOM   296  C  CA  . ASP A 1 30  ? -4.448  -9.910  6.553   1.000 13.586 ? 30  ASP AAA CA  1 ? 
ATOM   297  C  C   . ASP A 1 30  ? -3.802  -10.563 5.350   1.000 14.317 ? 30  ASP AAA C   1 ? 
ATOM   298  O  O   . ASP A 1 30  ? -2.590  -10.618 5.203   1.000 14.287 ? 30  ASP AAA O   1 ? 
ATOM   299  C  CB  . ASP A 1 30  ? -4.759  -10.916 7.671   1.000 14.908 ? 30  ASP AAA CB  1 ? 
ATOM   300  C  CG  . ASP A 1 30  ? -5.071  -10.270 8.997   1.000 18.890 ? 30  ASP AAA CG  1 ? 
ATOM   301  O  OD1 . ASP A 1 30  ? -4.768  -9.095  9.181   1.000 20.117 ? 30  ASP AAA OD1 1 ? 
ATOM   302  O  OD2 . ASP A 1 30  ? -5.611  -11.024 9.837   1.000 22.612 ? 30  ASP AAA OD2 1 ? 
ATOM   303  N  N   . ASN A 1 31  ? -4.618  -11.157 4.501   1.000 13.530 ? 31  ASN AAA N   1 ? 
ATOM   304  C  CA  . ASN A 1 31  ? -4.080  -11.732 3.252   1.000 14.109 ? 31  ASN AAA CA  1 ? 
ATOM   305  C  C   . ASN A 1 31  ? -3.387  -10.649 2.432   1.000 13.407 ? 31  ASN AAA C   1 ? 
ATOM   306  O  O   . ASN A 1 31  ? -2.304  -10.913 1.932   1.000 14.409 ? 31  ASN AAA O   1 ? 
ATOM   307  C  CB  . ASN A 1 31  ? -5.166  -12.434 2.467   1.000 14.521 ? 31  ASN AAA CB  1 ? 
ATOM   308  C  CG  . ASN A 1 31  ? -5.487  -13.800 3.003   1.000 16.441 ? 31  ASN AAA CG  1 ? 
ATOM   309  O  OD1 . ASN A 1 31  ? -4.840  -14.275 3.943   1.000 19.919 ? 31  ASN AAA OD1 1 ? 
ATOM   310  N  ND2 . ASN A 1 31  ? -6.481  -14.430 2.424   1.000 16.353 ? 31  ASN AAA ND2 1 ? 
ATOM   311  N  N   . LEU A 1 32  ? -4.008  -9.497  2.283   1.000 13.247 ? 32  LEU AAA N   1 ? 
ATOM   312  C  CA  . LEU A 1 32  ? -3.414  -8.394  1.514   1.000 13.403 ? 32  LEU AAA CA  1 ? 
ATOM   313  C  C   . LEU A 1 32  ? -2.093  -8.009  2.129   1.000 13.109 ? 32  LEU AAA C   1 ? 
ATOM   314  O  O   . LEU A 1 32  ? -1.094  -7.860  1.384   1.000 14.088 ? 32  LEU AAA O   1 ? 
ATOM   315  C  CB  . LEU A 1 32  ? -4.420  -7.258  1.472   1.000 14.293 ? 32  LEU AAA CB  1 ? 
ATOM   316  C  CG  . LEU A 1 32  ? -3.882  -5.958  0.869   1.000 15.743 ? 32  LEU AAA CG  1 ? 
ATOM   317  C  CD1 . LEU A 1 32  ? -3.387  -6.175  -0.556  1.000 17.997 ? 32  LEU AAA CD1 1 ? 
ATOM   318  C  CD2 . LEU A 1 32  ? -4.925  -4.851  0.897   1.000 15.785 ? 32  LEU AAA CD2 1 ? 
ATOM   319  N  N   . ARG A 1 33  ? -2.036  -7.814  3.428   1.000 13.603 ? 33  ARG AAA N   1 ? 
ATOM   320  C  CA  . ARG A 1 33  ? -0.755  -7.468  4.056   1.000 13.347 ? 33  ARG AAA CA  1 ? 
ATOM   321  C  C   . ARG A 1 33  ? 0.263   -8.544  3.750   1.000 14.062 ? 33  ARG AAA C   1 ? 
ATOM   322  O  O   . ARG A 1 33  ? 1.468   -8.204  3.604   1.000 14.958 ? 33  ARG AAA O   1 ? 
ATOM   323  C  CB  . ARG A 1 33  ? -0.964  -7.275  5.542   1.000 14.412 ? 33  ARG AAA CB  1 ? 
ATOM   324  C  CG  . ARG A 1 33  ? 0.339   -6.932  6.250   1.000 14.825 ? 33  ARG AAA CG  1 ? 
ATOM   325  C  CD  . ARG A 1 33  ? 0.150   -6.558  7.692   1.000 15.543 ? 33  ARG AAA CD  1 ? 
ATOM   326  N  NE  . ARG A 1 33  ? -0.582  -5.305  7.810   1.000 16.075 ? 33  ARG AAA NE  1 ? 
ATOM   327  C  CZ  . ARG A 1 33  ? -0.869  -4.721  8.966   1.000 16.845 ? 33  ARG AAA CZ  1 ? 
ATOM   328  N  NH1 . ARG A 1 33  ? -0.443  -5.259  10.096  1.000 17.852 ? 33  ARG AAA NH1 1 ? 
ATOM   329  N  NH2 . ARG A 1 33  ? -1.543  -3.593  8.999   1.000 16.042 ? 33  ARG AAA NH2 1 ? 
ATOM   330  N  N   . GLY A 1 34  ? -0.143  -9.794  3.678   1.000 13.840 ? 34  GLY AAA N   1 ? 
ATOM   331  C  CA  . GLY A 1 34  ? 0.700   -10.956 3.347   1.000 14.250 ? 34  GLY AAA CA  1 ? 
ATOM   332  C  C   . GLY A 1 34  ? 0.947   -11.152 1.877   1.000 14.296 ? 34  GLY AAA C   1 ? 
ATOM   333  O  O   . GLY A 1 34  ? 1.595   -12.140 1.516   1.000 15.979 ? 34  GLY AAA O   1 ? 
ATOM   334  N  N   . GLY A 1 35  ? 0.502   -10.242 1.006   1.000 15.396 ? 35  GLY AAA N   1 ? 
ATOM   335  C  CA  . GLY A 1 35  ? 0.810   -10.341 -0.426  1.000 15.380 ? 35  GLY AAA CA  1 ? 
ATOM   336  C  C   . GLY A 1 35  ? -0.162  -11.196 -1.219  1.000 15.083 ? 35  GLY AAA C   1 ? 
ATOM   337  O  O   . GLY A 1 35  ? 0.193   -11.583 -2.350  1.000 17.171 ? 35  GLY AAA O   1 ? 
ATOM   338  N  N   . ILE A 1 36  ? -1.350  -11.462 -0.710  1.000 15.649 ? 36  ILE AAA N   1 ? 
ATOM   339  C  CA  . ILE A 1 36  ? -2.423  -12.220 -1.391  1.000 16.508 ? 36  ILE AAA CA  1 ? 
ATOM   340  C  C   . ILE A 1 36  ? -3.579  -11.275 -1.646  1.000 16.033 ? 36  ILE AAA C   1 ? 
ATOM   341  O  O   . ILE A 1 36  ? -4.101  -10.670 -0.693  1.000 16.386 ? 36  ILE AAA O   1 ? 
ATOM   342  C  CB  . ILE A 1 36  ? -2.863  -13.419 -0.548  1.000 17.973 ? 36  ILE AAA CB  1 ? 
ATOM   343  C  CG1 . ILE A 1 36  ? -1.729  -14.424 -0.342  1.000 20.371 ? 36  ILE AAA CG1 1 ? 
ATOM   344  C  CG2 . ILE A 1 36  ? -4.110  -14.040 -1.129  1.000 19.839 ? 36  ILE AAA CG2 1 ? 
ATOM   345  C  CD1 . ILE A 1 36  ? -1.999  -15.402 0.773   1.000 25.334 ? 36  ILE AAA CD1 1 ? 
ATOM   346  N  N   . PHE A 1 37  ? -3.986  -11.127 -2.898  1.000 16.121 ? 37  PHE AAA N   1 ? 
ATOM   347  C  CA  . PHE A 1 37  ? -4.857  -10.019 -3.325  1.000 16.597 ? 37  PHE AAA CA  1 ? 
ATOM   348  C  C   . PHE A 1 37  ? -6.210  -10.562 -3.751  1.000 17.014 ? 37  PHE AAA C   1 ? 
ATOM   349  O  O   . PHE A 1 37  ? -6.316  -11.045 -4.916  1.000 20.941 ? 37  PHE AAA O   1 ? 
ATOM   350  C  CB  . PHE A 1 37  ? -4.193  -9.270  -4.476  1.000 16.762 ? 37  PHE AAA CB  1 ? 
ATOM   351  C  CG  . PHE A 1 37  ? -2.966  -8.486  -4.072  1.000 15.089 ? 37  PHE AAA CG  1 ? 
ATOM   352  C  CD1 . PHE A 1 37  ? -1.749  -9.081  -3.781  1.000 16.072 ? 37  PHE AAA CD1 1 ? 
ATOM   353  C  CD2 . PHE A 1 37  ? -3.056  -7.123  -3.952  1.000 16.493 ? 37  PHE AAA CD2 1 ? 
ATOM   354  C  CE1 . PHE A 1 37  ? -0.672  -8.314  -3.337  1.000 15.786 ? 37  PHE AAA CE1 1 ? 
ATOM   355  C  CE2 . PHE A 1 37  ? -1.969  -6.360  -3.562  1.000 16.146 ? 37  PHE AAA CE2 1 ? 
ATOM   356  C  CZ  . PHE A 1 37  ? -0.786  -6.961  -3.223  1.000 15.898 ? 37  PHE AAA CZ  1 ? 
ATOM   357  N  N   . ALA A 1 38  ? -7.221  -10.520 -2.937  1.000 15.029 ? 38  ALA AAA N   1 ? 
ATOM   358  C  CA  . ALA A 1 38  ? -8.572  -10.931 -3.377  1.000 15.382 ? 38  ALA AAA CA  1 ? 
ATOM   359  C  C   . ALA A 1 38  ? -9.037  -9.969  -4.459  1.000 15.575 ? 38  ALA AAA C   1 ? 
ATOM   360  O  O   . ALA A 1 38  ? -9.016  -8.763  -4.302  1.000 15.630 ? 38  ALA AAA O   1 ? 
ATOM   361  C  CB  . ALA A 1 38  ? -9.520  -10.916 -2.228  1.000 15.411 ? 38  ALA AAA CB  1 ? 
ATOM   362  N  N   . GLU A 1 39  ? -9.560  -10.553 -5.544  1.000 15.924 ? 39  GLU AAA N   1 ? 
ATOM   363  C  CA  . GLU A 1 39  ? -10.185 -9.755  -6.627  1.000 16.561 ? 39  GLU AAA CA  1 ? 
ATOM   364  C  C   . GLU A 1 39  ? -11.560 -9.358  -6.169  1.000 15.610 ? 39  GLU AAA C   1 ? 
ATOM   365  O  O   . GLU A 1 39  ? -12.573 -10.065 -6.421  1.000 17.899 ? 39  GLU AAA O   1 ? 
ATOM   366  C  CB  . GLU A 1 39  ? -10.135 -10.555 -7.923  1.000 17.063 ? 39  GLU AAA CB  1 ? 
ATOM   367  C  CG  . GLU A 1 39  ? -8.794  -10.421 -8.579  1.000 17.391 ? 39  GLU AAA CG  1 ? 
ATOM   368  C  CD  . GLU A 1 39  ? -8.555  -9.123  -9.348  1.000 16.840 ? 39  GLU AAA CD  1 ? 
ATOM   369  O  OE1 . GLU A 1 39  ? -7.448  -8.961  -9.861  1.000 20.785 ? 39  GLU AAA OE1 1 ? 
ATOM   370  O  OE2 . GLU A 1 39  ? -9.513  -8.342  -9.503  1.000 16.425 ? 39  GLU AAA OE2 1 ? 
ATOM   371  N  N   . ASP A 1 40  ? -11.637 -8.266  -5.446  1.000 15.165 ? 40  ASP AAA N   1 ? 
ATOM   372  C  CA  . ASP A 1 40  ? -12.840 -7.755  -4.794  1.000 15.754 ? 40  ASP AAA CA  1 ? 
ATOM   373  C  C   . ASP A 1 40  ? -12.750 -6.246  -4.870  1.000 16.427 ? 40  ASP AAA C   1 ? 
ATOM   374  O  O   . ASP A 1 40  ? -11.744 -5.682  -4.379  1.000 15.680 ? 40  ASP AAA O   1 ? 
ATOM   375  C  CB  . ASP A 1 40  ? -12.928 -8.247  -3.353  1.000 16.888 ? 40  ASP AAA CB  1 ? 
ATOM   376  C  CG  . ASP A 1 40  ? -14.169 -7.818  -2.627  1.000 20.181 ? 40  ASP AAA CG  1 ? 
ATOM   377  O  OD1 . ASP A 1 40  ? -14.590 -6.680  -2.770  1.000 27.072 ? 40  ASP AAA OD1 1 ? 
ATOM   378  O  OD2 . ASP A 1 40  ? -14.731 -8.642  -1.914  1.000 21.269 ? 40  ASP AAA OD2 1 ? 
ATOM   379  N  N   A ARG A 1 41  ? -13.733 -5.598  -5.473  0.500 15.832 ? 41  ARG AAA N   1 ? 
ATOM   380  N  N   B ARG A 1 41  ? -13.723 -5.568  -5.459  0.500 15.623 ? 41  ARG AAA N   1 ? 
ATOM   381  C  CA  A ARG A 1 41  ? -13.738 -4.140  -5.673  0.500 16.353 ? 41  ARG AAA CA  1 ? 
ATOM   382  C  CA  B ARG A 1 41  ? -13.611 -4.112  -5.674  0.500 16.130 ? 41  ARG AAA CA  1 ? 
ATOM   383  C  C   A ARG A 1 41  ? -13.591 -3.406  -4.341  0.500 15.651 ? 41  ARG AAA C   1 ? 
ATOM   384  C  C   B ARG A 1 41  ? -13.600 -3.372  -4.330  0.500 15.668 ? 41  ARG AAA C   1 ? 
ATOM   385  O  O   A ARG A 1 41  ? -12.981 -2.323  -4.302  0.500 15.874 ? 41  ARG AAA O   1 ? 
ATOM   386  O  O   B ARG A 1 41  ? -13.039 -2.268  -4.245  0.500 15.349 ? 41  ARG AAA O   1 ? 
ATOM   387  C  CB  A ARG A 1 41  ? -15.045 -3.694  -6.338  0.500 17.000 ? 41  ARG AAA CB  1 ? 
ATOM   388  C  CB  B ARG A 1 41  ? -14.716 -3.607  -6.611  0.500 16.561 ? 41  ARG AAA CB  1 ? 
ATOM   389  C  CG  A ARG A 1 41  ? -15.203 -2.184  -6.426  0.500 19.640 ? 41  ARG AAA CG  1 ? 
ATOM   390  C  CG  B ARG A 1 41  ? -14.524 -4.036  -8.057  0.500 18.896 ? 41  ARG AAA CG  1 ? 
ATOM   391  C  CD  A ARG A 1 41  ? -14.545 -1.637  -7.658  0.500 22.231 ? 41  ARG AAA CD  1 ? 
ATOM   392  C  CD  B ARG A 1 41  ? -15.107 -3.084  -9.076  0.500 20.622 ? 41  ARG AAA CD  1 ? 
ATOM   393  N  NE  A ARG A 1 41  ? -14.734 -0.200  -7.747  0.500 22.576 ? 41  ARG AAA NE  1 ? 
ATOM   394  N  NE  B ARG A 1 41  ? -14.518 -1.773  -8.928  0.500 19.014 ? 41  ARG AAA NE  1 ? 
ATOM   395  C  CZ  A ARG A 1 41  ? -13.898 0.605   -8.386  0.500 20.232 ? 41  ARG AAA CZ  1 ? 
ATOM   396  C  CZ  B ARG A 1 41  ? -13.283 -1.454  -9.318  0.500 18.784 ? 41  ARG AAA CZ  1 ? 
ATOM   397  N  NH1 A ARG A 1 41  ? -12.836 0.086   -8.960  0.500 21.733 ? 41  ARG AAA NH1 1 ? 
ATOM   398  N  NH1 B ARG A 1 41  ? -12.471 -2.344  -9.904  0.500 15.100 ? 41  ARG AAA NH1 1 ? 
ATOM   399  N  NH2 A ARG A 1 41  ? -14.109 1.904   -8.413  0.500 19.713 ? 41  ARG AAA NH2 1 ? 
ATOM   400  N  NH2 B ARG A 1 41  ? -12.879 -0.215  -9.111  0.500 21.023 ? 41  ARG AAA NH2 1 ? 
ATOM   401  N  N   . GLU A 1 42  ? -14.211 -3.895  -3.280  1.000 15.762 ? 42  GLU AAA N   1 ? 
ATOM   402  C  CA  . GLU A 1 42  ? -14.117 -3.259  -1.955  1.000 15.514 ? 42  GLU AAA CA  1 ? 
ATOM   403  C  C   . GLU A 1 42  ? -12.648 -3.250  -1.514  1.000 14.664 ? 42  GLU AAA C   1 ? 
ATOM   404  O  O   . GLU A 1 42  ? -12.226 -2.235  -0.970  1.000 15.677 ? 42  GLU AAA O   1 ? 
ATOM   405  C  CB  . GLU A 1 42  ? -15.007 -4.030  -0.996  1.000 16.760 ? 42  GLU AAA CB  1 ? 
ATOM   406  C  CG  . GLU A 1 42  ? -16.494 -3.916  -1.328  1.000 19.390 ? 42  GLU AAA CG  1 ? 
ATOM   407  C  CD  . GLU A 1 42  ? -17.087 -2.551  -1.063  1.000 21.391 ? 42  GLU AAA CD  1 ? 
ATOM   408  O  OE1 . GLU A 1 42  ? -17.854 -2.078  -1.941  1.000 32.661 ? 42  GLU AAA OE1 1 ? 
ATOM   409  O  OE2 . GLU A 1 42  ? -16.840 -1.927  -0.046  1.000 20.931 ? 42  GLU AAA OE2 1 ? 
ATOM   410  N  N   . LEU A 1 43  ? -11.929 -4.343  -1.702  1.000 14.100 ? 43  LEU AAA N   1 ? 
ATOM   411  C  CA  . LEU A 1 43  ? -10.504 -4.383  -1.359  1.000 13.854 ? 43  LEU AAA CA  1 ? 
ATOM   412  C  C   . LEU A 1 43  ? -9.709  -3.466  -2.277  1.000 14.089 ? 43  LEU AAA C   1 ? 
ATOM   413  O  O   . LEU A 1 43  ? -8.795  -2.786  -1.821  1.000 13.327 ? 43  LEU AAA O   1 ? 
ATOM   414  C  CB  . LEU A 1 43  ? -9.992  -5.805  -1.426  1.000 14.309 ? 43  LEU AAA CB  1 ? 
ATOM   415  C  CG  . LEU A 1 43  ? -8.605  -5.989  -0.782  1.000 14.168 ? 43  LEU AAA CG  1 ? 
ATOM   416  C  CD1 . LEU A 1 43  ? -8.644  -5.671  0.716   1.000 14.983 ? 43  LEU AAA CD1 1 ? 
ATOM   417  C  CD2 . LEU A 1 43  ? -8.147  -7.387  -1.014  1.000 15.581 ? 43  LEU AAA CD2 1 ? 
ATOM   418  N  N   . LYS A 1 44  ? -10.029 -3.407  -3.563  1.000 13.909 ? 44  LYS AAA N   1 ? 
ATOM   419  C  CA  . LYS A 1 44  ? -9.325  -2.494  -4.479  1.000 13.526 ? 44  LYS AAA CA  1 ? 
ATOM   420  C  C   . LYS A 1 44  ? -9.492  -1.070  -3.988  1.000 13.713 ? 44  LYS AAA C   1 ? 
ATOM   421  O  O   . LYS A 1 44  ? -8.519  -0.317  -3.909  1.000 14.028 ? 44  LYS AAA O   1 ? 
ATOM   422  C  CB  . LYS A 1 44  ? -9.899  -2.601  -5.893  1.000 14.699 ? 44  LYS AAA CB  1 ? 
ATOM   423  C  CG  . LYS A 1 44  ? -9.601  -3.932  -6.512  1.000 14.703 ? 44  LYS AAA CG  1 ? 
ATOM   424  C  CD  . LYS A 1 44  ? -10.047 -4.021  -7.978  1.000 16.002 ? 44  LYS AAA CD  1 ? 
ATOM   425  C  CE  . LYS A 1 44  ? -9.395  -5.173  -8.697  1.000 15.471 ? 44  LYS AAA CE  1 ? 
ATOM   426  N  NZ  . LYS A 1 44  ? -9.812  -5.230  -10.135 1.000 16.529 ? 44  LYS AAA NZ  1 ? 
ATOM   427  N  N   . CYS A 1 45  ? -10.694 -0.637  -3.673  1.000 13.928 ? 45  CYS AAA N   1 ? 
ATOM   428  C  CA  . CYS A 1 45  ? -10.885 0.752   -3.229  1.000 15.204 ? 45  CYS AAA CA  1 ? 
ATOM   429  C  C   . CYS A 1 45  ? -10.322 0.988   -1.835  1.000 14.753 ? 45  CYS AAA C   1 ? 
ATOM   430  O  O   . CYS A 1 45  ? -9.862  2.095   -1.571  1.000 14.901 ? 45  CYS AAA O   1 ? 
ATOM   431  C  CB  . CYS A 1 45  ? -12.330 1.165   -3.416  1.000 16.826 ? 45  CYS AAA CB  1 ? 
ATOM   432  S  SG  . CYS A 1 45  ? -12.751 1.344   -5.175  1.000 20.729 ? 45  CYS AAA SG  1 ? 
ATOM   433  N  N   . TYR A 1 46  ? -10.295 -0.035  -0.976  1.000 14.435 ? 46  TYR AAA N   1 ? 
ATOM   434  C  CA  . TYR A 1 46  ? -9.531  0.095   0.289   1.000 13.962 ? 46  TYR AAA CA  1 ? 
ATOM   435  C  C   . TYR A 1 46  ? -8.062  0.467   0.001   1.000 13.376 ? 46  TYR AAA C   1 ? 
ATOM   436  O  O   . TYR A 1 46  ? -7.529  1.337   0.686   1.000 13.917 ? 46  TYR AAA O   1 ? 
ATOM   437  C  CB  . TYR A 1 46  ? -9.629  -1.232  1.035   1.000 13.676 ? 46  TYR AAA CB  1 ? 
ATOM   438  C  CG  . TYR A 1 46  ? -8.654  -1.342  2.177   1.000 13.339 ? 46  TYR AAA CG  1 ? 
ATOM   439  C  CD1 . TYR A 1 46  ? -8.937  -0.766  3.412   1.000 14.663 ? 46  TYR AAA CD1 1 ? 
ATOM   440  C  CD2 . TYR A 1 46  ? -7.434  -1.981  2.026   1.000 13.102 ? 46  TYR AAA CD2 1 ? 
ATOM   441  C  CE1 . TYR A 1 46  ? -8.046  -0.852  4.461   1.000 14.493 ? 46  TYR AAA CE1 1 ? 
ATOM   442  C  CE2 . TYR A 1 46  ? -6.550  -2.080  3.072   1.000 13.596 ? 46  TYR AAA CE2 1 ? 
ATOM   443  C  CZ  . TYR A 1 46  ? -6.859  -1.507  4.292   1.000 13.589 ? 46  TYR AAA CZ  1 ? 
ATOM   444  O  OH  . TYR A 1 46  ? -5.965  -1.571  5.324   1.000 13.948 ? 46  TYR AAA OH  1 ? 
ATOM   445  N  N   . THR A 1 47  ? -7.454  -0.171  -0.987  1.000 13.290 ? 47  THR AAA N   1 ? 
ATOM   446  C  CA  . THR A 1 47  ? -6.035  0.169   -1.269  1.000 13.390 ? 47  THR AAA CA  1 ? 
ATOM   447  C  C   . THR A 1 47  ? -5.912  1.627   -1.687  1.000 14.129 ? 47  THR AAA C   1 ? 
ATOM   448  O  O   . THR A 1 47  ? -4.913  2.267   -1.365  1.000 14.137 ? 47  THR AAA O   1 ? 
ATOM   449  C  CB  . THR A 1 47  ? -5.358  -0.720  -2.298  1.000 14.200 ? 47  THR AAA CB  1 ? 
ATOM   450  O  OG1 . THR A 1 47  ? -5.867  -0.507  -3.627  1.000 13.747 ? 47  THR AAA OG1 1 ? 
ATOM   451  C  CG2 . THR A 1 47  ? -5.412  -2.183  -1.936  1.000 14.634 ? 47  THR AAA CG2 1 ? 
ATOM   452  N  N   A MET A 1 48  ? -6.902  2.148   -2.395  0.500 13.931 ? 48  MET AAA N   1 ? 
ATOM   453  N  N   B MET A 1 48  ? -6.908  2.147   -2.391  0.500 15.325 ? 48  MET AAA N   1 ? 
ATOM   454  C  CA  A MET A 1 48  ? -6.860  3.563   -2.784  0.500 13.408 ? 48  MET AAA CA  1 ? 
ATOM   455  C  CA  B MET A 1 48  ? -6.855  3.558   -2.802  0.500 16.132 ? 48  MET AAA CA  1 ? 
ATOM   456  C  C   A MET A 1 48  ? -7.050  4.460   -1.573  0.500 14.439 ? 48  MET AAA C   1 ? 
ATOM   457  C  C   B MET A 1 48  ? -7.067  4.467   -1.597  0.500 15.678 ? 48  MET AAA C   1 ? 
ATOM   458  O  O   A MET A 1 48  ? -6.382  5.491   -1.452  0.500 15.316 ? 48  MET AAA O   1 ? 
ATOM   459  O  O   B MET A 1 48  ? -6.386  5.490   -1.480  0.500 15.989 ? 48  MET AAA O   1 ? 
ATOM   460  C  CB  A MET A 1 48  ? -7.950  3.829   -3.800  0.500 13.553 ? 48  MET AAA CB  1 ? 
ATOM   461  C  CB  B MET A 1 48  ? -7.876  3.802   -3.899  0.500 18.848 ? 48  MET AAA CB  1 ? 
ATOM   462  C  CG  A MET A 1 48  ? -7.900  5.277   -4.196  0.500 13.810 ? 48  MET AAA CG  1 ? 
ATOM   463  C  CG  B MET A 1 48  ? -7.473  5.003   -4.693  0.500 22.970 ? 48  MET AAA CG  1 ? 
ATOM   464  S  SD  A MET A 1 48  ? -8.933  5.690   -5.601  0.500 16.111 ? 48  MET AAA SD  1 ? 
ATOM   465  S  SD  B MET A 1 48  ? -8.464  6.354   -4.183  0.500 31.804 ? 48  MET AAA SD  1 ? 
ATOM   466  C  CE  A MET A 1 48  ? -10.496 5.907   -4.750  0.500 21.768 ? 48  MET AAA CE  1 ? 
ATOM   467  C  CE  B MET A 1 48  ? -9.808  5.819   -5.230  0.500 18.601 ? 48  MET AAA CE  1 ? 
ATOM   468  N  N   . CYS A 1 49  ? -7.943  4.110   -0.678  1.000 14.991 ? 49  CYS AAA N   1 ? 
ATOM   469  C  CA  . CYS A 1 49  ? -8.104  4.847   0.589   1.000 15.679 ? 49  CYS AAA CA  1 ? 
ATOM   470  C  C   . CYS A 1 49  ? -6.774  4.917   1.315   1.000 14.846 ? 49  CYS AAA C   1 ? 
ATOM   471  O  O   . CYS A 1 49  ? -6.435  5.975   1.879   1.000 15.970 ? 49  CYS AAA O   1 ? 
ATOM   472  C  CB  . CYS A 1 49  ? -9.161  4.176   1.450   1.000 16.232 ? 49  CYS AAA CB  1 ? 
ATOM   473  S  SG  . CYS A 1 49  ? -9.556  5.035   2.988   1.000 19.899 ? 49  CYS AAA SG  1 ? 
ATOM   474  N  N   . ILE A 1 50  ? -6.067  3.794   1.415   1.000 14.743 ? 50  ILE AAA N   1 ? 
ATOM   475  C  CA  . ILE A 1 50  ? -4.760  3.780   2.095   1.000 15.535 ? 50  ILE AAA CA  1 ? 
ATOM   476  C  C   . ILE A 1 50  ? -3.802  4.719   1.372   1.000 15.003 ? 50  ILE AAA C   1 ? 
ATOM   477  O  O   . ILE A 1 50  ? -3.146  5.527   2.078   1.000 15.947 ? 50  ILE AAA O   1 ? 
ATOM   478  C  CB  . ILE A 1 50  ? -4.218  2.356   2.189   1.000 14.014 ? 50  ILE AAA CB  1 ? 
ATOM   479  C  CG1 . ILE A 1 50  ? -5.085  1.484   3.088   1.000 15.015 ? 50  ILE AAA CG1 1 ? 
ATOM   480  C  CG2 . ILE A 1 50  ? -2.757  2.361   2.570   1.000 15.171 ? 50  ILE AAA CG2 1 ? 
ATOM   481  C  CD1 . ILE A 1 50  ? -5.070  1.849   4.537   1.000 15.158 ? 50  ILE AAA CD1 1 ? 
ATOM   482  N  N   . ALA A 1 51  ? -3.724  4.674   0.066   1.000 14.973 ? 51  ALA AAA N   1 ? 
ATOM   483  C  CA  . ALA A 1 51  ? -2.850  5.612   -0.687  1.000 17.221 ? 51  ALA AAA CA  1 ? 
ATOM   484  C  C   . ALA A 1 51  ? -3.313  7.044   -0.434  1.000 18.422 ? 51  ALA AAA C   1 ? 
ATOM   485  O  O   . ALA A 1 51  ? -2.441  7.969   -0.257  1.000 20.712 ? 51  ALA AAA O   1 ? 
ATOM   486  C  CB  . ALA A 1 51  ? -2.856  5.268   -2.143  1.000 18.348 ? 51  ALA AAA CB  1 ? 
ATOM   487  N  N   . GLN A 1 52  ? -4.588  7.306   -0.356  1.000 17.695 ? 52  GLN AAA N   1 ? 
ATOM   488  C  CA  . GLN A 1 52  ? -5.129  8.671   -0.064  1.000 21.417 ? 52  GLN AAA CA  1 ? 
ATOM   489  C  C   . GLN A 1 52  ? -4.690  9.104   1.340   1.000 22.362 ? 52  GLN AAA C   1 ? 
ATOM   490  O  O   . GLN A 1 52  ? -4.300  10.296  1.548   1.000 25.778 ? 52  GLN AAA O   1 ? 
ATOM   491  C  CB  . GLN A 1 52  ? -6.656  8.713   -0.112  1.000 22.883 ? 52  GLN AAA CB  1 ? 
ATOM   492  C  CG  . GLN A 1 52  ? -7.258  8.733   -1.500  1.000 25.492 ? 52  GLN AAA CG  1 ? 
ATOM   493  C  CD  . GLN A 1 52  ? -8.767  8.628   -1.457  1.000 27.806 ? 52  GLN AAA CD  1 ? 
ATOM   494  O  OE1 . GLN A 1 52  ? -9.358  8.025   -0.566  1.000 34.635 ? 52  GLN AAA OE1 1 ? 
ATOM   495  N  NE2 . GLN A 1 52  ? -9.415  9.273   -2.415  1.000 36.921 ? 52  GLN AAA NE2 1 ? 
ATOM   496  N  N   A MET A 1 53  ? -4.752  8.219   2.310   0.700 19.358 ? 53  MET AAA N   1 ? 
ATOM   497  N  N   B MET A 1 53  ? -4.768  8.201   2.319   0.300 22.296 ? 53  MET AAA N   1 ? 
ATOM   498  C  CA  A MET A 1 53  ? -4.362  8.560   3.688   0.700 21.235 ? 53  MET AAA CA  1 ? 
ATOM   499  C  CA  B MET A 1 53  ? -4.358  8.468   3.725   0.300 23.435 ? 53  MET AAA CA  1 ? 
ATOM   500  C  C   A MET A 1 53  ? -2.865  8.830   3.744   0.700 20.911 ? 53  MET AAA C   1 ? 
ATOM   501  C  C   B MET A 1 53  ? -2.874  8.819   3.766   0.300 22.348 ? 53  MET AAA C   1 ? 
ATOM   502  O  O   A MET A 1 53  ? -2.458  9.715   4.547   0.700 23.764 ? 53  MET AAA O   1 ? 
ATOM   503  O  O   B MET A 1 53  ? -2.493  9.707   4.569   0.300 23.375 ? 53  MET AAA O   1 ? 
ATOM   504  C  CB  A MET A 1 53  ? -4.733  7.417   4.616   0.700 21.201 ? 53  MET AAA CB  1 ? 
ATOM   505  C  CB  B MET A 1 53  ? -4.589  7.247   4.613   0.300 25.157 ? 53  MET AAA CB  1 ? 
ATOM   506  C  CG  A MET A 1 53  ? -4.598  7.785   6.023   0.700 22.658 ? 53  MET AAA CG  1 ? 
ATOM   507  C  CG  B MET A 1 53  ? -6.025  7.049   4.967   0.300 26.769 ? 53  MET AAA CG  1 ? 
ATOM   508  S  SD  A MET A 1 53  ? -5.286  6.449   6.957   0.700 25.388 ? 53  MET AAA SD  1 ? 
ATOM   509  S  SD  B MET A 1 53  ? -6.451  7.964   6.452   0.300 29.913 ? 53  MET AAA SD  1 ? 
ATOM   510  C  CE  A MET A 1 53  ? -5.081  7.174   8.585   0.700 26.116 ? 53  MET AAA CE  1 ? 
ATOM   511  C  CE  B MET A 1 53  ? -5.390  7.108   7.619   0.300 31.283 ? 53  MET AAA CE  1 ? 
ATOM   512  N  N   . ALA A 1 54  ? -2.067  8.139   2.961   1.000 19.798 ? 54  ALA AAA N   1 ? 
ATOM   513  C  CA  . ALA A 1 54  ? -0.626  8.402   2.856   1.000 21.485 ? 54  ALA AAA CA  1 ? 
ATOM   514  C  C   . ALA A 1 54  ? -0.380  9.707   2.078   1.000 23.047 ? 54  ALA AAA C   1 ? 
ATOM   515  O  O   . ALA A 1 54  ? 0.762   10.213  2.150   1.000 25.685 ? 54  ALA AAA O   1 ? 
ATOM   516  C  CB  . ALA A 1 54  ? 0.063   7.246   2.222   1.000 22.409 ? 54  ALA AAA CB  1 ? 
ATOM   517  N  N   . GLY A 1 55  ? -1.398  10.276  1.457   1.000 22.835 ? 55  GLY AAA N   1 ? 
ATOM   518  C  CA  . GLY A 1 55  ? -1.277  11.557  0.734   1.000 25.391 ? 55  GLY AAA CA  1 ? 
ATOM   519  C  C   . GLY A 1 55  ? -0.583  11.352  -0.592  1.000 27.326 ? 55  GLY AAA C   1 ? 
ATOM   520  O  O   . GLY A 1 55  ? -0.055  12.355  -1.148  1.000 27.850 ? 55  GLY AAA O   1 ? 
ATOM   521  N  N   . THR A 1 56  ? -0.573  10.130  -1.153  1.000 22.842 ? 56  THR AAA N   1 ? 
ATOM   522  C  CA  . THR A 1 56  ? 0.166   9.819   -2.393  1.000 23.762 ? 56  THR AAA CA  1 ? 
ATOM   523  C  C   . THR A 1 56  ? -0.722  9.705   -3.623  1.000 19.700 ? 56  THR AAA C   1 ? 
ATOM   524  O  O   . THR A 1 56  ? -0.189  9.277   -4.669  1.000 26.113 ? 56  THR AAA O   1 ? 
ATOM   525  C  CB  . THR A 1 56  ? 0.948   8.533   -2.233  1.000 21.706 ? 56  THR AAA CB  1 ? 
ATOM   526  O  OG1 . THR A 1 56  ? 0.060   7.425   -1.911  1.000 22.728 ? 56  THR AAA OG1 1 ? 
ATOM   527  C  CG2 . THR A 1 56  ? 1.983   8.744   -1.146  1.000 24.640 ? 56  THR AAA CG2 1 ? 
ATOM   528  N  N   . MET A 1 57  ? -2.003  9.912   -3.471  1.000 23.161 ? 57  MET AAA N   1 ? 
ATOM   529  C  CA  . MET A 1 57  ? -2.949  10.032  -4.599  1.000 22.144 ? 57  MET AAA CA  1 ? 
ATOM   530  C  C   . MET A 1 57  ? -3.015  11.516  -4.996  1.000 25.232 ? 57  MET AAA C   1 ? 
ATOM   531  O  O   . MET A 1 57  ? -3.383  12.364  -4.122  1.000 30.095 ? 57  MET AAA O   1 ? 
ATOM   532  C  CB  . MET A 1 57  ? -4.356  9.562   -4.262  1.000 26.238 ? 57  MET AAA CB  1 ? 
ATOM   533  C  CG  . MET A 1 57  ? -4.428  8.070   -4.013  1.000 27.031 ? 57  MET AAA CG  1 ? 
ATOM   534  S  SD  . MET A 1 57  ? -3.499  7.051   -5.224  1.000 25.800 ? 57  MET AAA SD  1 ? 
ATOM   535  C  CE  . MET A 1 57  ? -4.599  7.152   -6.641  1.000 23.745 ? 57  MET AAA CE  1 ? 
ATOM   536  N  N   . ASN A 1 58  ? -2.640  11.842  -6.230  1.000 20.881 ? 58  ASN AAA N   1 ? 
ATOM   537  C  CA  . ASN A 1 58  ? -2.845  13.229  -6.749  1.000 19.764 ? 58  ASN AAA CA  1 ? 
ATOM   538  C  C   . ASN A 1 58  ? -4.341  13.397  -7.003  1.000 20.496 ? 58  ASN AAA C   1 ? 
ATOM   539  O  O   . ASN A 1 58  ? -5.134  12.442  -7.041  1.000 20.872 ? 58  ASN AAA O   1 ? 
ATOM   540  C  CB  . ASN A 1 58  ? -1.892  13.544  -7.903  1.000 20.074 ? 58  ASN AAA CB  1 ? 
ATOM   541  C  CG  . ASN A 1 58  ? -2.262  12.922  -9.215  1.000 19.637 ? 58  ASN AAA CG  1 ? 
ATOM   542  O  OD1 . ASN A 1 58  ? -3.363  12.454  -9.424  1.000 19.363 ? 58  ASN AAA OD1 1 ? 
ATOM   543  N  ND2 . ASN A 1 58  ? -1.322  12.923  -10.150 1.000 23.809 ? 58  ASN AAA ND2 1 ? 
ATOM   544  N  N   . LYS A 1 59  ? -4.749  14.637  -7.275  1.000 20.808 ? 59  LYS AAA N   1 ? 
ATOM   545  C  CA  . LYS A 1 59  ? -6.182  14.939  -7.442  1.000 21.738 ? 59  LYS AAA CA  1 ? 
ATOM   546  C  C   . LYS A 1 59  ? -6.666  14.462  -8.794  1.000 22.692 ? 59  LYS AAA C   1 ? 
ATOM   547  O  O   . LYS A 1 59  ? -7.901  14.331  -8.931  1.000 27.868 ? 59  LYS AAA O   1 ? 
ATOM   548  C  CB  . LYS A 1 59  ? -6.425  16.426  -7.186  1.000 22.456 ? 59  LYS AAA CB  1 ? 
ATOM   549  C  CG  . LYS A 1 59  ? -6.434  16.772  -5.715  1.000 24.188 ? 59  LYS AAA CG  1 ? 
ATOM   550  C  CD  . LYS A 1 59  ? -6.905  18.179  -5.425  1.000 24.872 ? 59  LYS AAA CD  1 ? 
ATOM   551  C  CE  . LYS A 1 59  ? -7.127  18.462  -3.955  1.000 26.223 ? 59  LYS AAA CE  1 ? 
ATOM   552  N  NZ  . LYS A 1 59  ? -7.540  19.871  -3.724  1.000 26.872 ? 59  LYS AAA NZ  1 ? 
ATOM   553  N  N   . LYS A 1 60  ? -5.781  14.106  -9.720  1.000 21.590 ? 60  LYS AAA N   1 ? 
ATOM   554  C  CA  . LYS A 1 60  ? -6.229  13.481  -10.976 1.000 24.562 ? 60  LYS AAA CA  1 ? 
ATOM   555  C  C   . LYS A 1 60  ? -6.632  12.021  -10.741 1.000 23.818 ? 60  LYS AAA C   1 ? 
ATOM   556  O  O   . LYS A 1 60  ? -7.210  11.395  -11.631 1.000 27.452 ? 60  LYS AAA O   1 ? 
ATOM   557  C  CB  . LYS A 1 60  ? -5.120  13.557  -12.023 1.000 28.664 ? 60  LYS AAA CB  1 ? 
ATOM   558  C  CG  . LYS A 1 60  ? -5.145  14.770  -12.929 1.000 33.815 ? 60  LYS AAA CG  1 ? 
ATOM   559  C  CD  . LYS A 1 60  ? -4.138  14.652  -14.038 1.000 36.791 ? 60  LYS AAA CD  1 ? 
ATOM   560  C  CE  . LYS A 1 60  ? -4.639  13.852  -15.219 1.000 39.875 ? 60  LYS AAA CE  1 ? 
ATOM   561  N  NZ  . LYS A 1 60  ? -3.646  13.870  -16.316 1.000 43.166 ? 60  LYS AAA NZ  1 ? 
ATOM   562  N  N   . GLY A 1 61  ? -6.274  11.458  -9.602  1.000 20.995 ? 61  GLY AAA N   1 ? 
ATOM   563  C  CA  . GLY A 1 61  ? -6.524  10.039  -9.297  1.000 20.179 ? 61  GLY AAA CA  1 ? 
ATOM   564  C  C   . GLY A 1 61  ? -5.352  9.163   -9.704  1.000 20.600 ? 61  GLY AAA C   1 ? 
ATOM   565  O  O   . GLY A 1 61  ? -5.548  7.938   -9.844  1.000 20.014 ? 61  GLY AAA O   1 ? 
ATOM   566  N  N   . GLU A 1 62  ? -4.157  9.707   -9.854  1.000 18.189 ? 62  GLU AAA N   1 ? 
ATOM   567  C  CA  . GLU A 1 62  ? -2.943  8.926   -10.150 1.000 20.787 ? 62  GLU AAA CA  1 ? 
ATOM   568  C  C   . GLU A 1 62  ? -2.106  8.813   -8.885  1.000 19.184 ? 62  GLU AAA C   1 ? 
ATOM   569  O  O   . GLU A 1 62  ? -2.283  9.550   -7.959  1.000 18.619 ? 62  GLU AAA O   1 ? 
ATOM   570  C  CB  . GLU A 1 62  ? -2.134  9.609   -11.259 1.000 21.975 ? 62  GLU AAA CB  1 ? 
ATOM   571  C  CG  . GLU A 1 62  ? -2.966  9.980   -12.478 1.000 23.816 ? 62  GLU AAA CG  1 ? 
ATOM   572  C  CD  . GLU A 1 62  ? -2.286  10.977  -13.397 1.000 27.190 ? 62  GLU AAA CD  1 ? 
ATOM   573  O  OE1 . GLU A 1 62  ? -2.582  10.905  -14.620 1.000 33.372 ? 62  GLU AAA OE1 1 ? 
ATOM   574  O  OE2 . GLU A 1 62  ? -1.532  11.853  -12.893 1.000 27.462 ? 62  GLU AAA OE2 1 ? 
ATOM   575  N  N   . ILE A 1 63  ? -1.212  7.839   -8.899  1.000 18.954 ? 63  ILE AAA N   1 ? 
ATOM   576  C  CA  . ILE A 1 63  ? -0.229  7.665   -7.812  1.000 18.999 ? 63  ILE AAA CA  1 ? 
ATOM   577  C  C   . ILE A 1 63  ? 0.959   8.592   -8.067  1.000 18.772 ? 63  ILE AAA C   1 ? 
ATOM   578  O  O   . ILE A 1 63  ? 1.529   8.561   -9.146  1.000 21.014 ? 63  ILE AAA O   1 ? 
ATOM   579  C  CB  . ILE A 1 63  ? 0.230   6.206   -7.701  1.000 19.068 ? 63  ILE AAA CB  1 ? 
ATOM   580  C  CG1 . ILE A 1 63  ? -0.964  5.254   -7.615  1.000 19.099 ? 63  ILE AAA CG1 1 ? 
ATOM   581  C  CG2 . ILE A 1 63  ? 1.144   6.069   -6.500  1.000 23.007 ? 63  ILE AAA CG2 1 ? 
ATOM   582  C  CD1 . ILE A 1 63  ? -0.596  3.820   -7.809  1.000 20.499 ? 63  ILE AAA CD1 1 ? 
ATOM   583  N  N   A ASN A 1 64  ? 1.299   9.341   -7.026  0.500 19.606 ? 64  ASN AAA N   1 ? 
ATOM   584  N  N   B ASN A 1 64  ? 1.296   9.343   -7.031  0.500 19.843 ? 64  ASN AAA N   1 ? 
ATOM   585  C  CA  A ASN A 1 64  ? 2.498   10.207  -6.968  0.500 21.375 ? 64  ASN AAA CA  1 ? 
ATOM   586  C  CA  B ASN A 1 64  ? 2.498   10.203  -6.991  0.500 21.690 ? 64  ASN AAA CA  1 ? 
ATOM   587  C  C   A ASN A 1 64  ? 3.685   9.324   -6.576  0.500 20.012 ? 64  ASN AAA C   1 ? 
ATOM   588  C  C   B ASN A 1 64  ? 3.679   9.322   -6.582  0.500 20.236 ? 64  ASN AAA C   1 ? 
ATOM   589  O  O   A ASN A 1 64  ? 3.877   9.103   -5.374  0.500 21.292 ? 64  ASN AAA O   1 ? 
ATOM   590  O  O   B ASN A 1 64  ? 3.862   9.104   -5.378  0.500 21.658 ? 64  ASN AAA O   1 ? 
ATOM   591  C  CB  A ASN A 1 64  ? 2.270   11.391  -6.027  0.500 22.632 ? 64  ASN AAA CB  1 ? 
ATOM   592  C  CB  B ASN A 1 64  ? 2.276   11.405  -6.079  0.500 23.138 ? 64  ASN AAA CB  1 ? 
ATOM   593  C  CG  A ASN A 1 64  ? 3.403   12.394  -6.094  0.500 23.610 ? 64  ASN AAA CG  1 ? 
ATOM   594  C  CG  B ASN A 1 64  ? 3.475   12.323  -6.089  0.500 24.005 ? 64  ASN AAA CG  1 ? 
ATOM   595  O  OD1 A ASN A 1 64  ? 4.567   12.040  -5.923  0.500 19.811 ? 64  ASN AAA OD1 1 ? 
ATOM   596  O  OD1 B ASN A 1 64  ? 4.449   12.044  -6.805  0.500 23.047 ? 64  ASN AAA OD1 1 ? 
ATOM   597  N  ND2 A ASN A 1 64  ? 3.075   13.642  -6.407  0.500 27.783 ? 64  ASN AAA ND2 1 ? 
ATOM   598  N  ND2 B ASN A 1 64  ? 3.376   13.429  -5.353  0.500 25.447 ? 64  ASN AAA ND2 1 ? 
ATOM   599  N  N   . VAL A 1 65  ? 4.447   8.862   -7.565  1.000 21.498 ? 65  VAL AAA N   1 ? 
ATOM   600  C  CA  . VAL A 1 65  ? 5.548   7.881   -7.334  1.000 22.297 ? 65  VAL AAA CA  1 ? 
ATOM   601  C  C   . VAL A 1 65  ? 6.684   8.581   -6.591  1.000 24.096 ? 65  VAL AAA C   1 ? 
ATOM   602  O  O   . VAL A 1 65  ? 7.207   7.998   -5.658  1.000 22.989 ? 65  VAL AAA O   1 ? 
ATOM   603  C  CB  . VAL A 1 65  ? 5.983   7.231   -8.658  1.000 24.174 ? 65  VAL AAA CB  1 ? 
ATOM   604  C  CG1 . VAL A 1 65  ? 7.149   6.301   -8.407  1.000 24.908 ? 65  VAL AAA CG1 1 ? 
ATOM   605  C  CG2 . VAL A 1 65  ? 4.838   6.491   -9.355  1.000 24.390 ? 65  VAL AAA CG2 1 ? 
ATOM   606  N  N   . GLN A 1 66  ? 7.007   9.818   -6.945  1.000 25.818 ? 66  GLN AAA N   1 ? 
ATOM   607  C  CA  . GLN A 1 66  ? 8.077   10.561  -6.225  1.000 27.587 ? 66  GLN AAA CA  1 ? 
ATOM   608  C  C   . GLN A 1 66  ? 7.720   10.715  -4.741  1.000 24.072 ? 66  GLN AAA C   1 ? 
ATOM   609  O  O   . GLN A 1 66  ? 8.588   10.500  -3.896  1.000 24.921 ? 66  GLN AAA O   1 ? 
ATOM   610  C  CB  . GLN A 1 66  ? 8.367   11.888  -6.930  1.000 30.975 ? 66  GLN AAA CB  1 ? 
ATOM   611  C  CG  . GLN A 1 66  ? 8.968   11.714  -8.324  1.000 36.278 ? 66  GLN AAA CG  1 ? 
ATOM   612  C  CD  . GLN A 1 66  ? 10.106  10.717  -8.415  1.000 42.687 ? 66  GLN AAA CD  1 ? 
ATOM   613  O  OE1 . GLN A 1 66  ? 10.111  9.811   -9.256  1.000 47.623 ? 66  GLN AAA OE1 1 ? 
ATOM   614  N  NE2 . GLN A 1 66  ? 11.104  10.877  -7.561  1.000 44.739 ? 66  GLN AAA NE2 1 ? 
ATOM   615  N  N   . LYS A 1 67  ? 6.473   11.050  -4.394  1.000 24.141 ? 67  LYS AAA N   1 ? 
ATOM   616  C  CA  . LYS A 1 67  ? 6.107   11.174  -2.970  1.000 23.328 ? 67  LYS AAA CA  1 ? 
ATOM   617  C  C   . LYS A 1 67  ? 6.216   9.805   -2.306  1.000 22.669 ? 67  LYS AAA C   1 ? 
ATOM   618  O  O   . LYS A 1 67  ? 6.693   9.727   -1.154  1.000 22.665 ? 67  LYS AAA O   1 ? 
ATOM   619  C  CB  . LYS A 1 67  ? 4.721   11.779  -2.739  1.000 24.473 ? 67  LYS AAA CB  1 ? 
ATOM   620  C  CG  . LYS A 1 67  ? 4.430   12.096  -1.285  1.000 26.235 ? 67  LYS AAA CG  1 ? 
ATOM   621  C  CD  . LYS A 1 67  ? 3.152   12.864  -1.094  1.000 28.453 ? 67  LYS AAA CD  1 ? 
ATOM   622  C  CE  . LYS A 1 67  ? 2.813   13.170  0.344   1.000 29.380 ? 67  LYS AAA CE  1 ? 
ATOM   623  N  NZ  . LYS A 1 67  ? 1.600   14.025  0.456   1.000 31.512 ? 67  LYS AAA NZ  1 ? 
ATOM   624  N  N   . THR A 1 68  ? 5.804   8.749   -3.015  1.000 21.178 ? 68  THR AAA N   1 ? 
ATOM   625  C  CA  . THR A 1 68  ? 5.874   7.399   -2.393  1.000 20.926 ? 68  THR AAA CA  1 ? 
ATOM   626  C  C   . THR A 1 68  ? 7.337   7.093   -2.067  1.000 21.234 ? 68  THR AAA C   1 ? 
ATOM   627  O  O   . THR A 1 68  ? 7.606   6.582   -0.997  1.000 20.496 ? 68  THR AAA O   1 ? 
ATOM   628  C  CB  . THR A 1 68  ? 5.278   6.331   -3.313  1.000 20.868 ? 68  THR AAA CB  1 ? 
ATOM   629  O  OG1 . THR A 1 68  ? 3.934   6.696   -3.658  1.000 23.474 ? 68  THR AAA OG1 1 ? 
ATOM   630  C  CG2 . THR A 1 68  ? 5.223   4.982   -2.642  1.000 21.852 ? 68  THR AAA CG2 1 ? 
ATOM   631  N  N   . LEU A 1 69  ? 8.220   7.363   -3.013  1.000 22.127 ? 69  LEU AAA N   1 ? 
ATOM   632  C  CA  . LEU A 1 69  ? 9.664   7.092   -2.790  1.000 22.783 ? 69  LEU AAA CA  1 ? 
ATOM   633  C  C   . LEU A 1 69  ? 10.184  7.890   -1.596  1.000 24.628 ? 69  LEU AAA C   1 ? 
ATOM   634  O  O   . LEU A 1 69  ? 10.885  7.323   -0.729  1.000 24.418 ? 69  LEU AAA O   1 ? 
ATOM   635  C  CB  . LEU A 1 69  ? 10.425  7.408   -4.069  1.000 23.420 ? 69  LEU AAA CB  1 ? 
ATOM   636  C  CG  . LEU A 1 69  ? 10.191  6.425   -5.214  1.000 24.608 ? 69  LEU AAA CG  1 ? 
ATOM   637  C  CD1 . LEU A 1 69  ? 10.717  6.995   -6.515  1.000 26.097 ? 69  LEU AAA CD1 1 ? 
ATOM   638  C  CD2 . LEU A 1 69  ? 10.792  5.068   -4.900  1.000 24.506 ? 69  LEU AAA CD2 1 ? 
ATOM   639  N  N   . ALA A 1 70  ? 9.754   9.139   -1.462  1.000 23.177 ? 70  ALA AAA N   1 ? 
ATOM   640  C  CA  . ALA A 1 70  ? 10.252  9.994   -0.362  1.000 25.574 ? 70  ALA AAA CA  1 ? 
ATOM   641  C  C   . ALA A 1 70  ? 9.759   9.450   0.987   1.000 27.609 ? 70  ALA AAA C   1 ? 
ATOM   642  O  O   . ALA A 1 70  ? 10.494  9.465   1.999   1.000 28.168 ? 70  ALA AAA O   1 ? 
ATOM   643  C  CB  . ALA A 1 70  ? 9.804   11.413  -0.591  1.000 24.700 ? 70  ALA AAA CB  1 ? 
ATOM   644  N  N   . GLN A 1 71  ? 8.535   8.938   1.033   1.000 25.486 ? 71  GLN AAA N   1 ? 
ATOM   645  C  CA  . GLN A 1 71  ? 8.009   8.340   2.273   1.000 24.276 ? 71  GLN AAA CA  1 ? 
ATOM   646  C  C   . GLN A 1 71  ? 8.799   7.079   2.639   1.000 24.019 ? 71  GLN AAA C   1 ? 
ATOM   647  O  O   . GLN A 1 71  ? 9.137   6.909   3.814   1.000 25.030 ? 71  GLN AAA O   1 ? 
ATOM   648  C  CB  . GLN A 1 71  ? 6.544   8.004   2.075   1.000 23.841 ? 71  GLN AAA CB  1 ? 
ATOM   649  C  CG  . GLN A 1 71  ? 5.694   9.246   1.988   1.000 26.394 ? 71  GLN AAA CG  1 ? 
ATOM   650  C  CD  . GLN A 1 71  ? 4.238   8.880   1.926   1.000 26.240 ? 71  GLN AAA CD  1 ? 
ATOM   651  O  OE1 . GLN A 1 71  ? 3.905   7.791   1.466   1.000 27.573 ? 71  GLN AAA OE1 1 ? 
ATOM   652  N  NE2 . GLN A 1 71  ? 3.378   9.794   2.336   1.000 29.041 ? 71  GLN AAA NE2 1 ? 
ATOM   653  N  N   . MET A 1 72  ? 9.053   6.206   1.672   1.000 25.657 ? 72  MET AAA N   1 ? 
ATOM   654  C  CA  . MET A 1 72  ? 9.753   4.933   1.967   1.000 25.381 ? 72  MET AAA CA  1 ? 
ATOM   655  C  C   . MET A 1 72  ? 11.167  5.269   2.466   1.000 27.885 ? 72  MET AAA C   1 ? 
ATOM   656  O  O   . MET A 1 72  ? 11.610  4.665   3.453   1.000 28.712 ? 72  MET AAA O   1 ? 
ATOM   657  C  CB  . MET A 1 72  ? 9.773   4.016   0.734   1.000 27.405 ? 72  MET AAA CB  1 ? 
ATOM   658  C  CG  . MET A 1 72  ? 8.405   3.434   0.368   1.000 27.930 ? 72  MET AAA CG  1 ? 
ATOM   659  S  SD  . MET A 1 72  ? 7.238   3.024   1.705   1.000 27.326 ? 72  MET AAA SD  1 ? 
ATOM   660  C  CE  . MET A 1 72  ? 5.719   3.705   1.041   1.000 32.620 ? 72  MET AAA CE  1 ? 
ATOM   661  N  N   A ASP A 1 73  ? 11.864  6.187   1.794   0.700 29.829 ? 73  ASP AAA N   1 ? 
ATOM   662  N  N   B ASP A 1 73  ? 11.843  6.221   1.815   0.300 29.113 ? 73  ASP AAA N   1 ? 
ATOM   663  C  CA  A ASP A 1 73  ? 13.205  6.678   2.211   0.700 33.993 ? 73  ASP AAA CA  1 ? 
ATOM   664  C  CA  B ASP A 1 73  ? 13.216  6.681   2.164   0.300 31.194 ? 73  ASP AAA CA  1 ? 
ATOM   665  C  C   A ASP A 1 73  ? 13.187  7.050   3.688   0.700 32.010 ? 73  ASP AAA C   1 ? 
ATOM   666  C  C   B ASP A 1 73  ? 13.250  7.160   3.622   0.300 31.019 ? 73  ASP AAA C   1 ? 
ATOM   667  O  O   A ASP A 1 73  ? 14.105  6.622   4.416   0.700 37.337 ? 73  ASP AAA O   1 ? 
ATOM   668  O  O   B ASP A 1 73  ? 14.269  6.890   4.291   0.300 33.916 ? 73  ASP AAA O   1 ? 
ATOM   669  C  CB  A ASP A 1 73  ? 13.642  7.929   1.449   0.700 35.328 ? 73  ASP AAA CB  1 ? 
ATOM   670  C  CB  B ASP A 1 73  ? 13.688  7.762   1.184   0.300 31.071 ? 73  ASP AAA CB  1 ? 
ATOM   671  C  CG  A ASP A 1 73  ? 14.748  7.670   0.455   0.700 38.039 ? 73  ASP AAA CG  1 ? 
ATOM   672  C  CG  B ASP A 1 73  ? 14.980  8.467   1.565   0.300 32.046 ? 73  ASP AAA CG  1 ? 
ATOM   673  O  OD1 A ASP A 1 73  ? 15.593  6.790   0.737   0.700 36.623 ? 73  ASP AAA OD1 1 ? 
ATOM   674  O  OD1 B ASP A 1 73  ? 15.177  8.729   2.763   0.300 33.132 ? 73  ASP AAA OD1 1 ? 
ATOM   675  O  OD2 A ASP A 1 73  ? 14.764  8.355   -0.582  0.700 44.927 ? 73  ASP AAA OD2 1 ? 
ATOM   676  O  OD2 B ASP A 1 73  ? 15.772  8.763   0.646   0.300 31.742 ? 73  ASP AAA OD2 1 ? 
ATOM   677  N  N   . ALA A 1 74  ? 12.192  7.837   4.091   1.000 31.573 ? 74  ALA AAA N   1 ? 
ATOM   678  C  CA  . ALA A 1 74  ? 12.113  8.458   5.429   1.000 32.695 ? 74  ALA AAA CA  1 ? 
ATOM   679  C  C   . ALA A 1 74  ? 11.711  7.420   6.472   1.000 33.147 ? 74  ALA AAA C   1 ? 
ATOM   680  O  O   . ALA A 1 74  ? 12.236  7.500   7.587   1.000 38.148 ? 74  ALA AAA O   1 ? 
ATOM   681  C  CB  . ALA A 1 74  ? 11.132  9.607   5.405   1.000 33.621 ? 74  ALA AAA CB  1 ? 
ATOM   682  N  N   . MET A 1 75  ? 10.838  6.463   6.121   1.000 28.446 ? 75  MET AAA N   1 ? 
ATOM   683  C  CA  . MET A 1 75  ? 10.036  5.715   7.111   1.000 29.340 ? 75  MET AAA CA  1 ? 
ATOM   684  C  C   . MET A 1 75  ? 10.488  4.261   7.235   1.000 26.330 ? 75  MET AAA C   1 ? 
ATOM   685  O  O   . MET A 1 75  ? 10.340  3.714   8.330   1.000 27.446 ? 75  MET AAA O   1 ? 
ATOM   686  C  CB  . MET A 1 75  ? 8.563   5.731   6.710   1.000 30.281 ? 75  MET AAA CB  1 ? 
ATOM   687  C  CG  . MET A 1 75  ? 8.032   7.124   6.614   1.000 33.756 ? 75  MET AAA CG  1 ? 
ATOM   688  S  SD  . MET A 1 75  ? 6.257   7.156   6.291   1.000 39.554 ? 75  MET AAA SD  1 ? 
ATOM   689  C  CE  . MET A 1 75  ? 5.734   7.713   7.909   1.000 39.709 ? 75  MET AAA CE  1 ? 
ATOM   690  N  N   . LEU A 1 76  ? 10.878  3.617   6.142   1.000 26.177 ? 76  LEU AAA N   1 ? 
ATOM   691  C  CA  . LEU A 1 76  ? 11.084  2.146   6.173   1.000 23.791 ? 76  LEU AAA CA  1 ? 
ATOM   692  C  C   . LEU A 1 76  ? 12.404  1.821   6.845   1.000 25.780 ? 76  LEU AAA C   1 ? 
ATOM   693  O  O   . LEU A 1 76  ? 13.418  2.499   6.621   1.000 27.834 ? 76  LEU AAA O   1 ? 
ATOM   694  C  CB  . LEU A 1 76  ? 11.115  1.575   4.767   1.000 22.681 ? 76  LEU AAA CB  1 ? 
ATOM   695  C  CG  . LEU A 1 76  ? 9.793   1.552   4.024   1.000 22.778 ? 76  LEU AAA CG  1 ? 
ATOM   696  C  CD1 . LEU A 1 76  ? 9.984   0.799   2.730   1.000 23.133 ? 76  LEU AAA CD1 1 ? 
ATOM   697  C  CD2 . LEU A 1 76  ? 8.676   0.968   4.865   1.000 24.070 ? 76  LEU AAA CD2 1 ? 
ATOM   698  N  N   . PRO A 1 77  ? 12.466  0.711   7.602   1.000 25.183 ? 77  PRO AAA N   1 ? 
ATOM   699  C  CA  . PRO A 1 77  ? 13.765  0.246   8.103   1.000 26.767 ? 77  PRO AAA CA  1 ? 
ATOM   700  C  C   . PRO A 1 77  ? 14.702  -0.080  6.939   1.000 27.983 ? 77  PRO AAA C   1 ? 
ATOM   701  O  O   . PRO A 1 77  ? 14.246  -0.479  5.880   1.000 26.593 ? 77  PRO AAA O   1 ? 
ATOM   702  C  CB  . PRO A 1 77  ? 13.415  -1.024  8.889   1.000 27.197 ? 77  PRO AAA CB  1 ? 
ATOM   703  C  CG  . PRO A 1 77  ? 11.912  -0.990  9.119   1.000 30.697 ? 77  PRO AAA CG  1 ? 
ATOM   704  C  CD  . PRO A 1 77  ? 11.322  -0.102  8.039   1.000 27.747 ? 77  PRO AAA CD  1 ? 
ATOM   705  N  N   . PRO A 1 78  ? 16.042  0.100   7.067   1.000 30.443 ? 78  PRO AAA N   1 ? 
ATOM   706  C  CA  . PRO A 1 78  ? 16.985  -0.181  5.973   1.000 30.209 ? 78  PRO AAA CA  1 ? 
ATOM   707  C  C   . PRO A 1 78  ? 16.925  -1.530  5.230   1.000 32.150 ? 78  PRO AAA C   1 ? 
ATOM   708  O  O   . PRO A 1 78  ? 17.098  -1.498  4.008   1.000 40.250 ? 78  PRO AAA O   1 ? 
ATOM   709  C  CB  . PRO A 1 78  ? 18.345  -0.008  6.676   1.000 31.607 ? 78  PRO AAA CB  1 ? 
ATOM   710  C  CG  . PRO A 1 78  ? 18.052  1.125   7.638   1.000 28.413 ? 78  PRO AAA CG  1 ? 
ATOM   711  C  CD  . PRO A 1 78  ? 16.678  0.796   8.191   1.000 32.635 ? 78  PRO AAA CD  1 ? 
ATOM   712  N  N   . ASP A 1 79  ? 16.634  -2.652  5.901   1.000 35.177 ? 79  ASP AAA N   1 ? 
ATOM   713  C  CA  . ASP A 1 79  ? 16.469  -3.985  5.241   1.000 36.756 ? 79  ASP AAA CA  1 ? 
ATOM   714  C  C   . ASP A 1 79  ? 15.314  -3.936  4.228   1.000 35.716 ? 79  ASP AAA C   1 ? 
ATOM   715  O  O   . ASP A 1 79  ? 15.239  -4.824  3.346   1.000 35.798 ? 79  ASP AAA O   1 ? 
ATOM   716  C  CB  . ASP A 1 79  ? 16.233  -5.097  6.270   1.000 39.108 ? 79  ASP AAA CB  1 ? 
ATOM   717  C  CG  . ASP A 1 79  ? 17.479  -5.498  7.038   1.000 40.597 ? 79  ASP AAA CG  1 ? 
ATOM   718  O  OD1 . ASP A 1 79  ? 18.515  -4.890  6.770   1.000 36.623 ? 79  ASP AAA OD1 1 ? 
ATOM   719  O  OD2 . ASP A 1 79  ? 17.395  -6.428  7.886   1.000 40.643 ? 79  ASP AAA OD2 1 ? 
ATOM   720  N  N   . MET A 1 80  ? 14.403  -2.971  4.380   1.000 29.522 ? 80  MET AAA N   1 ? 
ATOM   721  C  CA  . MET A 1 80  ? 13.198  -2.846  3.533   1.000 27.404 ? 80  MET AAA CA  1 ? 
ATOM   722  C  C   . MET A 1 80  ? 13.366  -1.696  2.541   1.000 27.163 ? 80  MET AAA C   1 ? 
ATOM   723  O  O   . MET A 1 80  ? 12.776  -1.744  1.466   1.000 26.793 ? 80  MET AAA O   1 ? 
ATOM   724  C  CB  . MET A 1 80  ? 12.002  -2.582  4.436   1.000 26.717 ? 80  MET AAA CB  1 ? 
ATOM   725  C  CG  . MET A 1 80  ? 11.611  -3.771  5.251   1.000 26.828 ? 80  MET AAA CG  1 ? 
ATOM   726  S  SD  . MET A 1 80  ? 10.135  -3.363  6.197   1.000 28.656 ? 80  MET AAA SD  1 ? 
ATOM   727  C  CE  . MET A 1 80  ? 8.935   -3.237  4.873   1.000 30.116 ? 80  MET AAA CE  1 ? 
ATOM   728  N  N   . ARG A 1 81  ? 14.183  -0.697  2.868   1.000 26.947 ? 81  ARG AAA N   1 ? 
ATOM   729  C  CA  . ARG A 1 81  ? 14.095  0.643   2.233   1.000 26.419 ? 81  ARG AAA CA  1 ? 
ATOM   730  C  C   . ARG A 1 81  ? 14.510  0.569   0.761   1.000 26.156 ? 81  ARG AAA C   1 ? 
ATOM   731  O  O   . ARG A 1 81  ? 13.705  0.986   -0.105  1.000 24.354 ? 81  ARG AAA O   1 ? 
ATOM   732  C  CB  . ARG A 1 81  ? 14.909  1.669   3.025   1.000 26.276 ? 81  ARG AAA CB  1 ? 
ATOM   733  C  CG  . ARG A 1 81  ? 14.949  3.043   2.366   1.000 26.922 ? 81  ARG AAA CG  1 ? 
ATOM   734  C  CD  . ARG A 1 81  ? 15.898  3.970   3.083   1.000 28.770 ? 81  ARG AAA CD  1 ? 
ATOM   735  N  NE  . ARG A 1 81  ? 17.196  3.340   3.075   1.000 34.145 ? 81  ARG AAA NE  1 ? 
ATOM   736  C  CZ  . ARG A 1 81  ? 18.082  3.388   4.064   1.000 34.853 ? 81  ARG AAA CZ  1 ? 
ATOM   737  N  NH1 . ARG A 1 81  ? 19.208  2.716   3.930   1.000 35.952 ? 81  ARG AAA NH1 1 ? 
ATOM   738  N  NH2 . ARG A 1 81  ? 17.829  4.062   5.177   1.000 30.574 ? 81  ARG AAA NH2 1 ? 
ATOM   739  N  N   . ASP A 1 82  ? 15.747  0.161   0.454   1.000 25.709 ? 82  ASP AAA N   1 ? 
ATOM   740  C  CA  . ASP A 1 82  ? 16.242  0.189   -0.947  1.000 28.000 ? 82  ASP AAA CA  1 ? 
ATOM   741  C  C   . ASP A 1 82  ? 15.443  -0.809  -1.795  1.000 19.780 ? 82  ASP AAA C   1 ? 
ATOM   742  O  O   . ASP A 1 82  ? 15.159  -0.501  -2.964  1.000 23.866 ? 82  ASP AAA O   1 ? 
ATOM   743  C  CB  . ASP A 1 82  ? 17.745  -0.086  -1.050  1.000 31.874 ? 82  ASP AAA CB  1 ? 
ATOM   744  C  CG  . ASP A 1 82  ? 18.626  1.075   -0.625  1.000 38.570 ? 82  ASP AAA CG  1 ? 
ATOM   745  O  OD1 . ASP A 1 82  ? 18.070  2.100   -0.134  1.000 40.383 ? 82  ASP AAA OD1 1 ? 
ATOM   746  O  OD2 . ASP A 1 82  ? 19.863  0.937   -0.769  1.000 44.149 ? 82  ASP AAA OD2 1 ? 
ATOM   747  N  N   . LYS A 1 83  ? 15.089  -1.963  -1.222  1.000 23.297 ? 83  LYS AAA N   1 ? 
ATOM   748  C  CA  . LYS A 1 83  ? 14.262  -2.951  -1.955  1.000 22.537 ? 83  LYS AAA CA  1 ? 
ATOM   749  C  C   . LYS A 1 83  ? 12.870  -2.393  -2.264  1.000 19.848 ? 83  LYS AAA C   1 ? 
ATOM   750  O  O   . LYS A 1 83  ? 12.407  -2.572  -3.408  1.000 21.196 ? 83  LYS AAA O   1 ? 
ATOM   751  C  CB  . LYS A 1 83  ? 14.174  -4.249  -1.165  1.000 24.170 ? 83  LYS AAA CB  1 ? 
ATOM   752  C  CG  . LYS A 1 83  ? 15.505  -4.960  -1.136  1.000 24.093 ? 83  LYS AAA CG  1 ? 
ATOM   753  C  CD  . LYS A 1 83  ? 15.518  -6.302  -0.488  1.000 26.030 ? 83  LYS AAA CD  1 ? 
ATOM   754  C  CE  . LYS A 1 83  ? 16.887  -6.929  -0.611  1.000 25.264 ? 83  LYS AAA CE  1 ? 
ATOM   755  N  NZ  . LYS A 1 83  ? 16.921  -8.224  0.091   1.000 27.162 ? 83  LYS AAA NZ  1 ? 
ATOM   756  N  N   . ALA A 1 84  ? 12.259  -1.690  -1.314  1.000 21.076 ? 84  ALA AAA N   1 ? 
ATOM   757  C  CA  . ALA A 1 84  ? 10.932  -1.084  -1.549  1.000 21.936 ? 84  ALA AAA CA  1 ? 
ATOM   758  C  C   . ALA A 1 84  ? 11.053  -0.037  -2.637  1.000 21.029 ? 84  ALA AAA C   1 ? 
ATOM   759  O  O   . ALA A 1 84  ? 10.228  0.013   -3.528  1.000 21.521 ? 84  ALA AAA O   1 ? 
ATOM   760  C  CB  . ALA A 1 84  ? 10.363  -0.537  -0.261  1.000 23.136 ? 84  ALA AAA CB  1 ? 
ATOM   761  N  N   . LYS A 1 85  ? 12.082  0.788   -2.618  1.000 21.383 ? 85  LYS AAA N   1 ? 
ATOM   762  C  CA  . LYS A 1 85  ? 12.278  1.825   -3.634  1.000 21.528 ? 85  LYS AAA CA  1 ? 
ATOM   763  C  C   . LYS A 1 85  ? 12.529  1.219   -5.021  1.000 21.543 ? 85  LYS AAA C   1 ? 
ATOM   764  O  O   . LYS A 1 85  ? 11.980  1.711   -5.989  1.000 22.244 ? 85  LYS AAA O   1 ? 
ATOM   765  C  CB  . LYS A 1 85  ? 13.404  2.758   -3.218  1.000 24.414 ? 85  LYS AAA CB  1 ? 
ATOM   766  C  CG  . LYS A 1 85  ? 13.003  3.606   -2.027  1.000 24.900 ? 85  LYS AAA CG  1 ? 
ATOM   767  C  CD  . LYS A 1 85  ? 14.120  4.364   -1.365  1.000 31.476 ? 85  LYS AAA CD  1 ? 
ATOM   768  C  CE  . LYS A 1 85  ? 14.843  5.293   -2.306  1.000 37.695 ? 85  LYS AAA CE  1 ? 
ATOM   769  N  NZ  . LYS A 1 85  ? 16.144  5.691   -1.725  1.000 41.113 ? 85  LYS AAA NZ  1 ? 
ATOM   770  N  N   . GLU A 1 86  ? 13.327  0.158   -5.119  1.000 23.093 ? 86  GLU AAA N   1 ? 
ATOM   771  C  CA  . GLU A 1 86  ? 13.580  -0.501  -6.420  1.000 23.367 ? 86  GLU AAA CA  1 ? 
ATOM   772  C  C   . GLU A 1 86  ? 12.267  -1.115  -6.924  1.000 19.041 ? 86  GLU AAA C   1 ? 
ATOM   773  O  O   . GLU A 1 86  ? 11.993  -1.020  -8.121  1.000 21.531 ? 86  GLU AAA O   1 ? 
ATOM   774  C  CB  . GLU A 1 86  ? 14.699  -1.522  -6.274  1.000 27.239 ? 86  GLU AAA CB  1 ? 
ATOM   775  C  CG  . GLU A 1 86  ? 16.051  -0.843  -6.139  1.000 30.417 ? 86  GLU AAA CG  1 ? 
ATOM   776  C  CD  . GLU A 1 86  ? 17.284  -1.730  -6.225  1.000 36.982 ? 86  GLU AAA CD  1 ? 
ATOM   777  O  OE1 . GLU A 1 86  ? 17.148  -2.922  -6.001  1.000 35.879 ? 86  GLU AAA OE1 1 ? 
ATOM   778  O  OE2 . GLU A 1 86  ? 18.374  -1.205  -6.519  1.000 44.395 ? 86  GLU AAA OE2 1 ? 
ATOM   779  N  N   . ALA A 1 87  ? 11.432  -1.657  -6.023  1.000 20.666 ? 87  ALA AAA N   1 ? 
ATOM   780  C  CA  . ALA A 1 87  ? 10.123  -2.251  -6.390  1.000 19.847 ? 87  ALA AAA CA  1 ? 
ATOM   781  C  C   . ALA A 1 87  ? 9.225   -1.142  -6.948  1.000 18.536 ? 87  ALA AAA C   1 ? 
ATOM   782  O  O   . ALA A 1 87  ? 8.593   -1.301  -8.017  1.000 19.726 ? 87  ALA AAA O   1 ? 
ATOM   783  C  CB  . ALA A 1 87  ? 9.489   -2.913  -5.179  1.000 19.497 ? 87  ALA AAA CB  1 ? 
ATOM   784  N  N   . ILE A 1 88  ? 9.189   -0.025  -6.257  1.000 20.061 ? 88  ILE AAA N   1 ? 
ATOM   785  C  CA  . ILE A 1 88  ? 8.315   1.127   -6.634  1.000 20.877 ? 88  ILE AAA CA  1 ? 
ATOM   786  C  C   . ILE A 1 88  ? 8.739   1.615   -8.035  1.000 20.980 ? 88  ILE AAA C   1 ? 
ATOM   787  O  O   . ILE A 1 88  ? 7.901   1.782   -8.932  1.000 23.078 ? 88  ILE AAA O   1 ? 
ATOM   788  C  CB  . ILE A 1 88  ? 8.344   2.213   -5.534  1.000 21.600 ? 88  ILE AAA CB  1 ? 
ATOM   789  C  CG1 . ILE A 1 88  ? 7.581   1.708   -4.306  1.000 22.806 ? 88  ILE AAA CG1 1 ? 
ATOM   790  C  CG2 . ILE A 1 88  ? 7.805   3.542   -6.037  1.000 24.954 ? 88  ILE AAA CG2 1 ? 
ATOM   791  C  CD1 . ILE A 1 88  ? 7.873   2.419   -3.021  1.000 24.483 ? 88  ILE AAA CD1 1 ? 
ATOM   792  N  N   . HIS A 1 89  ? 10.044  1.830   -8.260  1.000 23.821 ? 89  HIS AAA N   1 ? 
ATOM   793  C  CA  . HIS A 1 89  ? 10.542  2.233   -9.592  1.000 23.076 ? 89  HIS AAA CA  1 ? 
ATOM   794  C  C   . HIS A 1 89  ? 10.136  1.205   -10.637 1.000 23.252 ? 89  HIS AAA C   1 ? 
ATOM   795  O  O   . HIS A 1 89  ? 9.635   1.580   -11.696 1.000 25.893 ? 89  HIS AAA O   1 ? 
ATOM   796  C  CB  . HIS A 1 89  ? 12.053  2.408   -9.577  1.000 27.550 ? 89  HIS AAA CB  1 ? 
ATOM   797  C  CG  . HIS A 1 89  ? 12.565  2.860   -10.898 1.000 30.017 ? 89  HIS AAA CG  1 ? 
ATOM   798  N  ND1 . HIS A 1 89  ? 12.202  4.079   -11.439 1.000 32.912 ? 89  HIS AAA ND1 1 ? 
ATOM   799  C  CD2 . HIS A 1 89  ? 13.391  2.275   -11.785 1.000 33.868 ? 89  HIS AAA CD2 1 ? 
ATOM   800  C  CE1 . HIS A 1 89  ? 12.787  4.220   -12.612 1.000 34.912 ? 89  HIS AAA CE1 1 ? 
ATOM   801  N  NE2 . HIS A 1 89  ? 13.494  3.115   -12.863 1.000 34.611 ? 89  HIS AAA NE2 1 ? 
ATOM   802  N  N   . SER A 1 90  ? 10.324  -0.069  -10.334 1.000 21.686 ? 90  SER AAA N   1 ? 
ATOM   803  C  CA  . SER A 1 90  ? 9.997   -1.146  -11.282 1.000 22.600 ? 90  SER AAA CA  1 ? 
ATOM   804  C  C   . SER A 1 90  ? 8.522   -1.120  -11.675 1.000 21.809 ? 90  SER AAA C   1 ? 
ATOM   805  O  O   . SER A 1 90  ? 8.163   -1.489  -12.810 1.000 23.327 ? 90  SER AAA O   1 ? 
ATOM   806  C  CB  . SER A 1 90  ? 10.361  -2.470  -10.690 1.000 23.595 ? 90  SER AAA CB  1 ? 
ATOM   807  O  OG  . SER A 1 90  ? 10.105  -3.510  -11.581 1.000 26.285 ? 90  SER AAA OG  1 ? 
ATOM   808  N  N   . CYS A 1 91  ? 7.643   -0.752  -10.746 1.000 20.784 ? 91  CYS AAA N   1 ? 
ATOM   809  C  CA  . CYS A 1 91  ? 6.182   -0.866  -10.919 1.000 20.042 ? 91  CYS AAA CA  1 ? 
ATOM   810  C  C   . CYS A 1 91  ? 5.514   0.447   -11.318 1.000 20.811 ? 91  CYS AAA C   1 ? 
ATOM   811  O  O   . CYS A 1 91  ? 4.277   0.522   -11.364 1.000 20.664 ? 91  CYS AAA O   1 ? 
ATOM   812  C  CB  . CYS A 1 91  ? 5.604   -1.354  -9.597  1.000 20.027 ? 91  CYS AAA CB  1 ? 
ATOM   813  S  SG  . CYS A 1 91  ? 6.130   -3.032  -9.182  1.000 19.285 ? 91  CYS AAA SG  1 ? 
ATOM   814  N  N   . ARG A 1 92  ? 6.304   1.491   -11.609 1.000 23.892 ? 92  ARG AAA N   1 ? 
ATOM   815  C  CA  . ARG A 1 92  ? 5.845   2.910   -11.630 1.000 24.848 ? 92  ARG AAA CA  1 ? 
ATOM   816  C  C   . ARG A 1 92  ? 4.864   3.165   -12.781 1.000 27.131 ? 92  ARG AAA C   1 ? 
ATOM   817  O  O   . ARG A 1 92  ? 4.089   4.140   -12.661 1.000 29.504 ? 92  ARG AAA O   1 ? 
ATOM   818  C  CB  . ARG A 1 92  ? 7.033   3.875   -11.689 1.000 29.153 ? 92  ARG AAA CB  1 ? 
ATOM   819  C  CG  . ARG A 1 92  ? 7.846   3.810   -12.969 1.000 31.064 ? 92  ARG AAA CG  1 ? 
ATOM   820  C  CD  . ARG A 1 92  ? 9.076   4.694   -12.760 1.000 34.076 ? 92  ARG AAA CD  1 ? 
ATOM   821  N  NE  . ARG A 1 92  ? 8.692   6.052   -12.365 1.000 39.980 ? 92  ARG AAA NE  1 ? 
ATOM   822  C  CZ  . ARG A 1 92  ? 9.285   6.809   -11.426 1.000 39.650 ? 92  ARG AAA CZ  1 ? 
ATOM   823  N  NH1 . ARG A 1 92  ? 10.334  6.378   -10.738 1.000 38.296 ? 92  ARG AAA NH1 1 ? 
ATOM   824  N  NH2 . ARG A 1 92  ? 8.811   8.016   -11.178 1.000 40.255 ? 92  ARG AAA NH2 1 ? 
ATOM   825  N  N   . ASP A 1 93  ? 4.862   2.319   -13.794 1.000 24.649 ? 93  ASP AAA N   1 ? 
ATOM   826  C  CA  . ASP A 1 93  ? 4.005   2.456   -15.001 1.000 28.899 ? 93  ASP AAA CA  1 ? 
ATOM   827  C  C   . ASP A 1 93  ? 2.811   1.492   -15.009 1.000 25.998 ? 93  ASP AAA C   1 ? 
ATOM   828  O  O   . ASP A 1 93  ? 1.971   1.614   -15.908 1.000 26.729 ? 93  ASP AAA O   1 ? 
ATOM   829  C  CB  . ASP A 1 93  ? 4.855   2.304   -16.263 1.000 33.251 ? 93  ASP AAA CB  1 ? 
ATOM   830  C  CG  . ASP A 1 93  ? 5.819   3.464   -16.499 1.000 36.707 ? 93  ASP AAA CG  1 ? 
ATOM   831  O  OD1 . ASP A 1 93  ? 5.523   4.607   -16.051 1.000 39.407 ? 93  ASP AAA OD1 1 ? 
ATOM   832  O  OD2 . ASP A 1 93  ? 6.880   3.216   -17.093 1.000 44.909 ? 93  ASP AAA OD2 1 ? 
ATOM   833  N  N   . VAL A 1 94  ? 2.665   0.589   -14.033 1.000 21.410 ? 94  VAL AAA N   1 ? 
ATOM   834  C  CA  . VAL A 1 94  ? 1.450   -0.261  -13.931 1.000 19.881 ? 94  VAL AAA CA  1 ? 
ATOM   835  C  C   . VAL A 1 94  ? 0.193   0.613   -13.956 1.000 18.511 ? 94  VAL AAA C   1 ? 
ATOM   836  O  O   . VAL A 1 94  ? -0.773  0.255   -14.588 1.000 19.385 ? 94  VAL AAA O   1 ? 
ATOM   837  C  CB  . VAL A 1 94  ? 1.505   -1.135  -12.659 1.000 18.877 ? 94  VAL AAA CB  1 ? 
ATOM   838  C  CG1 . VAL A 1 94  ? 0.201   -1.841  -12.433 1.000 19.792 ? 94  VAL AAA CG1 1 ? 
ATOM   839  C  CG2 . VAL A 1 94  ? 2.665   -2.103  -12.790 1.000 21.061 ? 94  VAL AAA CG2 1 ? 
ATOM   840  N  N   . GLN A 1 95  ? 0.203   1.712   -13.229 1.000 18.524 ? 95  GLN AAA N   1 ? 
ATOM   841  C  CA  . GLN A 1 95  ? -1.010  2.515   -13.059 1.000 18.726 ? 95  GLN AAA CA  1 ? 
ATOM   842  C  C   . GLN A 1 95  ? -1.507  3.032   -14.423 1.000 18.898 ? 95  GLN AAA C   1 ? 
ATOM   843  O  O   . GLN A 1 95  ? -2.679  3.232   -14.551 1.000 20.089 ? 95  GLN AAA O   1 ? 
ATOM   844  C  CB  . GLN A 1 95  ? -0.748  3.662   -12.100 1.000 18.862 ? 95  GLN AAA CB  1 ? 
ATOM   845  C  CG  . GLN A 1 95  ? 0.352   4.619   -12.547 1.000 19.848 ? 95  GLN AAA CG  1 ? 
ATOM   846  C  CD  . GLN A 1 95  ? 0.423   5.830   -11.641 1.000 20.720 ? 95  GLN AAA CD  1 ? 
ATOM   847  O  OE1 . GLN A 1 95  ? -0.597  6.433   -11.348 1.000 22.725 ? 95  GLN AAA OE1 1 ? 
ATOM   848  N  NE2 . GLN A 1 95  ? 1.597   6.194   -11.144 1.000 23.887 ? 95  GLN AAA NE2 1 ? 
ATOM   849  N  N   . GLY A 1 96  ? -0.623  3.262   -15.392 1.000 20.324 ? 96  GLY AAA N   1 ? 
ATOM   850  C  CA  . GLY A 1 96  ? -0.991  3.791   -16.720 1.000 21.893 ? 96  GLY AAA CA  1 ? 
ATOM   851  C  C   . GLY A 1 96  ? -1.896  2.837   -17.446 1.000 23.798 ? 96  GLY AAA C   1 ? 
ATOM   852  O  O   . GLY A 1 96  ? -2.586  3.312   -18.379 1.000 28.748 ? 96  GLY AAA O   1 ? 
ATOM   853  N  N   . ARG A 1 97  ? -1.952  1.556   -17.067 1.000 23.345 ? 97  ARG AAA N   1 ? 
ATOM   854  C  CA  . ARG A 1 97  ? -2.764  0.531   -17.774 1.000 24.031 ? 97  ARG AAA CA  1 ? 
ATOM   855  C  C   . ARG A 1 97  ? -4.205  0.499   -17.296 1.000 23.491 ? 97  ARG AAA C   1 ? 
ATOM   856  O  O   . ARG A 1 97  ? -4.996  -0.250  -17.901 1.000 27.257 ? 97  ARG AAA O   1 ? 
ATOM   857  C  CB  . ARG A 1 97  ? -2.172  -0.859  -17.563 1.000 27.531 ? 97  ARG AAA CB  1 ? 
ATOM   858  C  CG  . ARG A 1 97  ? -0.742  -1.005  -18.048 1.000 32.502 ? 97  ARG AAA CG  1 ? 
ATOM   859  C  CD  . ARG A 1 97  ? -0.207  -2.394  -17.732 1.000 38.246 ? 97  ARG AAA CD  1 ? 
ATOM   860  N  NE  . ARG A 1 97  ? 1.240   -2.333  -17.639 1.000 42.493 ? 97  ARG AAA NE  1 ? 
ATOM   861  C  CZ  . ARG A 1 97  ? 1.988   -3.035  -16.803 1.000 44.770 ? 97  ARG AAA CZ  1 ? 
ATOM   862  N  NH1 . ARG A 1 97  ? 1.439   -3.890  -15.951 1.000 44.273 ? 97  ARG AAA NH1 1 ? 
ATOM   863  N  NH2 . ARG A 1 97  ? 3.298   -2.869  -16.822 1.000 49.978 ? 97  ARG AAA NH2 1 ? 
ATOM   864  N  N   . TYR A 1 98  ? -4.567  1.263   -16.267 1.000 19.997 ? 98  TYR AAA N   1 ? 
ATOM   865  C  CA  . TYR A 1 98  ? -5.900  1.228   -15.633 1.000 19.689 ? 98  TYR AAA CA  1 ? 
ATOM   866  C  C   . TYR A 1 98  ? -6.528  2.608   -15.592 1.000 20.356 ? 98  TYR AAA C   1 ? 
ATOM   867  O  O   . TYR A 1 98  ? -5.929  3.513   -14.998 1.000 21.642 ? 98  TYR AAA O   1 ? 
ATOM   868  C  CB  . TYR A 1 98  ? -5.746  0.666   -14.212 1.000 19.853 ? 98  TYR AAA CB  1 ? 
ATOM   869  C  CG  . TYR A 1 98  ? -5.221  -0.742  -14.207 1.000 18.383 ? 98  TYR AAA CG  1 ? 
ATOM   870  C  CD1 . TYR A 1 98  ? -6.067  -1.784  -14.539 1.000 19.903 ? 98  TYR AAA CD1 1 ? 
ATOM   871  C  CD2 . TYR A 1 98  ? -3.888  -1.028  -14.009 1.000 19.785 ? 98  TYR AAA CD2 1 ? 
ATOM   872  C  CE1 . TYR A 1 98  ? -5.617  -3.091  -14.576 1.000 21.385 ? 98  TYR AAA CE1 1 ? 
ATOM   873  C  CE2 . TYR A 1 98  ? -3.426  -2.334  -14.048 1.000 20.524 ? 98  TYR AAA CE2 1 ? 
ATOM   874  C  CZ  . TYR A 1 98  ? -4.285  -3.366  -14.356 1.000 21.701 ? 98  TYR AAA CZ  1 ? 
ATOM   875  O  OH  . TYR A 1 98  ? -3.759  -4.640  -14.383 1.000 23.818 ? 98  TYR AAA OH  1 ? 
ATOM   876  N  N   . LYS A 1 99  ? -7.760  2.719   -16.079 1.000 21.571 ? 99  LYS AAA N   1 ? 
ATOM   877  C  CA  . LYS A 1 99  ? -8.512  3.996   -16.032 1.000 23.136 ? 99  LYS AAA CA  1 ? 
ATOM   878  C  C   . LYS A 1 99  ? -8.979  4.277   -14.607 1.000 20.323 ? 99  LYS AAA C   1 ? 
ATOM   879  O  O   . LYS A 1 99  ? -9.048  5.430   -14.201 1.000 22.665 ? 99  LYS AAA O   1 ? 
ATOM   880  C  CB  . LYS A 1 99  ? -9.692  3.958   -17.010 1.000 27.335 ? 99  LYS AAA CB  1 ? 
ATOM   881  C  CG  . LYS A 1 99  ? -9.286  3.708   -18.458 1.000 35.483 ? 99  LYS AAA CG  1 ? 
ATOM   882  C  CD  . LYS A 1 99  ? -10.257 4.261   -19.483 1.000 40.713 ? 99  LYS AAA CD  1 ? 
ATOM   883  C  CE  . LYS A 1 99  ? -9.554  4.770   -20.725 1.000 44.681 ? 99  LYS AAA CE  1 ? 
ATOM   884  N  NZ  . LYS A 1 99  ? -8.805  6.021   -20.453 1.000 48.401 ? 99  LYS AAA NZ  1 ? 
ATOM   885  N  N   . ASP A 1 100 ? -9.380  3.217   -13.891 1.000 19.328 ? 100 ASP AAA N   1 ? 
ATOM   886  C  CA  . ASP A 1 100 ? -10.030 3.387   -12.585 1.000 19.437 ? 100 ASP AAA CA  1 ? 
ATOM   887  C  C   . ASP A 1 100 ? -8.937  3.496   -11.517 1.000 17.092 ? 100 ASP AAA C   1 ? 
ATOM   888  O  O   . ASP A 1 100 ? -8.000  2.647   -11.512 1.000 17.728 ? 100 ASP AAA O   1 ? 
ATOM   889  C  CB  . ASP A 1 100 ? -10.952 2.200   -12.312 1.000 21.586 ? 100 ASP AAA CB  1 ? 
ATOM   890  C  CG  . ASP A 1 100 ? -11.563 2.281   -10.945 1.000 21.695 ? 100 ASP AAA CG  1 ? 
ATOM   891  O  OD1 . ASP A 1 100 ? -12.653 2.843   -10.787 1.000 24.331 ? 100 ASP AAA OD1 1 ? 
ATOM   892  O  OD2 . ASP A 1 100 ? -10.917 1.710   -10.040 1.000 20.091 ? 100 ASP AAA OD2 1 ? 
ATOM   893  N  N   . SER A 1 101 ? -9.063  4.449   -10.643 1.000 17.951 ? 101 SER AAA N   1 ? 
ATOM   894  C  CA  . SER A 1 101 ? -8.009  4.722   -9.628  1.000 16.712 ? 101 SER AAA CA  1 ? 
ATOM   895  C  C   . SER A 1 101 ? -7.885  3.579   -8.614  1.000 16.700 ? 101 SER AAA C   1 ? 
ATOM   896  O  O   . SER A 1 101 ? -6.781  3.395   -8.083  1.000 16.808 ? 101 SER AAA O   1 ? 
ATOM   897  C  CB  . SER A 1 101 ? -8.259  6.008   -8.958  1.000 17.604 ? 101 SER AAA CB  1 ? 
ATOM   898  O  OG  . SER A 1 101 ? -8.092  7.109   -9.873  1.000 19.878 ? 101 SER AAA OG  1 ? 
ATOM   899  N  N   . CYS A 1 102 ? -8.946  2.870   -8.276  1.000 16.847 ? 102 CYS AAA N   1 ? 
ATOM   900  C  CA  . CYS A 1 102 ? -8.828  1.741   -7.315  1.000 16.521 ? 102 CYS AAA CA  1 ? 
ATOM   901  C  C   . CYS A 1 102 ? -8.092  0.608   -8.000  1.000 15.979 ? 102 CYS AAA C   1 ? 
ATOM   902  O  O   . CYS A 1 102 ? -7.260  -0.045  -7.374  1.000 15.689 ? 102 CYS AAA O   1 ? 
ATOM   903  C  CB  . CYS A 1 102 ? -10.192 1.260   -6.866  1.000 18.292 ? 102 CYS AAA CB  1 ? 
ATOM   904  S  SG  . CYS A 1 102 ? -11.149 2.550   -6.038  1.000 18.934 ? 102 CYS AAA SG  1 ? 
ATOM   905  N  N   . ASP A 1 103 ? -8.294  0.368   -9.287  1.000 16.633 ? 103 ASP AAA N   1 ? 
ATOM   906  C  CA  . ASP A 1 103 ? -7.477  -0.563  -10.060 1.000 15.611 ? 103 ASP AAA CA  1 ? 
ATOM   907  C  C   . ASP A 1 103 ? -6.023  -0.101  -10.036 1.000 15.416 ? 103 ASP AAA C   1 ? 
ATOM   908  O  O   . ASP A 1 103 ? -5.092  -0.904  -9.877  1.000 16.121 ? 103 ASP AAA O   1 ? 
ATOM   909  C  CB  . ASP A 1 103 ? -7.972  -0.751  -11.497 1.000 16.645 ? 103 ASP AAA CB  1 ? 
ATOM   910  C  CG  . ASP A 1 103 ? -9.263  -1.523  -11.601 1.000 18.535 ? 103 ASP AAA CG  1 ? 
ATOM   911  O  OD1 . ASP A 1 103 ? -9.592  -2.363  -10.727 1.000 18.035 ? 103 ASP AAA OD1 1 ? 
ATOM   912  O  OD2 . ASP A 1 103 ? -9.947  -1.358  -12.639 1.000 21.122 ? 103 ASP AAA OD2 1 ? 
ATOM   913  N  N   . LYS A 1 104 ? -5.777  1.187   -10.252 1.000 16.042 ? 104 LYS AAA N   1 ? 
ATOM   914  C  CA  . LYS A 1 104 ? -4.396  1.660   -10.313 1.000 15.926 ? 104 LYS AAA CA  1 ? 
ATOM   915  C  C   . LYS A 1 104 ? -3.680  1.292   -9.016  1.000 15.059 ? 104 LYS AAA C   1 ? 
ATOM   916  O  O   . LYS A 1 104 ? -2.546  0.809   -9.065  1.000 15.494 ? 104 LYS AAA O   1 ? 
ATOM   917  C  CB  . LYS A 1 104 ? -4.363  3.173   -10.465 1.000 16.334 ? 104 LYS AAA CB  1 ? 
ATOM   918  C  CG  . LYS A 1 104 ? -4.801  3.723   -11.813 1.000 16.515 ? 104 LYS AAA CG  1 ? 
ATOM   919  C  CD  . LYS A 1 104 ? -4.752  5.239   -11.797 1.000 18.423 ? 104 LYS AAA CD  1 ? 
ATOM   920  C  CE  . LYS A 1 104 ? -5.265  5.931   -13.055 1.000 19.107 ? 104 LYS AAA CE  1 ? 
ATOM   921  N  NZ  . LYS A 1 104 ? -4.428  5.641   -14.218 1.000 18.801 ? 104 LYS AAA NZ  1 ? 
ATOM   922  N  N   . THR A 1 105 ? -4.285  1.612   -7.863  1.000 14.609 ? 105 THR AAA N   1 ? 
ATOM   923  C  CA  . THR A 1 105 ? -3.572  1.372   -6.596  1.000 14.602 ? 105 THR AAA CA  1 ? 
ATOM   924  C  C   . THR A 1 105 ? -3.502  -0.125  -6.329  1.000 13.993 ? 105 THR AAA C   1 ? 
ATOM   925  O  O   . THR A 1 105 ? -2.444  -0.609  -5.870  1.000 14.996 ? 105 THR AAA O   1 ? 
ATOM   926  C  CB  . THR A 1 105 ? -4.221  2.112   -5.446  1.000 15.144 ? 105 THR AAA CB  1 ? 
ATOM   927  O  OG1 . THR A 1 105 ? -5.582  1.770   -5.285  1.000 15.026 ? 105 THR AAA OG1 1 ? 
ATOM   928  C  CG2 . THR A 1 105 ? -4.087  3.607   -5.661  1.000 15.353 ? 105 THR AAA CG2 1 ? 
ATOM   929  N  N   . PHE A 1 106 ? -4.554  -0.871  -6.607  1.000 14.242 ? 106 PHE AAA N   1 ? 
ATOM   930  C  CA  . PHE A 1 106 ? -4.563  -2.319  -6.279  1.000 13.852 ? 106 PHE AAA CA  1 ? 
ATOM   931  C  C   . PHE A 1 106 ? -3.480  -3.005  -7.081  1.000 13.214 ? 106 PHE AAA C   1 ? 
ATOM   932  O  O   . PHE A 1 106 ? -2.668  -3.800  -6.542  1.000 13.901 ? 106 PHE AAA O   1 ? 
ATOM   933  C  CB  . PHE A 1 106 ? -5.940  -2.890  -6.575  1.000 14.999 ? 106 PHE AAA CB  1 ? 
ATOM   934  C  CG  . PHE A 1 106 ? -6.098  -4.364  -6.300  1.000 14.511 ? 106 PHE AAA CG  1 ? 
ATOM   935  C  CD1 . PHE A 1 106 ? -6.446  -4.815  -5.043  1.000 14.821 ? 106 PHE AAA CD1 1 ? 
ATOM   936  C  CD2 . PHE A 1 106 ? -5.994  -5.258  -7.328  1.000 15.647 ? 106 PHE AAA CD2 1 ? 
ATOM   937  C  CE1 . PHE A 1 106 ? -6.731  -6.151  -4.844  1.000 16.714 ? 106 PHE AAA CE1 1 ? 
ATOM   938  C  CE2 . PHE A 1 106 ? -6.285  -6.588  -7.127  1.000 16.578 ? 106 PHE AAA CE2 1 ? 
ATOM   939  C  CZ  . PHE A 1 106 ? -6.640  -7.020  -5.880  1.000 16.793 ? 106 PHE AAA CZ  1 ? 
ATOM   940  N  N   . TYR A 1 107 ? -3.464  -2.788  -8.409  1.000 14.462 ? 107 TYR AAA N   1 ? 
ATOM   941  C  CA  . TYR A 1 107 ? -2.513  -3.515  -9.269  1.000 14.839 ? 107 TYR AAA CA  1 ? 
ATOM   942  C  C   . TYR A 1 107 ? -1.090  -3.008  -9.115  1.000 14.500 ? 107 TYR AAA C   1 ? 
ATOM   943  O  O   . TYR A 1 107 ? -0.131  -3.751  -9.239  1.000 14.831 ? 107 TYR AAA O   1 ? 
ATOM   944  C  CB  . TYR A 1 107 ? -2.948  -3.548  -10.746 1.000 15.795 ? 107 TYR AAA CB  1 ? 
ATOM   945  C  CG  . TYR A 1 107 ? -4.196  -4.379  -10.932 1.000 15.779 ? 107 TYR AAA CG  1 ? 
ATOM   946  C  CD1 . TYR A 1 107 ? -4.150  -5.746  -10.668 1.000 16.742 ? 107 TYR AAA CD1 1 ? 
ATOM   947  C  CD2 . TYR A 1 107 ? -5.419  -3.819  -11.213 1.000 15.265 ? 107 TYR AAA CD2 1 ? 
ATOM   948  C  CE1 . TYR A 1 107 ? -5.269  -6.538  -10.808 1.000 18.016 ? 107 TYR AAA CE1 1 ? 
ATOM   949  C  CE2 . TYR A 1 107 ? -6.544  -4.603  -11.369 1.000 17.070 ? 107 TYR AAA CE2 1 ? 
ATOM   950  C  CZ  . TYR A 1 107 ? -6.481  -5.963  -11.124 1.000 17.580 ? 107 TYR AAA CZ  1 ? 
ATOM   951  O  OH  . TYR A 1 107 ? -7.620  -6.705  -11.230 1.000 19.069 ? 107 TYR AAA OH  1 ? 
ATOM   952  N  N   . SER A 1 108 ? -0.931  -1.724  -8.792  1.000 14.460 ? 108 SER AAA N   1 ? 
ATOM   953  C  CA  . SER A 1 108 ? 0.426   -1.206  -8.483  1.000 15.202 ? 108 SER AAA CA  1 ? 
ATOM   954  C  C   . SER A 1 108 ? 0.927   -1.890  -7.214  1.000 14.554 ? 108 SER AAA C   1 ? 
ATOM   955  O  O   . SER A 1 108 ? 2.122   -2.236  -7.150  1.000 15.163 ? 108 SER AAA O   1 ? 
ATOM   956  C  CB  . SER A 1 108 ? 0.419   0.269   -8.355  1.000 15.720 ? 108 SER AAA CB  1 ? 
ATOM   957  O  OG  . SER A 1 108 ? 0.076   0.882   -9.611  1.000 16.644 ? 108 SER AAA OG  1 ? 
ATOM   958  N  N   . THR A 1 109 ? 0.073   -2.016  -6.209  1.000 14.021 ? 109 THR AAA N   1 ? 
ATOM   959  C  CA  . THR A 1 109 ? 0.449   -2.701  -4.956  1.000 14.044 ? 109 THR AAA CA  1 ? 
ATOM   960  C  C   . THR A 1 109 ? 0.790   -4.167  -5.225  1.000 14.320 ? 109 THR AAA C   1 ? 
ATOM   961  O  O   . THR A 1 109 ? 1.788   -4.661  -4.675  1.000 14.649 ? 109 THR AAA O   1 ? 
ATOM   962  C  CB  . THR A 1 109 ? -0.651  -2.505  -3.941  1.000 13.902 ? 109 THR AAA CB  1 ? 
ATOM   963  O  OG1 . THR A 1 109 ? -0.843  -1.122  -3.694  1.000 15.139 ? 109 THR AAA OG1 1 ? 
ATOM   964  C  CG2 . THR A 1 109 ? -0.313  -3.151  -2.621  1.000 13.923 ? 109 THR AAA CG2 1 ? 
ATOM   965  N  N   . LYS A 1 110 ? 0.007   -4.828  -6.050  1.000 13.899 ? 110 LYS AAA N   1 ? 
ATOM   966  C  CA  . LYS A 1 110 ? 0.255   -6.236  -6.355  1.000 14.966 ? 110 LYS AAA CA  1 ? 
ATOM   967  C  C   . LYS A 1 110 ? 1.587   -6.378  -7.070  1.000 15.756 ? 110 LYS AAA C   1 ? 
ATOM   968  O  O   . LYS A 1 110 ? 2.333   -7.335  -6.785  1.000 16.213 ? 110 LYS AAA O   1 ? 
ATOM   969  C  CB  . LYS A 1 110 ? -0.905  -6.765  -7.191  1.000 17.052 ? 110 LYS AAA CB  1 ? 
ATOM   970  C  CG  . LYS A 1 110 ? -0.784  -8.231  -7.518  1.000 17.773 ? 110 LYS AAA CG  1 ? 
ATOM   971  C  CD  . LYS A 1 110 ? -1.963  -8.761  -8.246  1.000 21.501 ? 110 LYS AAA CD  1 ? 
ATOM   972  C  CE  . LYS A 1 110 ? -1.814  -10.262 -8.336  1.000 24.572 ? 110 LYS AAA CE  1 ? 
ATOM   973  N  NZ  . LYS A 1 110 ? -3.021  -10.954 -8.832  1.000 30.222 ? 110 LYS AAA NZ  1 ? 
ATOM   974  N  N   . CYS A 1 111 ? 1.939   -5.418  -7.906  1.000 15.420 ? 111 CYS AAA N   1 ? 
ATOM   975  C  CA  . CYS A 1 111 ? 3.259   -5.404  -8.539  1.000 16.054 ? 111 CYS AAA CA  1 ? 
ATOM   976  C  C   . CYS A 1 111 ? 4.369   -5.328  -7.511  1.000 16.068 ? 111 CYS AAA C   1 ? 
ATOM   977  O  O   . CYS A 1 111 ? 5.377   -6.042  -7.640  1.000 16.341 ? 111 CYS AAA O   1 ? 
ATOM   978  C  CB  . CYS A 1 111 ? 3.350   -4.246  -9.538  1.000 17.596 ? 111 CYS AAA CB  1 ? 
ATOM   979  S  SG  . CYS A 1 111 ? 4.905   -4.109  -10.459 1.000 20.491 ? 111 CYS AAA SG  1 ? 
ATOM   980  N  N   . LEU A 1 112 ? 4.223   -4.530  -6.480  1.000 15.460 ? 112 LEU AAA N   1 ? 
ATOM   981  C  CA  . LEU A 1 112 ? 5.240   -4.439  -5.444  1.000 16.207 ? 112 LEU AAA CA  1 ? 
ATOM   982  C  C   . LEU A 1 112 ? 5.377   -5.796  -4.754  1.000 15.791 ? 112 LEU AAA C   1 ? 
ATOM   983  O  O   . LEU A 1 112 ? 6.503   -6.253  -4.461  1.000 17.134 ? 112 LEU AAA O   1 ? 
ATOM   984  C  CB  . LEU A 1 112 ? 4.847   -3.417  -4.379  1.000 17.053 ? 112 LEU AAA CB  1 ? 
ATOM   985  C  CG  . LEU A 1 112 ? 4.705   -1.967  -4.808  1.000 17.103 ? 112 LEU AAA CG  1 ? 
ATOM   986  C  CD1 . LEU A 1 112 ? 4.393   -1.104  -3.602  1.000 18.184 ? 112 LEU AAA CD1 1 ? 
ATOM   987  C  CD2 . LEU A 1 112 ? 5.939   -1.453  -5.513  1.000 17.675 ? 112 LEU AAA CD2 1 ? 
ATOM   988  N  N   . ALA A 1 113 ? 4.276   -6.438  -4.459  1.000 15.183 ? 113 ALA AAA N   1 ? 
ATOM   989  C  CA  . ALA A 1 113 ? 4.298   -7.749  -3.765  1.000 15.588 ? 113 ALA AAA CA  1 ? 
ATOM   990  C  C   . ALA A 1 113 ? 5.013   -8.774  -4.636  1.000 16.845 ? 113 ALA AAA C   1 ? 
ATOM   991  O  O   . ALA A 1 113 ? 5.852   -9.534  -4.116  1.000 18.587 ? 113 ALA AAA O   1 ? 
ATOM   992  C  CB  . ALA A 1 113 ? 2.888   -8.165  -3.395  1.000 15.716 ? 113 ALA AAA CB  1 ? 
ATOM   993  N  N   . GLU A 1 114 ? 4.678   -8.824  -5.904  1.000 17.458 ? 114 GLU AAA N   1 ? 
ATOM   994  C  CA  . GLU A 1 114 ? 5.312   -9.805  -6.818  1.000 19.107 ? 114 GLU AAA CA  1 ? 
ATOM   995  C  C   . GLU A 1 114 ? 6.791   -9.500  -6.942  1.000 19.234 ? 114 GLU AAA C   1 ? 
ATOM   996  O  O   . GLU A 1 114 ? 7.596   -10.479 -7.073  1.000 20.946 ? 114 GLU AAA O   1 ? 
ATOM   997  C  CB  . GLU A 1 114 ? 4.569   -9.787  -8.143  1.000 21.174 ? 114 GLU AAA CB  1 ? 
ATOM   998  C  CG  . GLU A 1 114 ? 3.156   -10.308 -8.002  1.000 26.502 ? 114 GLU AAA CG  1 ? 
ATOM   999  C  CD  . GLU A 1 114 ? 2.291   -10.274 -9.242  1.000 33.385 ? 114 GLU AAA CD  1 ? 
ATOM   1000 O  OE1 . GLU A 1 114 ? 2.480   -9.364  -10.067 1.000 40.906 ? 114 GLU AAA OE1 1 ? 
ATOM   1001 O  OE2 . GLU A 1 114 ? 1.399   -11.128 -9.335  1.000 40.747 ? 114 GLU AAA OE2 1 ? 
ATOM   1002 N  N   . TYR A 1 115 ? 7.178   -8.250  -6.900  1.000 18.125 ? 115 TYR AAA N   1 ? 
ATOM   1003 C  CA  . TYR A 1 115 ? 8.598   -7.887  -7.040  1.000 18.968 ? 115 TYR AAA CA  1 ? 
ATOM   1004 C  C   . TYR A 1 115 ? 9.423   -8.581  -5.960  1.000 19.484 ? 115 TYR AAA C   1 ? 
ATOM   1005 O  O   . TYR A 1 115 ? 10.540  -9.141  -6.267  1.000 20.640 ? 115 TYR AAA O   1 ? 
ATOM   1006 C  CB  . TYR A 1 115 ? 8.729   -6.373  -6.971  1.000 19.514 ? 115 TYR AAA CB  1 ? 
ATOM   1007 C  CG  . TYR A 1 115 ? 10.140  -5.918  -7.212  1.000 20.219 ? 115 TYR AAA CG  1 ? 
ATOM   1008 C  CD1 . TYR A 1 115 ? 10.565  -5.524  -8.478  1.000 20.902 ? 115 TYR AAA CD1 1 ? 
ATOM   1009 C  CD2 . TYR A 1 115 ? 11.024  -5.776  -6.168  1.000 20.734 ? 115 TYR AAA CD2 1 ? 
ATOM   1010 C  CE1 . TYR A 1 115 ? 11.854  -5.034  -8.681  1.000 22.795 ? 115 TYR AAA CE1 1 ? 
ATOM   1011 C  CE2 . TYR A 1 115 ? 12.323  -5.339  -6.357  1.000 21.896 ? 115 TYR AAA CE2 1 ? 
ATOM   1012 C  CZ  . TYR A 1 115 ? 12.726  -4.927  -7.614  1.000 21.688 ? 115 TYR AAA CZ  1 ? 
ATOM   1013 O  OH  . TYR A 1 115 ? 14.010  -4.500  -7.779  1.000 26.829 ? 115 TYR AAA OH  1 ? 
ATOM   1014 N  N   . ASP A 1 116 ? 9.004   -8.531  -4.701  1.000 19.217 ? 116 ASP AAA N   1 ? 
ATOM   1015 C  CA  . ASP A 1 116 ? 9.713   -9.232  -3.610  1.000 18.321 ? 116 ASP AAA CA  1 ? 
ATOM   1016 C  C   . ASP A 1 116 ? 8.700   -9.439  -2.488  1.000 17.154 ? 116 ASP AAA C   1 ? 
ATOM   1017 O  O   . ASP A 1 116 ? 8.438   -8.534  -1.697  1.000 16.916 ? 116 ASP AAA O   1 ? 
ATOM   1018 C  CB  . ASP A 1 116 ? 10.934  -8.434  -3.159  1.000 20.831 ? 116 ASP AAA CB  1 ? 
ATOM   1019 C  CG  . ASP A 1 116 ? 11.780  -9.129  -2.109  1.000 23.132 ? 116 ASP AAA CG  1 ? 
ATOM   1020 O  OD1 . ASP A 1 116 ? 11.249  -9.984  -1.398  1.000 25.126 ? 116 ASP AAA OD1 1 ? 
ATOM   1021 O  OD2 . ASP A 1 116 ? 13.005  -8.831  -2.029  1.000 27.202 ? 116 ASP AAA OD2 1 ? 
ATOM   1022 N  N   . ARG A 1 117 ? 8.234   -10.658 -2.362  1.000 16.902 ? 117 ARG AAA N   1 ? 
ATOM   1023 C  CA  . ARG A 1 117 ? 7.210   -10.986 -1.360  1.000 16.554 ? 117 ARG AAA CA  1 ? 
ATOM   1024 C  C   . ARG A 1 117 ? 7.766   -10.883 0.034   1.000 17.106 ? 117 ARG AAA C   1 ? 
ATOM   1025 O  O   . ARG A 1 117 ? 6.993   -10.654 0.966   1.000 17.297 ? 117 ARG AAA O   1 ? 
ATOM   1026 C  CB  . ARG A 1 117 ? 6.680   -12.399 -1.572  1.000 17.471 ? 117 ARG AAA CB  1 ? 
ATOM   1027 C  CG  . ARG A 1 117 ? 5.833   -12.551 -2.809  1.000 17.769 ? 117 ARG AAA CG  1 ? 
ATOM   1028 C  CD  . ARG A 1 117 ? 4.453   -11.930 -2.621  1.000 17.226 ? 117 ARG AAA CD  1 ? 
ATOM   1029 N  NE  . ARG A 1 117 ? 3.643   -12.518 -1.559  1.000 16.827 ? 117 ARG AAA NE  1 ? 
ATOM   1030 C  CZ  . ARG A 1 117 ? 2.980   -13.647 -1.615  1.000 17.275 ? 117 ARG AAA CZ  1 ? 
ATOM   1031 N  NH1 . ARG A 1 117 ? 2.993   -14.365 -2.726  1.000 19.808 ? 117 ARG AAA NH1 1 ? 
ATOM   1032 N  NH2 . ARG A 1 117 ? 2.207   -14.017 -0.617  1.000 18.024 ? 117 ARG AAA NH2 1 ? 
ATOM   1033 N  N   A ASP A 1 118 ? 9.069   -11.044 0.236   0.500 16.842 ? 118 ASP AAA N   1 ? 
ATOM   1034 N  N   B ASP A 1 118 ? 9.070   -11.092 0.244   0.500 18.086 ? 118 ASP AAA N   1 ? 
ATOM   1035 C  CA  A ASP A 1 118 ? 9.602   -11.082 1.613   0.500 18.187 ? 118 ASP AAA CA  1 ? 
ATOM   1036 C  CA  B ASP A 1 118 ? 9.641   -11.097 1.614   0.500 20.780 ? 118 ASP AAA CA  1 ? 
ATOM   1037 C  C   A ASP A 1 118 ? 9.700   -9.670  2.189   0.500 19.174 ? 118 ASP AAA C   1 ? 
ATOM   1038 C  C   B ASP A 1 118 ? 9.681   -9.677  2.185   0.500 20.402 ? 118 ASP AAA C   1 ? 
ATOM   1039 O  O   A ASP A 1 118 ? 9.608   -9.531  3.420   0.500 22.017 ? 118 ASP AAA O   1 ? 
ATOM   1040 O  O   B ASP A 1 118 ? 9.565   -9.543  3.416   0.500 23.031 ? 118 ASP AAA O   1 ? 
ATOM   1041 C  CB  A ASP A 1 118 ? 10.891  -11.902 1.623   0.500 18.660 ? 118 ASP AAA CB  1 ? 
ATOM   1042 C  CB  B ASP A 1 118 ? 11.029  -11.751 1.661   0.500 23.268 ? 118 ASP AAA CB  1 ? 
ATOM   1043 C  CG  A ASP A 1 118 ? 10.608  -13.344 1.214   0.500 19.604 ? 118 ASP AAA CG  1 ? 
ATOM   1044 C  CG  B ASP A 1 118 ? 11.007  -13.276 1.719   0.500 27.562 ? 118 ASP AAA CG  1 ? 
ATOM   1045 O  OD1 A ASP A 1 118 ? 9.846   -13.992 1.935   0.500 21.320 ? 118 ASP AAA OD1 1 ? 
ATOM   1046 O  OD1 B ASP A 1 118 ? 9.950   -13.835 2.071   0.500 28.332 ? 118 ASP AAA OD1 1 ? 
ATOM   1047 O  OD2 A ASP A 1 118 ? 11.040  -13.752 0.157   0.500 21.228 ? 118 ASP AAA OD2 1 ? 
ATOM   1048 O  OD2 B ASP A 1 118 ? 12.062  -13.893 1.432   0.500 35.257 ? 118 ASP AAA OD2 1 ? 
ATOM   1049 N  N   . VAL A 1 119 ? 9.847   -8.669  1.339   1.000 17.797 ? 119 VAL AAA N   1 ? 
ATOM   1050 C  CA  . VAL A 1 119 ? 9.936   -7.240  1.761   1.000 18.931 ? 119 VAL AAA CA  1 ? 
ATOM   1051 C  C   . VAL A 1 119 ? 8.518   -6.666  1.890   1.000 16.003 ? 119 VAL AAA C   1 ? 
ATOM   1052 O  O   . VAL A 1 119 ? 8.305   -5.823  2.731   1.000 16.838 ? 119 VAL AAA O   1 ? 
ATOM   1053 C  CB  . VAL A 1 119 ? 10.756  -6.453  0.699   1.000 20.096 ? 119 VAL AAA CB  1 ? 
ATOM   1054 C  CG1 . VAL A 1 119 ? 10.617  -4.933  0.772   1.000 24.301 ? 119 VAL AAA CG1 1 ? 
ATOM   1055 C  CG2 . VAL A 1 119 ? 12.214  -6.869  0.728   1.000 24.747 ? 119 VAL AAA CG2 1 ? 
ATOM   1056 N  N   . PHE A 1 120 ? 7.632   -7.093  1.030   1.000 15.630 ? 120 PHE AAA N   1 ? 
ATOM   1057 C  CA  . PHE A 1 120 ? 6.312   -6.454  0.885   1.000 13.950 ? 120 PHE AAA CA  1 ? 
ATOM   1058 C  C   . PHE A 1 120 ? 5.550   -6.458  2.210   1.000 14.054 ? 120 PHE AAA C   1 ? 
ATOM   1059 O  O   . PHE A 1 120 ? 5.463   -7.452  2.906   1.000 15.157 ? 120 PHE AAA O   1 ? 
ATOM   1060 C  CB  . PHE A 1 120 ? 5.514   -7.180  -0.171  1.000 14.714 ? 120 PHE AAA CB  1 ? 
ATOM   1061 C  CG  . PHE A 1 120 ? 4.136   -6.625  -0.349  1.000 14.025 ? 120 PHE AAA CG  1 ? 
ATOM   1062 C  CD1 . PHE A 1 120 ? 3.960   -5.500  -1.108  1.000 15.088 ? 120 PHE AAA CD1 1 ? 
ATOM   1063 C  CD2 . PHE A 1 120 ? 3.056   -7.181  0.285   1.000 14.901 ? 120 PHE AAA CD2 1 ? 
ATOM   1064 C  CE1 . PHE A 1 120 ? 2.720   -4.914  -1.236  1.000 14.691 ? 120 PHE AAA CE1 1 ? 
ATOM   1065 C  CE2 . PHE A 1 120 ? 1.798   -6.634  0.119   1.000 14.021 ? 120 PHE AAA CE2 1 ? 
ATOM   1066 C  CZ  . PHE A 1 120 ? 1.643   -5.482  -0.608  1.000 14.432 ? 120 PHE AAA CZ  1 ? 
ATOM   1067 N  N   . LEU A 1 121 ? 4.928   -5.342  2.482   1.000 14.680 ? 121 LEU AAA N   1 ? 
ATOM   1068 C  CA  . LEU A 1 121 ? 3.863   -5.210  3.485   1.000 15.317 ? 121 LEU AAA CA  1 ? 
ATOM   1069 C  C   . LEU A 1 121 ? 2.841   -4.215  2.980   1.000 14.833 ? 121 LEU AAA C   1 ? 
ATOM   1070 O  O   . LEU A 1 121 ? 3.178   -3.326  2.171   1.000 17.191 ? 121 LEU AAA O   1 ? 
ATOM   1071 C  CB  . LEU A 1 121 ? 4.469   -4.657  4.771   1.000 18.602 ? 121 LEU AAA CB  1 ? 
ATOM   1072 C  CG  . LEU A 1 121 ? 5.236   -5.608  5.651   1.000 20.634 ? 121 LEU AAA CG  1 ? 
ATOM   1073 C  CD1 . LEU A 1 121 ? 5.768   -4.797  6.842   1.000 21.791 ? 121 LEU AAA CD1 1 ? 
ATOM   1074 C  CD2 . LEU A 1 121 ? 4.373   -6.784  6.124   1.000 20.010 ? 121 LEU AAA CD2 1 ? 
ATOM   1075 N  N   . PHE A 1 122 ? 1.642   -4.239  3.518   1.000 15.428 ? 122 PHE AAA N   1 ? 
ATOM   1076 C  CA  . PHE A 1 122 ? 0.630   -3.214  3.204   1.000 14.821 ? 122 PHE AAA CA  1 ? 
ATOM   1077 C  C   . PHE A 1 122 ? -0.262  -3.071  4.414   1.000 14.056 ? 122 PHE AAA C   1 ? 
ATOM   1078 O  O   . PHE A 1 122 ? -0.522  -4.069  5.083   1.000 14.643 ? 122 PHE AAA O   1 ? 
ATOM   1079 C  CB  . PHE A 1 122 ? -0.161  -3.643  1.969   1.000 15.539 ? 122 PHE AAA CB  1 ? 
ATOM   1080 C  CG  . PHE A 1 122 ? -0.952  -2.521  1.363   1.000 14.978 ? 122 PHE AAA CG  1 ? 
ATOM   1081 C  CD1 . PHE A 1 122 ? -0.341  -1.591  0.544   1.000 16.186 ? 122 PHE AAA CD1 1 ? 
ATOM   1082 C  CD2 . PHE A 1 122 ? -2.304  -2.348  1.642   1.000 15.354 ? 122 PHE AAA CD2 1 ? 
ATOM   1083 C  CE1 . PHE A 1 122 ? -1.055  -0.535  0.001   1.000 16.470 ? 122 PHE AAA CE1 1 ? 
ATOM   1084 C  CE2 . PHE A 1 122 ? -3.014  -1.284  1.099   1.000 14.892 ? 122 PHE AAA CE2 1 ? 
ATOM   1085 C  CZ  . PHE A 1 122 ? -2.390  -0.391  0.266   1.000 15.399 ? 122 PHE AAA CZ  1 ? 
ATOM   1086 N  N   . PRO A 1 123 ? -0.800  -1.878  4.654   1.000 14.567 ? 123 PRO AAA N   1 ? 
ATOM   1087 C  CA  . PRO A 1 123 ? -1.738  -1.726  5.760   1.000 14.955 ? 123 PRO AAA CA  1 ? 
ATOM   1088 C  C   . PRO A 1 123 ? -2.940  -2.641  5.750   1.000 17.349 ? 123 PRO AAA C   1 ? 
ATOM   1089 O  O   . PRO A 1 123 ? -3.243  -3.208  6.836   1.000 17.553 ? 123 PRO AAA O   1 ? 
ATOM   1090 C  CB  . PRO A 1 123 ? -2.134  -0.259  5.672   1.000 16.450 ? 123 PRO AAA CB  1 ? 
ATOM   1091 C  CG  . PRO A 1 123 ? -0.956  0.398   5.073   1.000 16.100 ? 123 PRO AAA CG  1 ? 
ATOM   1092 C  CD  . PRO A 1 123 ? -0.476  -0.589  4.041   1.000 14.773 ? 123 PRO AAA CD  1 ? 
ATOM   1093 O  OXT . PRO A 1 123 ? -3.602  -2.722  4.704   1.000 17.129 ? 123 PRO AAA OXT 1 ? 
HETATM 1094 C  C1  . MPD B 2 .   ? 7.405   -2.167  1.916   1.000 27.387 ? 301 MPD AAA C1  1 ? 
HETATM 1095 C  C2  . MPD B 2 .   ? 6.349   -1.693  0.939   1.000 27.256 ? 301 MPD AAA C2  1 ? 
HETATM 1096 O  O2  . MPD B 2 .   ? 5.821   -2.912  0.362   1.000 22.576 ? 301 MPD AAA O2  1 ? 
HETATM 1097 C  CM  . MPD B 2 .   ? 6.896   -0.819  -0.183  1.000 30.528 ? 301 MPD AAA CM  1 ? 
HETATM 1098 C  C3  . MPD B 2 .   ? 5.244   -0.932  1.666   1.000 28.747 ? 301 MPD AAA C3  1 ? 
HETATM 1099 C  C4  . MPD B 2 .   ? 4.138   -0.448  0.761   1.000 24.600 ? 301 MPD AAA C4  1 ? 
HETATM 1100 O  O4  . MPD B 2 .   ? 3.555   -1.552  0.062   1.000 23.448 ? 301 MPD AAA O4  1 ? 
HETATM 1101 C  C5  . MPD B 2 .   ? 3.041   0.321   1.448   1.000 27.983 ? 301 MPD AAA C5  1 ? 
HETATM 1102 C  C1  . 1BO C 3 .   ? -9.094  9.620   2.217   1.000 51.893 ? 302 1BO AAA C1  1 ? 
HETATM 1103 C  C2  . 1BO C 3 .   ? -8.708  8.714   3.356   1.000 52.410 ? 302 1BO AAA C2  1 ? 
HETATM 1104 C  C3  . 1BO C 3 .   ? -9.886  8.444   4.246   1.000 51.866 ? 302 1BO AAA C3  1 ? 
HETATM 1105 C  C4  . 1BO C 3 .   ? -9.633  7.745   5.559   1.000 52.011 ? 302 1BO AAA C4  1 ? 
HETATM 1106 O  OH  . 1BO C 3 .   ? -10.295 8.411   6.622   1.000 52.324 ? 302 1BO AAA OH  1 ? 
HETATM 1107 C  C1  . PGR D 4 .   ? 2.465   9.468   7.187   1.000 61.260 ? 303 PGR AAA C1  1 ? 
HETATM 1108 C  C2  . PGR D 4 .   ? 1.375   8.675   6.494   1.000 60.317 ? 303 PGR AAA C2  1 ? 
HETATM 1109 C  C3  . PGR D 4 .   ? 1.946   7.679   5.523   1.000 58.699 ? 303 PGR AAA C3  1 ? 
HETATM 1110 O  O1  . PGR D 4 .   ? 2.101   9.793   8.525   1.000 65.697 ? 303 PGR AAA O1  1 ? 
HETATM 1111 O  O2  . PGR D 4 .   ? 0.571   8.000   7.468   1.000 60.580 ? 303 PGR AAA O2  1 ? 
HETATM 1112 C  C1  . PGR E 4 .   ? -8.541  -16.846 11.938  1.000 52.585 ? 304 PGR AAA C1  1 ? 
HETATM 1113 C  C2  . PGR E 4 .   ? -7.130  -17.385 11.971  1.000 53.572 ? 304 PGR AAA C2  1 ? 
HETATM 1114 C  C3  . PGR E 4 .   ? -7.110  -18.884 12.031  1.000 54.835 ? 304 PGR AAA C3  1 ? 
HETATM 1115 O  O1  . PGR E 4 .   ? -9.275  -17.398 10.850  1.000 49.084 ? 304 PGR AAA O1  1 ? 
HETATM 1116 O  O2  . PGR E 4 .   ? -6.454  -16.942 10.805  1.000 57.515 ? 304 PGR AAA O2  1 ? 
HETATM 1117 C  CAI . S5V F 5 .   ? 5.262   3.642   5.096   1.000 27.146 ? 305 S5V AAA CAI 1 ? 
HETATM 1118 C  CAH . S5V F 5 .   ? 3.847   4.217   5.343   1.000 24.649 ? 305 S5V AAA CAH 1 ? 
HETATM 1119 C  CAJ . S5V F 5 .   ? 3.320   3.617   6.647   1.000 25.124 ? 305 S5V AAA CAJ 1 ? 
HETATM 1120 C  CAE . S5V F 5 .   ? 2.976   3.988   4.204   1.000 23.385 ? 305 S5V AAA CAE 1 ? 
HETATM 1121 C  CAD . S5V F 5 .   ? 3.118   4.853   3.101   1.000 23.007 ? 305 S5V AAA CAD 1 ? 
HETATM 1122 C  CAC . S5V F 5 .   ? 2.327   4.730   1.985   1.000 22.173 ? 305 S5V AAA CAC 1 ? 
HETATM 1123 O  OAK . S5V F 5 .   ? 2.494   5.562   0.901   1.000 23.270 ? 305 S5V AAA OAK 1 ? 
HETATM 1124 C  CAB . S5V F 5 .   ? 1.339   3.729   1.843   1.000 22.379 ? 305 S5V AAA CAB 1 ? 
HETATM 1125 C  CAA . S5V F 5 .   ? 0.537   3.591   0.676   1.000 22.479 ? 305 S5V AAA CAA 1 ? 
HETATM 1126 C  CAG . S5V F 5 .   ? 1.205   2.866   2.939   1.000 22.739 ? 305 S5V AAA CAG 1 ? 
HETATM 1127 C  CAF . S5V F 5 .   ? 2.023   2.970   4.078   1.000 23.523 ? 305 S5V AAA CAF 1 ? 
HETATM 1128 C  CAI A S5V G 5 .   ? 0.155   2.392   -3.506  0.500 21.173 ? 306 S5V AAA CAI 1 ? 
HETATM 1129 C  CAI B S5V G 5 .   ? 1.249   0.981   -2.578  0.500 25.423 ? 306 S5V AAA CAI 1 ? 
HETATM 1130 C  CAH A S5V G 5 .   ? 1.453   1.605   -3.569  0.500 20.593 ? 306 S5V AAA CAH 1 ? 
HETATM 1131 C  CAH B S5V G 5 .   ? 0.993   2.183   -3.450  0.500 23.890 ? 306 S5V AAA CAH 1 ? 
HETATM 1132 C  CAJ A S5V G 5 .   ? 2.185   1.782   -2.262  0.500 20.490 ? 306 S5V AAA CAJ 1 ? 
HETATM 1133 C  CAJ B S5V G 5 .   ? -0.392  2.200   -4.089  0.500 23.703 ? 306 S5V AAA CAJ 1 ? 
HETATM 1134 C  CAE A S5V G 5 .   ? 2.241   1.963   -4.662  0.500 20.998 ? 306 S5V AAA CAE 1 ? 
HETATM 1135 C  CAE B S5V G 5 .   ? 1.889   2.172   -4.476  0.500 23.499 ? 306 S5V AAA CAE 1 ? 
HETATM 1136 C  CAD A S5V G 5 .   ? 2.585   0.964   -5.537  0.500 19.793 ? 306 S5V AAA CAD 1 ? 
HETATM 1137 C  CAD B S5V G 5 .   ? 2.592   3.315   -4.729  0.500 22.938 ? 306 S5V AAA CAD 1 ? 
HETATM 1138 C  CAC A S5V G 5 .   ? 3.391   1.169   -6.635  0.500 18.578 ? 306 S5V AAA CAC 1 ? 
HETATM 1139 C  CAC B S5V G 5 .   ? 3.489   3.353   -5.782  0.500 23.405 ? 306 S5V AAA CAC 1 ? 
HETATM 1140 O  OAK A S5V G 5 .   ? 3.692   0.167   -7.504  0.500 22.445 ? 306 S5V AAA OAK 1 ? 
HETATM 1141 O  OAK B S5V G 5 .   ? 4.183   4.490   -6.060  0.500 23.660 ? 306 S5V AAA OAK 1 ? 
HETATM 1142 C  CAB A S5V G 5 .   ? 3.840   2.444   -6.951  0.500 20.439 ? 306 S5V AAA CAB 1 ? 
HETATM 1143 C  CAB B S5V G 5 .   ? 3.702   2.232   -6.563  0.500 24.306 ? 306 S5V AAA CAB 1 ? 
HETATM 1144 C  CAA A S5V G 5 .   ? 4.618   2.679   -8.120  0.500 18.689 ? 306 S5V AAA CAA 1 ? 
HETATM 1145 C  CAA B S5V G 5 .   ? 4.576   2.183   -7.641  0.500 24.296 ? 306 S5V AAA CAA 1 ? 
HETATM 1146 C  CAG A S5V G 5 .   ? 3.487   3.458   -6.058  0.500 20.068 ? 306 S5V AAA CAG 1 ? 
HETATM 1147 C  CAG B S5V G 5 .   ? 3.019   1.080   -6.284  0.500 21.694 ? 306 S5V AAA CAG 1 ? 
HETATM 1148 C  CAF A S5V G 5 .   ? 2.704   3.220   -4.913  0.500 20.101 ? 306 S5V AAA CAF 1 ? 
HETATM 1149 C  CAF B S5V G 5 .   ? 2.089   1.045   -5.257  0.500 22.249 ? 306 S5V AAA CAF 1 ? 
HETATM 1150 NA NA  . NA  H 6 .   ? 15.652  -4.739  -5.538  1.000 45.663 ? 307 NA  AAA NA  1 ? 
HETATM 1151 O  O   . HOH I 7 .   ? -2.521  -8.149  9.115   1.000 32.644 ? 401 HOH AAA O   1 ? 
HETATM 1152 O  O   . HOH I 7 .   ? -10.457 -16.695 7.203   1.000 37.881 ? 402 HOH AAA O   1 ? 
HETATM 1153 O  O   . HOH I 7 .   ? -1.750  0.849   15.937  1.000 33.268 ? 403 HOH AAA O   1 ? 
HETATM 1154 O  O   . HOH I 7 .   ? -11.337 6.491   -0.338  1.000 50.347 ? 404 HOH AAA O   1 ? 
HETATM 1155 O  O   . HOH I 7 .   ? 14.721  4.536   5.885   1.000 37.143 ? 405 HOH AAA O   1 ? 
HETATM 1156 O  O   . HOH I 7 .   ? -0.111  -2.261  16.051  1.000 38.828 ? 406 HOH AAA O   1 ? 
HETATM 1157 O  O   . HOH I 7 .   ? 9.804   -13.689 4.604   1.000 37.486 ? 407 HOH AAA O   1 ? 
HETATM 1158 O  O   . HOH I 7 .   ? 14.650  -9.765  -0.294  1.000 34.185 ? 408 HOH AAA O   1 ? 
HETATM 1159 O  O   . HOH I 7 .   ? -18.074 -0.887  7.497   1.000 30.822 ? 409 HOH AAA O   1 ? 
HETATM 1160 O  O   . HOH I 7 .   ? -13.912 4.100   -12.669 1.000 41.638 ? 410 HOH AAA O   1 ? 
HETATM 1161 O  O   . HOH I 7 .   ? -9.295  -13.392 10.043  1.000 20.835 ? 411 HOH AAA O   1 ? 
HETATM 1162 O  O   . HOH I 7 .   ? -4.402  -5.139  4.176   1.000 37.037 ? 412 HOH AAA O   1 ? 
HETATM 1163 O  O   . HOH I 7 .   ? -10.170 -13.123 1.526   1.000 26.706 ? 413 HOH AAA O   1 ? 
HETATM 1164 O  O   . HOH I 7 .   ? 14.703  -8.990  -4.006  1.000 34.271 ? 414 HOH AAA O   1 ? 
HETATM 1165 O  O   . HOH I 7 .   ? 14.904  -4.409  -10.234 1.000 30.947 ? 415 HOH AAA O   1 ? 
HETATM 1166 O  O   . HOH I 7 .   ? -6.842  5.220   12.890  1.000 31.966 ? 416 HOH AAA O   1 ? 
HETATM 1167 O  O   . HOH I 7 .   ? 1.799   5.469   -1.890  1.000 24.473 ? 417 HOH AAA O   1 ? 
HETATM 1168 O  O   . HOH I 7 .   ? 1.839   2.352   -18.419 1.000 41.648 ? 418 HOH AAA O   1 ? 
HETATM 1169 O  O   . HOH I 7 .   ? 10.060  -14.659 -2.101  1.000 33.692 ? 419 HOH AAA O   1 ? 
HETATM 1170 O  O   . HOH I 7 .   ? -3.768  -5.046  11.401  1.000 33.736 ? 420 HOH AAA O   1 ? 
HETATM 1171 O  O   . HOH I 7 .   ? -8.798  7.416   -12.478 1.000 33.929 ? 421 HOH AAA O   1 ? 
HETATM 1172 O  O   . HOH I 7 .   ? -16.424 -7.609  -0.131  1.000 23.351 ? 422 HOH AAA O   1 ? 
HETATM 1173 O  O   . HOH I 7 .   ? -12.828 5.739   9.520   1.000 35.509 ? 423 HOH AAA O   1 ? 
HETATM 1174 O  O   . HOH I 7 .   ? -0.198  -13.093 -4.516  1.000 35.426 ? 424 HOH AAA O   1 ? 
HETATM 1175 O  O   . HOH I 7 .   ? -11.636 -3.264  -13.464 1.000 21.252 ? 425 HOH AAA O   1 ? 
HETATM 1176 O  O   . HOH I 7 .   ? 12.553  11.172  2.177   1.000 37.963 ? 426 HOH AAA O   1 ? 
HETATM 1177 O  O   . HOH I 7 .   ? -6.741  -13.386 9.246   1.000 24.730 ? 427 HOH AAA O   1 ? 
HETATM 1178 O  O   . HOH I 7 .   ? 21.062  -1.465  -0.792  1.000 31.745 ? 428 HOH AAA O   1 ? 
HETATM 1179 O  O   . HOH I 7 .   ? 3.740   -9.570  3.160   1.000 16.315 ? 429 HOH AAA O   1 ? 
HETATM 1180 O  O   . HOH I 7 .   ? -6.665  -10.332 0.051   1.000 14.297 ? 430 HOH AAA O   1 ? 
HETATM 1181 O  O   . HOH I 7 .   ? -17.595 0.638   0.268   1.000 30.877 ? 431 HOH AAA O   1 ? 
HETATM 1182 O  O   . HOH I 7 .   ? 14.049  -0.899  -9.856  1.000 30.179 ? 432 HOH AAA O   1 ? 
HETATM 1183 O  O   . HOH I 7 .   ? 4.280   -7.912  -11.457 1.000 33.445 ? 433 HOH AAA O   1 ? 
HETATM 1184 O  O   . HOH I 7 .   ? 18.416  0.670   2.136   1.000 51.339 ? 434 HOH AAA O   1 ? 
HETATM 1185 O  O   . HOH I 7 .   ? -0.682  -5.965  14.114  1.000 34.350 ? 435 HOH AAA O   1 ? 
HETATM 1186 O  O   . HOH I 7 .   ? 9.324   -6.487  5.312   1.000 36.994 ? 436 HOH AAA O   1 ? 
HETATM 1187 O  O   . HOH I 7 .   ? 11.219  5.849   14.913  1.000 33.586 ? 437 HOH AAA O   1 ? 
HETATM 1188 O  O   . HOH I 7 .   ? 4.305   -10.791 0.595   1.000 17.356 ? 438 HOH AAA O   1 ? 
HETATM 1189 O  O   . HOH I 7 .   ? -2.004  6.787   -13.743 1.000 24.379 ? 439 HOH AAA O   1 ? 
HETATM 1190 O  O   . HOH I 7 .   ? -4.975  -11.846 -7.147  1.000 27.178 ? 440 HOH AAA O   1 ? 
HETATM 1191 O  O   . HOH I 7 .   ? -14.061 -11.281 -1.810  1.000 31.757 ? 441 HOH AAA O   1 ? 
HETATM 1192 O  O   . HOH I 7 .   ? -5.916  -1.985  12.557  1.000 40.289 ? 442 HOH AAA O   1 ? 
HETATM 1193 O  O   . HOH I 7 .   ? -13.465 -12.902 4.117   1.000 26.433 ? 443 HOH AAA O   1 ? 
HETATM 1194 O  O   . HOH I 7 .   ? -5.200  -9.773  12.230  1.000 28.560 ? 444 HOH AAA O   1 ? 
HETATM 1195 O  O   . HOH I 7 .   ? -17.026 3.998   1.309   1.000 41.432 ? 445 HOH AAA O   1 ? 
HETATM 1196 O  O   . HOH I 7 .   ? 14.720  1.599   11.274  1.000 38.456 ? 446 HOH AAA O   1 ? 
HETATM 1197 O  O   . HOH I 7 .   ? 7.116   -8.761  4.661   1.000 24.717 ? 447 HOH AAA O   1 ? 
HETATM 1198 O  O   . HOH I 7 .   ? 10.685  1.826   -14.221 1.000 45.946 ? 448 HOH AAA O   1 ? 
HETATM 1199 O  O   . HOH I 7 .   ? -2.813  -9.694  -11.268 1.000 41.386 ? 449 HOH AAA O   1 ? 
HETATM 1200 O  O   . HOH I 7 .   ? -9.391  0.366   -14.712 1.000 23.312 ? 450 HOH AAA O   1 ? 
HETATM 1201 O  O   . HOH I 7 .   ? 6.164   -0.387  -14.361 1.000 34.397 ? 451 HOH AAA O   1 ? 
HETATM 1202 O  O   . HOH I 7 .   ? 7.935   -5.216  -11.768 1.000 30.576 ? 452 HOH AAA O   1 ? 
HETATM 1203 O  O   . HOH I 7 .   ? 2.467   -13.922 3.445   1.000 33.545 ? 453 HOH AAA O   1 ? 
HETATM 1204 O  O   . HOH I 7 .   ? -0.778  -10.562 7.295   1.000 24.970 ? 454 HOH AAA O   1 ? 
HETATM 1205 O  O   . HOH I 7 .   ? 2.057   2.209   -11.020 1.000 19.155 ? 455 HOH AAA O   1 ? 
HETATM 1206 O  O   . HOH I 7 .   ? 8.428   -5.852  -2.509  1.000 20.963 ? 456 HOH AAA O   1 ? 
HETATM 1207 O  O   . HOH I 7 .   ? 20.555  3.035   6.330   1.000 39.597 ? 457 HOH AAA O   1 ? 
HETATM 1208 O  O   . HOH I 7 .   ? -6.640  9.227   -13.263 1.000 33.083 ? 458 HOH AAA O   1 ? 
HETATM 1209 O  O   . HOH I 7 .   ? -14.182 -3.414  7.196   1.000 16.772 ? 459 HOH AAA O   1 ? 
HETATM 1210 O  O   . HOH I 7 .   ? -13.496 -12.476 -5.400  1.000 23.950 ? 460 HOH AAA O   1 ? 
HETATM 1211 O  O   . HOH I 7 .   ? -18.128 -3.257  -4.441  1.000 40.385 ? 461 HOH AAA O   1 ? 
HETATM 1212 O  O   . HOH I 7 .   ? -11.177 6.245   -10.885 1.000 30.017 ? 462 HOH AAA O   1 ? 
HETATM 1213 O  O   . HOH I 7 .   ? -11.812 0.718   12.608  1.000 19.600 ? 463 HOH AAA O   1 ? 
HETATM 1214 O  O   . HOH I 7 .   ? -3.627  11.689  -1.428  1.000 30.239 ? 464 HOH AAA O   1 ? 
HETATM 1215 O  O   . HOH I 7 .   ? 9.197   -12.774 -3.946  1.000 24.414 ? 465 HOH AAA O   1 ? 
HETATM 1216 O  O   . HOH I 7 .   ? -17.263 -6.983  -3.598  1.000 39.182 ? 466 HOH AAA O   1 ? 
HETATM 1217 O  O   . HOH I 7 .   ? 11.301  11.176  -4.222  1.000 36.883 ? 467 HOH AAA O   1 ? 
HETATM 1218 O  O   . HOH I 7 .   ? -0.004  -5.828  -11.151 1.000 28.546 ? 468 HOH AAA O   1 ? 
HETATM 1219 O  O   . HOH I 7 .   ? 16.347  -2.876  1.154   1.000 29.691 ? 469 HOH AAA O   1 ? 
HETATM 1220 O  O   . HOH I 7 .   ? -16.098 -6.970  -6.243  1.000 22.469 ? 470 HOH AAA O   1 ? 
HETATM 1221 O  O   . HOH I 7 .   ? -1.029  12.170  4.409   1.000 47.350 ? 471 HOH AAA O   1 ? 
HETATM 1222 O  O   . HOH I 7 .   ? -5.694  -6.730  -14.483 1.000 29.882 ? 472 HOH AAA O   1 ? 
HETATM 1223 O  O   . HOH I 7 .   ? 6.510   -7.048  -10.058 1.000 25.272 ? 473 HOH AAA O   1 ? 
HETATM 1224 O  O   . HOH I 7 .   ? 11.496  -11.816 -5.974  1.000 40.367 ? 474 HOH AAA O   1 ? 
HETATM 1225 O  O   . HOH I 7 .   ? -5.503  7.341   -16.249 1.000 32.510 ? 475 HOH AAA O   1 ? 
HETATM 1226 O  O   . HOH I 7 .   ? -11.112 4.653   -1.984  1.000 30.971 ? 476 HOH AAA O   1 ? 
HETATM 1227 O  O   . HOH I 7 .   ? 4.473   12.017  3.798   1.000 40.471 ? 477 HOH AAA O   1 ? 
HETATM 1228 O  O   . HOH I 7 .   ? -7.789  -12.864 0.382   1.000 16.578 ? 478 HOH AAA O   1 ? 
HETATM 1229 O  O   . HOH I 7 .   ? 5.920   11.354  -9.193  1.000 38.391 ? 479 HOH AAA O   1 ? 
HETATM 1230 O  O   . HOH I 7 .   ? -2.741  -12.670 -5.000  1.000 23.185 ? 480 HOH AAA O   1 ? 
HETATM 1231 O  O   . HOH I 7 .   ? -4.052  -17.024 3.530   1.000 47.470 ? 481 HOH AAA O   1 ? 
HETATM 1232 O  O   . HOH I 7 .   ? 11.285  -5.186  -2.850  1.000 28.236 ? 482 HOH AAA O   1 ? 
HETATM 1233 O  O   . HOH I 7 .   ? 7.182   -13.146 -6.008  1.000 28.993 ? 483 HOH AAA O   1 ? 
HETATM 1234 O  O   . HOH I 7 .   ? -15.445 -9.612  -6.363  1.000 21.599 ? 484 HOH AAA O   1 ? 
HETATM 1235 O  O   . HOH I 7 .   ? 20.296  -0.144  -4.597  1.000 36.188 ? 485 HOH AAA O   1 ? 
HETATM 1236 O  O   . HOH I 7 .   ? 1.092   -7.697  10.624  1.000 26.959 ? 486 HOH AAA O   1 ? 
HETATM 1237 O  O   . HOH I 7 .   ? 7.992   -3.250  -1.577  1.000 28.306 ? 487 HOH AAA O   1 ? 
HETATM 1238 O  O   . HOH I 7 .   ? -1.015  -5.350  -13.617 1.000 39.272 ? 488 HOH AAA O   1 ? 
HETATM 1239 O  O   . HOH I 7 .   ? -7.592  -17.028 3.225   1.000 37.036 ? 489 HOH AAA O   1 ? 
HETATM 1240 O  O   . HOH I 7 .   ? -5.249  9.886   -15.337 1.000 35.064 ? 490 HOH AAA O   1 ? 
HETATM 1241 O  O   . HOH I 7 .   ? 4.353   -13.971 -5.316  1.000 28.744 ? 491 HOH AAA O   1 ? 
HETATM 1242 O  O   . HOH I 7 .   ? -10.555 -5.780  -12.964 1.000 17.409 ? 492 HOH AAA O   1 ? 
HETATM 1243 O  O   . HOH I 7 .   ? -6.061  -14.364 6.677   1.000 30.980 ? 493 HOH AAA O   1 ? 
HETATM 1244 O  O   . HOH I 7 .   ? 4.260   9.839   -10.397 1.000 39.830 ? 494 HOH AAA O   1 ? 
HETATM 1245 O  O   . HOH I 7 .   ? -9.079  -13.469 -6.077  1.000 17.645 ? 495 HOH AAA O   1 ? 
HETATM 1246 O  O   . HOH I 7 .   ? 1.912   10.332  -11.561 1.000 52.209 ? 496 HOH AAA O   1 ? 
HETATM 1247 O  O   . HOH I 7 .   ? -1.756  -13.699 -8.825  1.000 38.320 ? 497 HOH AAA O   1 ? 
HETATM 1248 O  O   . HOH I 7 .   ? -8.757  0.419   -17.769 1.000 36.758 ? 498 HOH AAA O   1 ? 
HETATM 1249 O  O   . HOH I 7 .   ? 4.279   4.217   14.878  1.000 40.995 ? 499 HOH AAA O   1 ? 
HETATM 1250 O  O   . HOH I 7 .   ? -0.106  13.343  -4.016  1.000 37.692 ? 500 HOH AAA O   1 ? 
HETATM 1251 O  O   . HOH I 7 .   ? -7.010  -14.083 -4.340  1.000 19.212 ? 501 HOH AAA O   1 ? 
HETATM 1252 O  O   . HOH I 7 .   ? -4.543  1.299   15.078  1.000 35.672 ? 502 HOH AAA O   1 ? 
HETATM 1253 O  O   . HOH I 7 .   ? -16.860 -3.589  7.547   1.000 27.341 ? 503 HOH AAA O   1 ? 
HETATM 1254 O  O   . HOH I 7 .   ? -10.707 20.297  -2.217  1.000 32.734 ? 504 HOH AAA O   1 ? 
HETATM 1255 O  O   . HOH I 7 .   ? -8.520  1.388   16.438  1.000 37.259 ? 505 HOH AAA O   1 ? 
HETATM 1256 O  O   . HOH I 7 .   ? -10.467 0.244   14.909  1.000 25.761 ? 506 HOH AAA O   1 ? 
HETATM 1257 O  O   . HOH I 7 .   ? 6.890   -6.209  14.208  1.000 48.677 ? 507 HOH AAA O   1 ? 
HETATM 1258 O  O   . HOH I 7 .   ? -17.087 -10.103 -4.338  1.000 34.945 ? 508 HOH AAA O   1 ? 
HETATM 1259 O  O   . HOH I 7 .   ? -8.461  -6.003  -14.749 1.000 25.153 ? 509 HOH AAA O   1 ? 
HETATM 1260 O  O   . HOH I 7 .   ? -5.256  -12.797 -11.156 1.000 27.443 ? 510 HOH AAA O   1 ? 
HETATM 1261 O  O   . HOH I 7 .   ? -11.309 -13.733 -4.512  1.000 20.992 ? 511 HOH AAA O   1 ? 
HETATM 1262 O  O   . HOH I 7 .   ? 1.899   -13.265 -6.220  1.000 43.156 ? 512 HOH AAA O   1 ? 
HETATM 1263 O  O   . HOH I 7 .   ? 0.401   6.938   -15.672 1.000 47.276 ? 513 HOH AAA O   1 ? 
HETATM 1264 O  O   . HOH I 7 .   ? 9.077   -6.780  -13.321 1.000 47.345 ? 514 HOH AAA O   1 ? 
HETATM 1265 O  O   . HOH I 7 .   ? 2.587   -6.041  -12.166 1.000 40.522 ? 515 HOH AAA O   1 ? 
HETATM 1266 O  O   . HOH I 7 .   ? -18.327 -0.322  10.047  1.000 29.126 ? 516 HOH AAA O   1 ? 
HETATM 1267 O  O   . HOH I 7 .   ? 7.867   12.144  3.854   1.000 52.221 ? 517 HOH AAA O   1 ? 
HETATM 1268 O  O   . HOH I 7 .   ? -8.134  -14.499 -1.777  1.000 19.825 ? 518 HOH AAA O   1 ? 
HETATM 1269 O  O   . HOH I 7 .   ? 2.853   -8.868  8.938   1.000 38.872 ? 519 HOH AAA O   1 ? 
HETATM 1270 O  O   . HOH I 7 .   ? -18.351 2.666   10.465  1.000 35.916 ? 520 HOH AAA O   1 ? 
HETATM 1271 O  O   . HOH I 7 .   ? 1.146   -7.759  13.300  1.000 38.359 ? 521 HOH AAA O   1 ? 
HETATM 1272 O  O   . HOH I 7 .   ? 4.683   -5.726  15.487  1.000 46.810 ? 522 HOH AAA O   1 ? 
HETATM 1273 O  O   . HOH I 7 .   ? -13.715 4.567   -3.460  1.000 42.275 ? 523 HOH AAA O   1 ? 
HETATM 1274 O  O   . HOH I 7 .   ? -0.544  -9.919  14.386  1.000 46.769 ? 524 HOH AAA O   1 ? 
# 
